data_2FGE
#
_entry.id   2FGE
#
_cell.length_a   110.834
_cell.length_b   114.332
_cell.length_c   162.984
_cell.angle_alpha   90.00
_cell.angle_beta   90.00
_cell.angle_gamma   90.00
#
_symmetry.space_group_name_H-M   'P 21 21 21'
#
loop_
_entity.id
_entity.type
_entity.pdbx_description
1 polymer 'zinc metalloprotease (insulinase family)'
2 polymer 'nonspecific peptide AALTRA'
3 non-polymer 'ZINC ION'
4 non-polymer 'CHLORIDE ION'
5 non-polymer 'MAGNESIUM ION'
6 water water
#
loop_
_entity_poly.entity_id
_entity_poly.type
_entity_poly.pdbx_seq_one_letter_code
_entity_poly.pdbx_strand_id
1 'polypeptide(L)'
;VATQPAPLYPDVGQDEAEKLGFEKVSEEFISECKSKAILFKHKKTGCEV(MSE)SVSNEDENKVFGVVFRTPPKDSTGIP
HILQHSVLCGSRKYPVKEPFVELLKGSLHTFLNAFTYPDRTCYPVASTNTKDFYNLVDVYLDAVFFPKCVDDAHTFQQEG
WHYELNDPSEDISYKGVVFNE(MSE)KGVYSQPDNILGRIAQQALSPENTYGVDSGGDPKDIPNLTFEEFKEFHRQYYHP
SNARIWFYGDDDPVHRLRVLSEYLD(MSE)FEASPSPNSSKIKFQKLFSEPVRLVEKYPAGRDGDLKKKH(MSE)LCVNW
LLSEKPLDLQTQLALGFLDHL(MSE)LGTPASPLRKILLESGLGEALVSSGLSDELLQPQFGIGLKGVSEENVQKVEELI
(MSE)DTLKKLAEEGFDNDAVEAS(MSE)NTIEFSLRENNTGSFPRGLSL(MSE)LQSISKWIYD(MSE)DPFEPLKYTE
PLKALKTRIAEEGSKAVFSPLIEKLILNNSHRVTIE(MSE)QPDPEKATQEEVEEKNILEKVKAA(MSE)TEEDLAELAR
ATEELKLKQETPDPPEALRCVPSLNLGDIPKEPTYVPTEVGDINGVKVLRHDLFTNDIIYTEVVFDIGSLKHELLPLVPL
FCQSLLE(MSE)GTKDLTFVQLNQLIGRKTGGISVYPLTSSVRGKDEPCSKIIVRGKS(MSE)AGRADDLFNL(MSE)NC
LLQEVQFTDQQRFKQFVSQSRAR(MSE)ENRLRGSGHGIAAAR(MSE)DA(MSE)LNIAGW(MSE)SEQ(MSE)GGLSYL
EFLHTLEKKVDEDWEGISSSLEEIRRSLLARNGCIVN(MSE)TADGKSLTNVEKSVAKFLDLLPENPSGGLVTWDGRLPL
RNEAIVIPTQVNYVGKAGNIYSTGYELDGSAYVISKHISNTWLWDRVRVSGGAYGGFCDFDSHSGVFSYLSYRDPNLLKT
LDIYDGTGDFLRGLDVDQETLTKAIIGTIGDVDSYQLPDAKGYSSLLRHLLGVTDEERQRKREEILTTSLKDFKDFAQAI
DVVRDKGVAVAVASAEDIDAANNERSNFFEVKKAL
;
A,B
2 'polypeptide(L)' AALTRA D,E
#
loop_
_chem_comp.id
_chem_comp.type
_chem_comp.name
_chem_comp.formula
CL non-polymer 'CHLORIDE ION' 'Cl -1'
MG non-polymer 'MAGNESIUM ION' 'Mg 2'
ZN non-polymer 'ZINC ION' 'Zn 2'
#
# COMPACT_ATOMS: atom_id res chain seq x y z
N ASP A 15 -29.44 32.88 18.96
CA ASP A 15 -29.00 32.44 17.60
C ASP A 15 -28.89 33.62 16.64
N GLU A 16 -27.65 34.01 16.32
CA GLU A 16 -27.36 35.11 15.39
C GLU A 16 -27.94 34.83 14.01
N ALA A 17 -27.77 33.59 13.54
CA ALA A 17 -28.25 33.15 12.22
C ALA A 17 -29.74 33.40 12.02
N GLU A 18 -30.56 32.90 12.94
CA GLU A 18 -32.00 33.03 12.80
C GLU A 18 -32.50 34.47 12.91
N LYS A 19 -31.82 35.27 13.73
CA LYS A 19 -32.10 36.71 13.84
C LYS A 19 -31.79 37.43 12.53
N LEU A 20 -30.86 36.90 11.74
CA LEU A 20 -30.55 37.44 10.40
C LEU A 20 -31.37 36.80 9.29
N GLY A 21 -32.27 35.88 9.67
CA GLY A 21 -33.23 35.29 8.74
C GLY A 21 -32.84 33.95 8.12
N PHE A 22 -31.88 33.27 8.73
CA PHE A 22 -31.33 32.03 8.20
C PHE A 22 -31.60 30.86 9.16
N GLU A 23 -32.06 29.74 8.60
CA GLU A 23 -32.21 28.49 9.32
C GLU A 23 -30.96 27.65 9.04
N LYS A 24 -30.33 27.14 10.09
CA LYS A 24 -29.24 26.18 9.96
C LYS A 24 -29.80 24.80 9.68
N VAL A 25 -29.53 24.28 8.49
CA VAL A 25 -30.10 23.00 8.06
C VAL A 25 -29.23 21.85 8.56
N SER A 26 -27.94 21.93 8.27
CA SER A 26 -27.01 20.84 8.50
C SER A 26 -25.61 21.40 8.74
N GLU A 27 -24.77 20.57 9.36
CA GLU A 27 -23.49 21.00 9.90
C GLU A 27 -22.62 19.77 10.01
N GLU A 28 -21.47 19.77 9.32
CA GLU A 28 -20.44 18.76 9.57
C GLU A 28 -19.00 19.25 9.47
N PHE A 29 -18.14 18.58 10.22
CA PHE A 29 -16.72 18.73 10.08
C PHE A 29 -16.28 17.80 8.97
N ILE A 30 -15.64 18.37 7.96
CA ILE A 30 -15.07 17.60 6.88
C ILE A 30 -13.59 17.60 7.13
N SER A 31 -13.09 16.44 7.54
CA SER A 31 -11.68 16.21 7.82
C SER A 31 -10.81 16.38 6.58
N GLU A 32 -11.36 16.03 5.42
CA GLU A 32 -10.64 16.09 4.16
C GLU A 32 -10.12 17.48 3.86
N CYS A 33 -10.94 18.50 4.15
CA CYS A 33 -10.53 19.88 3.87
C CYS A 33 -10.38 20.70 5.14
N LYS A 34 -10.13 20.00 6.26
CA LYS A 34 -10.08 20.55 7.63
C LYS A 34 -11.00 21.75 7.86
N SER A 35 -12.27 21.55 7.54
CA SER A 35 -13.26 22.62 7.56
C SER A 35 -14.48 22.22 8.36
N LYS A 36 -15.13 23.21 8.96
CA LYS A 36 -16.48 23.06 9.47
C LYS A 36 -17.39 23.65 8.40
N ALA A 37 -18.27 22.83 7.85
CA ALA A 37 -19.18 23.25 6.80
C ALA A 37 -20.61 23.29 7.32
N ILE A 38 -21.29 24.43 7.09
CA ILE A 38 -22.66 24.62 7.53
C ILE A 38 -23.53 25.00 6.34
N LEU A 39 -24.64 24.29 6.22
CA LEU A 39 -25.68 24.59 5.25
C LEU A 39 -26.80 25.39 5.91
N PHE A 40 -26.94 26.65 5.49
CA PHE A 40 -28.04 27.54 5.91
C PHE A 40 -29.09 27.66 4.79
N LYS A 41 -30.29 28.05 5.17
CA LYS A 41 -31.35 28.34 4.21
C LYS A 41 -31.99 29.66 4.58
N HIS A 42 -32.05 30.58 3.64
CA HIS A 42 -32.74 31.84 3.87
C HIS A 42 -34.23 31.54 4.03
N LYS A 43 -34.79 31.78 5.21
CA LYS A 43 -36.18 31.38 5.52
C LYS A 43 -37.20 31.93 4.51
N LYS A 44 -37.08 33.21 4.21
CA LYS A 44 -37.98 33.96 3.33
C LYS A 44 -37.97 33.52 1.86
N THR A 45 -36.79 33.35 1.27
CA THR A 45 -36.71 33.02 -0.16
C THR A 45 -36.42 31.54 -0.42
N GLY A 46 -35.78 30.87 0.55
CA GLY A 46 -35.36 29.48 0.36
C GLY A 46 -33.98 29.38 -0.29
N CYS A 47 -33.23 30.47 -0.27
CA CYS A 47 -31.90 30.47 -0.87
C CYS A 47 -30.93 29.72 0.03
N GLU A 48 -30.16 28.80 -0.55
CA GLU A 48 -29.27 27.98 0.23
C GLU A 48 -27.85 28.47 0.19
N VAL A 49 -27.20 28.40 1.35
CA VAL A 49 -25.88 28.94 1.58
C VAL A 49 -25.02 27.86 2.22
N MSE A 50 -23.88 27.57 1.58
CA MSE A 50 -22.88 26.68 2.14
C MSE A 50 -21.78 27.57 2.67
O MSE A 50 -21.11 28.28 1.91
CB MSE A 50 -22.36 25.69 1.06
CG MSE A 50 -23.14 24.37 0.94
SE MSE A 50 -22.78 23.21 2.49
CE MSE A 50 -21.10 22.41 1.84
N SER A 51 -21.59 27.53 3.98
CA SER A 51 -20.59 28.37 4.63
C SER A 51 -19.51 27.48 5.25
N VAL A 52 -18.31 27.55 4.67
CA VAL A 52 -17.24 26.65 5.00
C VAL A 52 -16.11 27.42 5.66
N SER A 53 -15.82 27.10 6.92
CA SER A 53 -14.82 27.80 7.69
C SER A 53 -13.63 26.91 7.95
N ASN A 54 -12.45 27.51 7.83
CA ASN A 54 -11.17 26.82 7.94
C ASN A 54 -10.09 27.90 8.12
N GLU A 55 -8.81 27.52 8.01
CA GLU A 55 -7.71 28.46 8.21
C GLU A 55 -7.10 28.90 6.87
N ASP A 56 -7.79 28.60 5.78
CA ASP A 56 -7.33 28.98 4.45
C ASP A 56 -7.57 30.48 4.22
N GLU A 57 -6.47 31.19 3.97
CA GLU A 57 -6.53 32.63 3.83
C GLU A 57 -7.04 33.05 2.45
N ASN A 58 -6.99 32.14 1.48
CA ASN A 58 -7.51 32.37 0.15
C ASN A 58 -9.02 32.16 0.15
N LYS A 59 -9.75 33.16 0.66
CA LYS A 59 -11.20 33.13 0.75
C LYS A 59 -11.88 33.05 -0.62
N VAL A 60 -13.00 32.35 -0.68
CA VAL A 60 -13.69 32.11 -1.93
C VAL A 60 -15.18 32.36 -1.75
N PHE A 61 -15.78 33.02 -2.74
CA PHE A 61 -17.22 33.23 -2.75
C PHE A 61 -17.67 32.89 -4.13
N GLY A 62 -18.88 32.34 -4.22
CA GLY A 62 -19.57 32.18 -5.50
C GLY A 62 -21.07 32.19 -5.32
N VAL A 63 -21.77 32.64 -6.35
CA VAL A 63 -23.20 32.46 -6.46
C VAL A 63 -23.47 31.73 -7.76
N VAL A 64 -24.32 30.71 -7.68
CA VAL A 64 -24.68 29.88 -8.82
C VAL A 64 -26.18 29.86 -8.99
N PHE A 65 -26.62 30.00 -10.22
CA PHE A 65 -28.04 29.94 -10.55
C PHE A 65 -28.22 28.76 -11.45
N ARG A 66 -29.34 28.04 -11.26
CA ARG A 66 -29.70 26.92 -12.12
C ARG A 66 -30.45 27.51 -13.31
N THR A 67 -29.82 27.45 -14.48
CA THR A 67 -30.28 28.20 -15.65
C THR A 67 -30.39 27.34 -16.92
N PRO A 68 -31.31 26.34 -16.92
CA PRO A 68 -31.42 25.53 -18.13
C PRO A 68 -32.05 26.26 -19.30
N PRO A 69 -31.36 26.32 -20.45
CA PRO A 69 -31.96 26.88 -21.65
C PRO A 69 -32.96 25.89 -22.28
N LYS A 70 -33.86 26.43 -23.09
CA LYS A 70 -34.87 25.61 -23.74
C LYS A 70 -34.68 25.73 -25.25
N ASP A 71 -33.69 26.53 -25.65
CA ASP A 71 -33.31 26.67 -27.05
C ASP A 71 -31.82 26.97 -27.20
N SER A 72 -31.38 27.25 -28.42
CA SER A 72 -29.98 27.48 -28.67
C SER A 72 -29.67 28.94 -28.96
N THR A 73 -30.53 29.82 -28.45
CA THR A 73 -30.35 31.27 -28.63
C THR A 73 -29.23 31.85 -27.77
N GLY A 74 -28.81 31.11 -26.74
CA GLY A 74 -27.70 31.52 -25.88
C GLY A 74 -28.03 32.43 -24.71
N ILE A 75 -29.28 32.46 -24.28
CA ILE A 75 -29.68 33.38 -23.20
C ILE A 75 -28.81 33.30 -21.94
N PRO A 76 -28.53 32.09 -21.42
CA PRO A 76 -27.76 32.03 -20.17
C PRO A 76 -26.41 32.70 -20.31
N HIS A 77 -25.78 32.47 -21.45
CA HIS A 77 -24.44 32.95 -21.75
C HIS A 77 -24.43 34.48 -21.93
N ILE A 78 -25.42 34.98 -22.67
CA ILE A 78 -25.59 36.41 -22.90
C ILE A 78 -25.88 37.16 -21.62
N LEU A 79 -26.71 36.57 -20.77
CA LEU A 79 -26.99 37.16 -19.47
C LEU A 79 -25.75 37.17 -18.59
N GLN A 80 -24.92 36.15 -18.70
CA GLN A 80 -23.72 36.05 -17.90
C GLN A 80 -22.78 37.22 -18.22
N HIS A 81 -22.65 37.53 -19.52
CA HIS A 81 -21.90 38.69 -19.96
C HIS A 81 -22.59 40.00 -19.57
N SER A 82 -23.92 40.08 -19.78
CA SER A 82 -24.68 41.31 -19.52
C SER A 82 -24.79 41.77 -18.07
N VAL A 83 -24.89 40.85 -17.10
CA VAL A 83 -25.09 41.30 -15.69
C VAL A 83 -23.84 42.01 -15.13
N LEU A 84 -22.71 41.79 -15.80
CA LEU A 84 -21.46 42.34 -15.36
C LEU A 84 -21.18 43.71 -16.02
N CYS A 85 -22.18 44.24 -16.71
CA CYS A 85 -22.07 45.54 -17.39
C CYS A 85 -22.87 46.67 -16.72
N GLY A 86 -22.91 46.69 -15.39
CA GLY A 86 -23.58 47.76 -14.69
C GLY A 86 -24.68 47.22 -13.84
N SER A 87 -24.77 47.78 -12.63
CA SER A 87 -25.79 47.39 -11.68
C SER A 87 -26.22 48.61 -10.86
N ARG A 88 -27.25 48.42 -10.06
CA ARG A 88 -27.74 49.44 -9.12
C ARG A 88 -26.67 50.28 -8.40
N LYS A 89 -25.76 49.64 -7.65
CA LYS A 89 -24.79 50.41 -6.88
C LYS A 89 -23.52 50.76 -7.64
N TYR A 90 -23.42 50.21 -8.85
CA TYR A 90 -22.22 50.34 -9.68
C TYR A 90 -22.65 50.64 -11.09
N PRO A 91 -23.18 51.85 -11.34
CA PRO A 91 -23.73 52.18 -12.63
C PRO A 91 -22.68 52.70 -13.58
N VAL A 92 -21.74 51.83 -13.94
CA VAL A 92 -20.67 52.16 -14.89
C VAL A 92 -20.71 51.10 -15.98
N LYS A 93 -20.00 51.35 -17.09
CA LYS A 93 -20.04 50.49 -18.26
C LYS A 93 -19.73 49.02 -17.94
N GLU A 94 -18.75 48.79 -17.08
CA GLU A 94 -18.27 47.44 -16.87
C GLU A 94 -17.58 47.31 -15.52
N PRO A 95 -18.36 47.11 -14.44
CA PRO A 95 -17.82 46.90 -13.10
C PRO A 95 -16.84 45.71 -13.00
N PHE A 96 -17.03 44.67 -13.79
CA PHE A 96 -16.12 43.51 -13.79
C PHE A 96 -14.68 43.96 -14.13
N VAL A 97 -14.54 44.83 -15.12
CA VAL A 97 -13.21 45.29 -15.55
C VAL A 97 -12.59 46.23 -14.53
N GLU A 98 -13.42 46.97 -13.83
CA GLU A 98 -12.94 47.80 -12.74
C GLU A 98 -12.37 46.92 -11.63
N LEU A 99 -12.97 45.74 -11.39
CA LEU A 99 -12.39 44.80 -10.41
C LEU A 99 -11.09 44.20 -10.94
N LEU A 100 -11.06 43.93 -12.23
CA LEU A 100 -9.88 43.42 -12.91
C LEU A 100 -8.73 44.44 -12.80
N LYS A 101 -9.07 45.71 -12.93
CA LYS A 101 -8.07 46.78 -12.90
C LYS A 101 -7.48 47.02 -11.53
N GLY A 102 -8.32 47.03 -10.51
CA GLY A 102 -7.95 47.68 -9.26
C GLY A 102 -8.20 46.94 -7.97
N SER A 103 -8.21 45.61 -8.04
CA SER A 103 -8.39 44.80 -6.86
C SER A 103 -7.22 43.81 -6.66
N LEU A 104 -7.10 43.29 -5.44
CA LEU A 104 -6.12 42.27 -5.10
C LEU A 104 -6.65 40.82 -5.22
N HIS A 105 -7.59 40.59 -6.13
CA HIS A 105 -8.22 39.28 -6.28
C HIS A 105 -7.17 38.21 -6.60
N THR A 106 -7.47 36.97 -6.20
CA THR A 106 -6.73 35.79 -6.61
C THR A 106 -7.53 35.01 -7.67
N PHE A 107 -8.83 35.26 -7.77
CA PHE A 107 -9.67 34.69 -8.81
C PHE A 107 -10.78 35.66 -9.09
N LEU A 108 -11.04 35.87 -10.38
CA LEU A 108 -12.15 36.71 -10.84
C LEU A 108 -12.66 36.21 -12.16
N ASN A 109 -13.83 35.63 -12.18
CA ASN A 109 -14.39 35.16 -13.46
C ASN A 109 -15.89 34.90 -13.35
N ALA A 110 -16.45 34.31 -14.41
CA ALA A 110 -17.84 33.91 -14.43
C ALA A 110 -17.95 32.80 -15.46
N PHE A 111 -18.74 31.76 -15.18
CA PHE A 111 -18.84 30.60 -16.09
C PHE A 111 -20.27 30.25 -16.38
N THR A 112 -20.56 29.95 -17.64
CA THR A 112 -21.86 29.40 -18.01
C THR A 112 -21.66 27.91 -18.34
N TYR A 113 -22.25 27.04 -17.54
CA TYR A 113 -22.23 25.60 -17.80
C TYR A 113 -23.51 25.27 -18.58
N PRO A 114 -23.68 24.01 -19.03
CA PRO A 114 -24.92 23.70 -19.74
C PRO A 114 -26.21 23.98 -18.95
N ASP A 115 -26.19 23.86 -17.62
CA ASP A 115 -27.43 23.96 -16.84
C ASP A 115 -27.38 24.96 -15.67
N ARG A 116 -26.28 25.69 -15.58
CA ARG A 116 -26.03 26.54 -14.43
C ARG A 116 -25.03 27.63 -14.75
N THR A 117 -25.13 28.76 -14.06
CA THR A 117 -24.21 29.88 -14.28
C THR A 117 -23.59 30.24 -12.95
N CYS A 118 -22.26 30.27 -12.90
CA CYS A 118 -21.50 30.46 -11.67
C CYS A 118 -20.73 31.78 -11.64
N TYR A 119 -20.73 32.44 -10.50
CA TYR A 119 -20.05 33.72 -10.38
C TYR A 119 -19.09 33.64 -9.17
N PRO A 120 -17.84 33.22 -9.38
CA PRO A 120 -16.93 33.16 -8.25
C PRO A 120 -15.83 34.24 -8.17
N VAL A 121 -15.43 34.60 -6.94
CA VAL A 121 -14.35 35.53 -6.67
C VAL A 121 -13.51 34.93 -5.56
N ALA A 122 -12.24 35.28 -5.49
CA ALA A 122 -11.38 34.88 -4.36
C ALA A 122 -10.37 35.96 -4.04
N SER A 123 -9.90 35.98 -2.79
CA SER A 123 -8.87 36.94 -2.37
C SER A 123 -8.30 36.54 -1.01
N THR A 124 -7.04 36.87 -0.77
CA THR A 124 -6.42 36.61 0.53
C THR A 124 -6.66 37.76 1.48
N ASN A 125 -7.03 38.93 0.92
CA ASN A 125 -7.24 40.16 1.69
C ASN A 125 -8.73 40.33 1.98
N THR A 126 -9.08 40.39 3.26
CA THR A 126 -10.49 40.36 3.69
C THR A 126 -11.28 41.57 3.20
N LYS A 127 -10.70 42.76 3.31
CA LYS A 127 -11.31 43.98 2.78
C LYS A 127 -11.55 43.87 1.26
N ASP A 128 -10.53 43.43 0.54
CA ASP A 128 -10.60 43.23 -0.92
C ASP A 128 -11.72 42.23 -1.23
N PHE A 129 -11.72 41.11 -0.51
CA PHE A 129 -12.72 40.04 -0.70
C PHE A 129 -14.16 40.56 -0.71
N TYR A 130 -14.50 41.31 0.33
CA TYR A 130 -15.84 41.86 0.49
C TYR A 130 -16.20 42.95 -0.53
N ASN A 131 -15.21 43.71 -0.98
CA ASN A 131 -15.41 44.56 -2.13
C ASN A 131 -15.83 43.78 -3.36
N LEU A 132 -15.11 42.70 -3.66
CA LEU A 132 -15.42 41.85 -4.80
C LEU A 132 -16.80 41.19 -4.63
N VAL A 133 -17.06 40.63 -3.45
CA VAL A 133 -18.36 39.99 -3.22
C VAL A 133 -19.53 40.95 -3.48
N ASP A 134 -19.43 42.20 -3.02
CA ASP A 134 -20.52 43.16 -3.20
C ASP A 134 -20.82 43.51 -4.65
N VAL A 135 -19.79 43.68 -5.48
CA VAL A 135 -19.97 43.96 -6.90
C VAL A 135 -20.68 42.81 -7.61
N TYR A 136 -20.32 41.59 -7.25
CA TYR A 136 -20.92 40.39 -7.82
C TYR A 136 -22.38 40.22 -7.38
N LEU A 137 -22.64 40.34 -6.08
CA LEU A 137 -24.04 40.23 -5.59
C LEU A 137 -24.94 41.24 -6.25
N ASP A 138 -24.48 42.48 -6.34
CA ASP A 138 -25.29 43.55 -6.94
C ASP A 138 -25.48 43.34 -8.43
N ALA A 139 -24.44 42.84 -9.10
CA ALA A 139 -24.52 42.52 -10.52
C ALA A 139 -25.57 41.45 -10.82
N VAL A 140 -25.56 40.34 -10.10
CA VAL A 140 -26.46 39.25 -10.51
C VAL A 140 -27.91 39.54 -10.13
N PHE A 141 -28.10 40.29 -9.05
CA PHE A 141 -29.46 40.56 -8.54
C PHE A 141 -30.09 41.83 -9.09
N PHE A 142 -29.32 42.91 -9.16
CA PHE A 142 -29.83 44.19 -9.69
C PHE A 142 -29.03 44.74 -10.86
N PRO A 143 -28.95 43.97 -11.98
CA PRO A 143 -28.22 44.45 -13.14
C PRO A 143 -28.97 45.57 -13.88
N LYS A 144 -28.22 46.49 -14.48
CA LYS A 144 -28.81 47.50 -15.37
C LYS A 144 -29.28 46.93 -16.71
N CYS A 145 -28.79 45.74 -17.08
CA CYS A 145 -29.09 45.17 -18.41
C CYS A 145 -30.58 44.80 -18.63
N VAL A 146 -31.37 44.77 -17.57
CA VAL A 146 -32.81 44.54 -17.72
C VAL A 146 -33.65 45.83 -17.82
N ASP A 147 -32.98 46.99 -17.79
CA ASP A 147 -33.64 48.30 -17.77
C ASP A 147 -33.94 48.86 -19.16
N ASP A 148 -33.00 48.68 -20.08
CA ASP A 148 -33.19 48.93 -21.51
C ASP A 148 -32.31 47.97 -22.32
N ALA A 149 -32.41 48.01 -23.65
CA ALA A 149 -31.82 46.98 -24.54
C ALA A 149 -30.35 47.14 -24.91
N HIS A 150 -29.74 48.27 -24.55
CA HIS A 150 -28.36 48.56 -24.97
C HIS A 150 -27.34 47.45 -24.67
N THR A 151 -27.27 46.99 -23.43
CA THR A 151 -26.30 45.96 -23.04
C THR A 151 -26.61 44.65 -23.78
N PHE A 152 -27.88 44.27 -23.80
CA PHE A 152 -28.32 43.10 -24.55
C PHE A 152 -27.84 43.10 -26.01
N GLN A 153 -28.02 44.24 -26.68
CA GLN A 153 -27.56 44.41 -28.05
C GLN A 153 -26.06 44.27 -28.23
N GLN A 154 -25.29 44.85 -27.29
CA GLN A 154 -23.84 44.79 -27.36
C GLN A 154 -23.32 43.39 -27.03
N GLU A 155 -23.86 42.79 -25.97
CA GLU A 155 -23.38 41.48 -25.45
C GLU A 155 -23.99 40.30 -26.19
N GLY A 156 -25.21 40.50 -26.71
CA GLY A 156 -25.99 39.48 -27.36
C GLY A 156 -25.80 39.55 -28.86
N TRP A 157 -26.71 40.29 -29.51
CA TRP A 157 -26.60 40.54 -30.96
C TRP A 157 -27.31 41.87 -31.33
N HIS A 158 -26.79 42.54 -32.35
CA HIS A 158 -27.47 43.67 -32.97
C HIS A 158 -27.06 43.70 -34.44
N TYR A 159 -27.77 44.46 -35.25
CA TYR A 159 -27.39 44.72 -36.62
C TYR A 159 -26.43 45.90 -36.65
N GLU A 160 -25.45 45.81 -37.51
CA GLU A 160 -24.55 46.93 -37.72
C GLU A 160 -24.56 47.32 -39.18
N LEU A 161 -24.64 48.61 -39.43
CA LEU A 161 -24.60 49.13 -40.77
C LEU A 161 -23.70 50.34 -40.73
N ASN A 162 -22.57 50.27 -41.43
CA ASN A 162 -21.72 51.45 -41.47
C ASN A 162 -22.26 52.55 -42.40
N ASP A 163 -22.99 52.15 -43.43
CA ASP A 163 -23.64 53.12 -44.33
C ASP A 163 -24.75 52.44 -45.13
N PRO A 164 -25.90 53.13 -45.33
CA PRO A 164 -26.99 52.51 -46.08
C PRO A 164 -26.59 51.87 -47.40
N SER A 165 -25.46 52.29 -47.98
CA SER A 165 -25.00 51.74 -49.25
C SER A 165 -24.31 50.38 -49.06
N GLU A 166 -24.09 50.01 -47.80
CA GLU A 166 -23.34 48.78 -47.48
C GLU A 166 -24.23 47.66 -46.93
N ASP A 167 -23.65 46.48 -46.80
CA ASP A 167 -24.33 45.34 -46.23
C ASP A 167 -24.47 45.50 -44.72
N ILE A 168 -25.59 45.04 -44.16
CA ILE A 168 -25.77 44.95 -42.73
C ILE A 168 -25.01 43.70 -42.28
N SER A 169 -24.42 43.76 -41.09
CA SER A 169 -23.85 42.58 -40.47
C SER A 169 -24.44 42.37 -39.07
N TYR A 170 -24.27 41.15 -38.56
CA TYR A 170 -24.55 40.80 -37.18
C TYR A 170 -23.30 41.04 -36.35
N LYS A 171 -23.48 41.62 -35.16
CA LYS A 171 -22.37 41.81 -34.25
C LYS A 171 -22.87 41.62 -32.81
N GLY A 172 -21.95 41.43 -31.87
CA GLY A 172 -22.28 41.21 -30.47
C GLY A 172 -21.17 40.39 -29.84
N VAL A 173 -20.97 40.54 -28.54
CA VAL A 173 -19.88 39.84 -27.86
C VAL A 173 -20.09 38.32 -28.02
N VAL A 174 -21.25 37.84 -27.58
CA VAL A 174 -21.55 36.40 -27.58
C VAL A 174 -21.73 35.87 -28.99
N PHE A 175 -22.40 36.63 -29.84
CA PHE A 175 -22.48 36.25 -31.24
C PHE A 175 -21.08 35.90 -31.78
N ASN A 176 -20.16 36.86 -31.66
CA ASN A 176 -18.79 36.71 -32.18
C ASN A 176 -18.02 35.57 -31.50
N GLU A 177 -18.12 35.50 -30.18
CA GLU A 177 -17.47 34.45 -29.42
C GLU A 177 -17.93 33.10 -29.96
N MSE A 178 -19.23 32.95 -30.22
CA MSE A 178 -19.73 31.62 -30.61
C MSE A 178 -19.40 31.23 -32.04
O MSE A 178 -19.28 30.05 -32.34
CB MSE A 178 -21.21 31.43 -30.27
CG MSE A 178 -21.49 31.54 -28.77
SE MSE A 178 -20.36 30.49 -27.53
CE MSE A 178 -20.78 28.62 -28.17
N LYS A 179 -19.21 32.22 -32.92
CA LYS A 179 -18.66 31.94 -34.25
C LYS A 179 -17.24 31.40 -34.12
N GLY A 180 -16.49 31.96 -33.19
CA GLY A 180 -15.13 31.48 -32.87
C GLY A 180 -15.19 30.02 -32.48
N VAL A 181 -15.87 29.74 -31.37
CA VAL A 181 -16.12 28.37 -30.87
C VAL A 181 -16.63 27.39 -31.96
N TYR A 182 -17.66 27.75 -32.71
CA TYR A 182 -18.27 26.82 -33.67
C TYR A 182 -17.38 26.51 -34.89
N SER A 183 -16.15 27.05 -34.87
CA SER A 183 -15.20 26.89 -35.94
C SER A 183 -13.99 26.05 -35.51
N GLN A 184 -13.94 25.65 -34.24
CA GLN A 184 -12.92 24.70 -33.73
C GLN A 184 -13.41 23.24 -33.74
N PRO A 185 -12.76 22.39 -34.55
CA PRO A 185 -13.19 20.99 -34.75
C PRO A 185 -13.52 20.23 -33.46
N ASP A 186 -12.68 20.35 -32.45
CA ASP A 186 -12.87 19.61 -31.21
C ASP A 186 -14.07 20.12 -30.35
N ASN A 187 -14.40 21.41 -30.46
CA ASN A 187 -15.59 21.99 -29.83
C ASN A 187 -16.85 21.53 -30.54
N ILE A 188 -16.77 21.44 -31.85
CA ILE A 188 -17.89 20.93 -32.67
C ILE A 188 -18.23 19.51 -32.24
N LEU A 189 -17.22 18.67 -32.17
CA LEU A 189 -17.41 17.27 -31.83
C LEU A 189 -18.07 17.09 -30.46
N GLY A 190 -17.57 17.81 -29.45
CA GLY A 190 -18.07 17.64 -28.08
C GLY A 190 -19.50 18.11 -27.89
N ARG A 191 -19.89 19.13 -28.66
CA ARG A 191 -21.26 19.66 -28.69
C ARG A 191 -22.24 18.69 -29.37
N ILE A 192 -21.82 18.17 -30.53
CA ILE A 192 -22.54 17.10 -31.21
C ILE A 192 -22.77 15.89 -30.30
N ALA A 193 -21.73 15.47 -29.58
CA ALA A 193 -21.85 14.36 -28.63
C ALA A 193 -22.80 14.64 -27.46
N GLN A 194 -22.61 15.76 -26.76
CA GLN A 194 -23.48 16.10 -25.63
C GLN A 194 -24.95 16.11 -26.05
N GLN A 195 -25.23 16.77 -27.17
CA GLN A 195 -26.59 16.96 -27.68
C GLN A 195 -27.19 15.68 -28.22
N ALA A 196 -26.36 14.81 -28.80
CA ALA A 196 -26.86 13.52 -29.31
C ALA A 196 -27.12 12.52 -28.20
N LEU A 197 -26.37 12.62 -27.10
CA LEU A 197 -26.57 11.80 -25.92
C LEU A 197 -27.84 12.15 -25.14
N SER A 198 -28.19 13.43 -25.13
CA SER A 198 -29.27 13.93 -24.28
C SER A 198 -30.27 14.80 -25.04
N PRO A 199 -30.89 14.25 -26.12
CA PRO A 199 -31.75 15.09 -26.97
C PRO A 199 -33.03 15.58 -26.33
N GLU A 200 -33.46 14.95 -25.23
CA GLU A 200 -34.72 15.27 -24.60
C GLU A 200 -34.67 16.16 -23.34
N ASN A 201 -33.50 16.60 -22.93
CA ASN A 201 -33.43 17.61 -21.87
C ASN A 201 -32.61 18.84 -22.27
N THR A 202 -32.32 19.70 -21.30
CA THR A 202 -31.60 20.96 -21.57
C THR A 202 -30.25 20.80 -22.30
N TYR A 203 -29.58 19.66 -22.12
CA TYR A 203 -28.28 19.43 -22.77
C TYR A 203 -28.43 19.16 -24.26
N GLY A 204 -29.66 19.00 -24.72
CA GLY A 204 -29.89 18.78 -26.14
C GLY A 204 -29.81 20.08 -26.92
N VAL A 205 -29.76 21.21 -26.20
CA VAL A 205 -29.57 22.51 -26.85
C VAL A 205 -28.28 23.19 -26.33
N ASP A 206 -27.84 24.26 -27.00
CA ASP A 206 -26.57 24.88 -26.64
C ASP A 206 -26.73 26.11 -25.74
N SER A 207 -26.30 26.01 -24.50
CA SER A 207 -26.49 27.14 -23.57
C SER A 207 -25.57 28.33 -23.90
N GLY A 208 -24.47 28.07 -24.59
CA GLY A 208 -23.56 29.15 -25.03
C GLY A 208 -24.11 29.94 -26.21
N GLY A 209 -24.96 29.27 -27.00
CA GLY A 209 -25.61 29.90 -28.16
C GLY A 209 -25.07 29.42 -29.49
N ASP A 210 -25.99 29.04 -30.37
CA ASP A 210 -25.66 28.70 -31.76
C ASP A 210 -25.84 30.00 -32.55
N PRO A 211 -24.76 30.48 -33.22
CA PRO A 211 -24.74 31.66 -34.11
C PRO A 211 -25.88 31.69 -35.13
N LYS A 212 -26.34 30.52 -35.54
CA LYS A 212 -27.49 30.45 -36.45
C LYS A 212 -28.78 30.87 -35.74
N ASP A 213 -28.82 30.70 -34.43
CA ASP A 213 -30.03 30.95 -33.62
C ASP A 213 -29.98 32.16 -32.66
N ILE A 214 -28.81 32.68 -32.35
CA ILE A 214 -28.70 33.86 -31.45
C ILE A 214 -29.59 35.05 -31.84
N PRO A 215 -29.59 35.47 -33.14
CA PRO A 215 -30.51 36.50 -33.65
C PRO A 215 -32.02 36.27 -33.46
N ASN A 216 -32.43 35.05 -33.12
CA ASN A 216 -33.85 34.80 -32.82
C ASN A 216 -34.23 35.33 -31.45
N LEU A 217 -33.22 35.59 -30.62
CA LEU A 217 -33.42 36.06 -29.26
C LEU A 217 -33.87 37.54 -29.22
N THR A 218 -34.88 37.81 -28.40
CA THR A 218 -35.36 39.17 -28.21
C THR A 218 -35.06 39.62 -26.80
N PHE A 219 -34.91 40.92 -26.61
CA PHE A 219 -34.64 41.48 -25.30
C PHE A 219 -35.66 41.04 -24.27
N GLU A 220 -36.92 40.87 -24.71
CA GLU A 220 -38.00 40.50 -23.81
C GLU A 220 -37.83 39.10 -23.20
N GLU A 221 -37.36 38.15 -24.01
CA GLU A 221 -37.08 36.78 -23.60
C GLU A 221 -35.93 36.75 -22.59
N PHE A 222 -34.92 37.54 -22.90
CA PHE A 222 -33.73 37.74 -22.10
C PHE A 222 -34.08 38.30 -20.72
N LYS A 223 -34.92 39.34 -20.69
CA LYS A 223 -35.44 39.93 -19.43
C LYS A 223 -36.17 38.92 -18.57
N GLU A 224 -37.09 38.19 -19.19
CA GLU A 224 -37.90 37.20 -18.48
C GLU A 224 -37.03 36.08 -17.88
N PHE A 225 -35.98 35.70 -18.61
CA PHE A 225 -35.04 34.65 -18.16
C PHE A 225 -34.35 35.08 -16.88
N HIS A 226 -33.86 36.31 -16.85
CA HIS A 226 -33.34 36.89 -15.61
C HIS A 226 -34.38 36.96 -14.48
N ARG A 227 -35.59 37.39 -14.81
CA ARG A 227 -36.62 37.58 -13.78
C ARG A 227 -36.91 36.26 -13.08
N GLN A 228 -37.14 35.24 -13.89
CA GLN A 228 -37.36 33.88 -13.38
C GLN A 228 -36.17 33.29 -12.62
N TYR A 229 -35.00 33.25 -13.25
CA TYR A 229 -33.93 32.39 -12.78
C TYR A 229 -32.90 33.03 -11.86
N TYR A 230 -32.67 34.35 -12.02
CA TYR A 230 -31.76 35.09 -11.14
C TYR A 230 -32.44 35.60 -9.89
N HIS A 231 -33.07 34.67 -9.18
CA HIS A 231 -33.84 35.02 -8.03
C HIS A 231 -33.24 34.21 -6.92
N PRO A 232 -33.08 34.79 -5.72
CA PRO A 232 -32.47 34.03 -4.66
C PRO A 232 -33.07 32.63 -4.45
N SER A 233 -34.34 32.41 -4.78
CA SER A 233 -35.00 31.11 -4.56
C SER A 233 -34.35 30.01 -5.42
N ASN A 234 -33.68 30.44 -6.50
CA ASN A 234 -33.07 29.57 -7.49
C ASN A 234 -31.55 29.66 -7.40
N ALA A 235 -31.05 30.30 -6.34
CA ALA A 235 -29.62 30.55 -6.16
C ALA A 235 -29.05 29.60 -5.12
N ARG A 236 -27.77 29.27 -5.29
CA ARG A 236 -26.99 28.58 -4.27
C ARG A 236 -25.74 29.42 -4.02
N ILE A 237 -25.37 29.61 -2.76
CA ILE A 237 -24.30 30.55 -2.41
C ILE A 237 -23.23 29.83 -1.59
N TRP A 238 -21.96 30.06 -1.95
CA TRP A 238 -20.84 29.35 -1.35
C TRP A 238 -19.90 30.35 -0.71
N PHE A 239 -19.58 30.18 0.57
CA PHE A 239 -18.45 30.90 1.16
C PHE A 239 -17.43 29.90 1.68
N TYR A 240 -16.16 30.23 1.51
CA TYR A 240 -15.08 29.37 1.98
C TYR A 240 -13.95 30.22 2.49
N GLY A 241 -13.42 29.90 3.67
CA GLY A 241 -12.18 30.53 4.11
C GLY A 241 -12.15 30.92 5.57
N ASP A 242 -11.20 31.79 5.90
CA ASP A 242 -10.92 32.21 7.29
C ASP A 242 -11.62 33.49 7.79
N ASP A 243 -12.54 34.05 6.99
CA ASP A 243 -13.29 35.25 7.39
C ASP A 243 -14.40 34.90 8.37
N ASP A 244 -14.90 35.93 9.06
CA ASP A 244 -15.97 35.82 10.05
C ASP A 244 -17.24 35.17 9.48
N PRO A 245 -17.62 34.01 10.02
CA PRO A 245 -18.80 33.30 9.54
C PRO A 245 -20.08 34.10 9.62
N VAL A 246 -20.30 34.80 10.72
CA VAL A 246 -21.56 35.52 10.88
C VAL A 246 -21.67 36.67 9.89
N HIS A 247 -20.56 37.38 9.67
CA HIS A 247 -20.54 38.50 8.72
C HIS A 247 -20.96 38.10 7.29
N ARG A 248 -20.73 36.85 6.90
CA ARG A 248 -21.19 36.32 5.61
C ARG A 248 -22.68 36.42 5.45
N LEU A 249 -23.42 36.07 6.50
CA LEU A 249 -24.90 36.13 6.48
C LEU A 249 -25.41 37.58 6.50
N ARG A 250 -24.73 38.43 7.26
CA ARG A 250 -25.04 39.87 7.29
C ARG A 250 -24.89 40.48 5.89
N VAL A 251 -23.80 40.11 5.20
CA VAL A 251 -23.55 40.57 3.84
C VAL A 251 -24.68 40.15 2.89
N LEU A 252 -25.10 38.89 3.00
CA LEU A 252 -26.13 38.33 2.15
C LEU A 252 -27.52 38.88 2.43
N SER A 253 -27.82 39.20 3.69
CA SER A 253 -29.13 39.72 4.05
C SER A 253 -29.52 41.01 3.27
N GLU A 254 -28.54 41.85 2.94
CA GLU A 254 -28.84 43.05 2.14
C GLU A 254 -29.55 42.70 0.86
N TYR A 255 -29.11 41.65 0.19
CA TYR A 255 -29.67 41.25 -1.10
C TYR A 255 -30.86 40.32 -0.94
N LEU A 256 -30.72 39.31 -0.08
CA LEU A 256 -31.76 38.28 0.09
C LEU A 256 -33.07 38.84 0.63
N ASP A 257 -32.97 39.74 1.61
CA ASP A 257 -34.15 40.42 2.20
C ASP A 257 -34.95 41.29 1.24
N MSE A 258 -34.34 41.65 0.12
CA MSE A 258 -35.00 42.47 -0.87
C MSE A 258 -35.89 41.70 -1.83
O MSE A 258 -36.37 42.27 -2.81
CB MSE A 258 -33.97 43.31 -1.63
CG MSE A 258 -33.24 44.35 -0.78
SE MSE A 258 -31.80 45.31 -1.72
CE MSE A 258 -32.93 46.13 -3.14
N PHE A 259 -36.13 40.42 -1.55
CA PHE A 259 -36.92 39.52 -2.41
C PHE A 259 -37.98 38.73 -1.64
N GLU A 260 -39.04 38.30 -2.34
CA GLU A 260 -40.03 37.35 -1.80
C GLU A 260 -39.74 35.96 -2.39
N ALA A 261 -40.20 34.88 -1.75
CA ALA A 261 -40.03 33.52 -2.30
C ALA A 261 -40.54 33.48 -3.73
N SER A 262 -39.85 32.75 -4.60
CA SER A 262 -40.29 32.53 -5.98
C SER A 262 -40.35 31.04 -6.27
N PRO A 263 -41.30 30.62 -7.15
CA PRO A 263 -41.46 29.21 -7.55
C PRO A 263 -40.49 28.72 -8.65
N SER A 264 -39.72 29.63 -9.21
CA SER A 264 -38.84 29.28 -10.32
C SER A 264 -37.94 28.02 -10.20
N PRO A 265 -37.48 27.65 -8.97
CA PRO A 265 -36.71 26.40 -8.84
C PRO A 265 -37.45 25.17 -9.35
N ASN A 266 -38.79 25.22 -9.29
CA ASN A 266 -39.61 24.16 -9.84
C ASN A 266 -39.58 24.20 -11.38
N SER A 267 -39.45 25.39 -11.94
CA SER A 267 -39.21 25.58 -13.38
C SER A 267 -37.82 25.17 -13.86
N SER A 268 -36.81 25.35 -13.01
CA SER A 268 -35.41 25.21 -13.42
C SER A 268 -34.86 23.80 -13.20
N LYS A 269 -35.68 22.90 -12.67
CA LYS A 269 -35.18 21.56 -12.32
C LYS A 269 -34.77 20.77 -13.57
N ILE A 270 -33.59 20.15 -13.53
CA ILE A 270 -33.11 19.40 -14.69
C ILE A 270 -33.70 17.99 -14.69
N LYS A 271 -34.13 17.57 -15.87
CA LYS A 271 -34.80 16.28 -16.09
C LYS A 271 -33.83 15.27 -16.68
N PHE A 272 -33.87 14.03 -16.17
CA PHE A 272 -32.99 12.98 -16.68
C PHE A 272 -33.34 12.53 -18.10
N GLN A 273 -32.30 12.25 -18.88
CA GLN A 273 -32.49 11.66 -20.20
C GLN A 273 -32.69 10.15 -20.03
N LYS A 274 -33.84 9.66 -20.46
CA LYS A 274 -34.15 8.22 -20.51
C LYS A 274 -33.23 7.53 -21.50
N LEU A 275 -32.62 6.42 -21.08
CA LEU A 275 -31.61 5.73 -21.90
C LEU A 275 -32.21 5.13 -23.17
N PHE A 276 -31.54 5.30 -24.30
CA PHE A 276 -32.00 4.76 -25.59
C PHE A 276 -32.08 3.23 -25.54
N SER A 277 -32.96 2.66 -26.36
CA SER A 277 -33.05 1.20 -26.46
C SER A 277 -32.15 0.64 -27.56
N GLU A 278 -31.64 1.53 -28.43
CA GLU A 278 -30.76 1.21 -29.54
C GLU A 278 -29.68 2.30 -29.69
N PRO A 279 -28.46 1.92 -30.10
CA PRO A 279 -27.36 2.87 -30.33
C PRO A 279 -27.61 3.84 -31.51
N VAL A 280 -26.95 4.98 -31.49
CA VAL A 280 -27.07 6.00 -32.53
C VAL A 280 -25.74 6.13 -33.28
N ARG A 281 -25.82 6.32 -34.60
CA ARG A 281 -24.63 6.53 -35.44
C ARG A 281 -24.74 7.83 -36.23
N LEU A 282 -23.75 8.72 -36.10
CA LEU A 282 -23.80 10.03 -36.75
C LEU A 282 -22.56 10.34 -37.57
N VAL A 283 -22.78 11.02 -38.69
CA VAL A 283 -21.69 11.56 -39.51
C VAL A 283 -21.86 13.07 -39.56
N GLU A 284 -20.82 13.80 -39.17
CA GLU A 284 -20.89 15.26 -39.14
C GLU A 284 -19.65 15.91 -39.78
N LYS A 285 -19.81 17.17 -40.15
CA LYS A 285 -18.76 17.95 -40.79
C LYS A 285 -18.10 18.95 -39.86
N TYR A 286 -16.81 19.14 -40.07
CA TYR A 286 -16.15 20.28 -39.46
C TYR A 286 -15.44 21.04 -40.56
N PRO A 287 -15.23 22.36 -40.36
CA PRO A 287 -14.57 23.19 -41.36
C PRO A 287 -13.09 22.84 -41.50
N ALA A 288 -12.63 22.72 -42.75
CA ALA A 288 -11.26 22.36 -43.04
C ALA A 288 -10.66 23.28 -44.11
N GLY A 289 -9.34 23.22 -44.28
CA GLY A 289 -8.64 23.93 -45.34
C GLY A 289 -8.59 23.08 -46.59
N ARG A 290 -8.59 23.73 -47.75
CA ARG A 290 -8.52 23.00 -49.03
C ARG A 290 -7.12 22.45 -49.31
N ASP A 291 -6.09 23.26 -49.07
CA ASP A 291 -4.71 22.80 -49.25
C ASP A 291 -4.25 21.88 -48.11
N GLY A 292 -5.05 20.84 -47.87
CA GLY A 292 -4.76 19.84 -46.83
C GLY A 292 -5.39 18.49 -47.22
N ASP A 293 -4.66 17.40 -46.96
CA ASP A 293 -5.13 16.08 -47.38
C ASP A 293 -6.31 15.56 -46.53
N LEU A 294 -7.51 15.96 -46.96
CA LEU A 294 -8.76 15.73 -46.23
C LEU A 294 -9.00 14.28 -45.87
N LYS A 295 -8.59 13.39 -46.79
CA LYS A 295 -8.74 11.95 -46.68
C LYS A 295 -8.16 11.40 -45.36
N LYS A 296 -7.23 12.15 -44.77
CA LYS A 296 -6.49 11.70 -43.59
C LYS A 296 -6.97 12.30 -42.27
N LYS A 297 -7.82 13.32 -42.31
CA LYS A 297 -8.15 14.05 -41.07
C LYS A 297 -9.58 13.82 -40.55
N HIS A 298 -10.09 12.59 -40.71
CA HIS A 298 -11.35 12.22 -40.10
C HIS A 298 -11.18 12.02 -38.58
N MSE A 299 -12.31 11.89 -37.88
CA MSE A 299 -12.30 11.54 -36.48
C MSE A 299 -13.36 10.48 -36.25
O MSE A 299 -14.35 10.42 -36.98
CB MSE A 299 -12.57 12.75 -35.62
CG MSE A 299 -11.68 13.95 -35.87
SE MSE A 299 -12.08 15.49 -34.73
CE MSE A 299 -12.74 14.62 -33.26
N LEU A 300 -13.15 9.66 -35.24
CA LEU A 300 -14.15 8.74 -34.76
C LEU A 300 -14.17 8.77 -33.23
N CYS A 301 -15.35 9.01 -32.67
CA CYS A 301 -15.55 9.06 -31.22
C CYS A 301 -16.77 8.20 -30.88
N VAL A 302 -16.65 7.36 -29.86
CA VAL A 302 -17.80 6.63 -29.30
C VAL A 302 -18.13 7.18 -27.90
N ASN A 303 -19.42 7.42 -27.65
CA ASN A 303 -19.87 8.08 -26.44
C ASN A 303 -21.03 7.34 -25.79
N TRP A 304 -21.08 7.37 -24.46
CA TRP A 304 -22.18 6.75 -23.71
C TRP A 304 -22.71 7.66 -22.62
N LEU A 305 -24.00 7.55 -22.35
CA LEU A 305 -24.52 8.04 -21.07
C LEU A 305 -24.60 6.83 -20.16
N LEU A 306 -23.91 6.87 -19.03
CA LEU A 306 -23.65 5.66 -18.23
C LEU A 306 -24.81 5.18 -17.38
N SER A 307 -25.70 6.08 -16.98
CA SER A 307 -26.95 5.67 -16.33
C SER A 307 -28.00 6.75 -16.27
N GLU A 308 -29.21 6.38 -15.84
CA GLU A 308 -30.32 7.29 -15.60
C GLU A 308 -30.36 7.64 -14.12
N LYS A 309 -30.18 6.61 -13.28
CA LYS A 309 -30.24 6.75 -11.83
C LYS A 309 -28.96 7.36 -11.31
N PRO A 310 -29.06 8.23 -10.30
CA PRO A 310 -27.81 8.65 -9.68
C PRO A 310 -27.13 7.39 -9.14
N LEU A 311 -25.90 7.15 -9.56
CA LEU A 311 -25.17 5.94 -9.16
C LEU A 311 -24.72 6.04 -7.70
N ASP A 312 -24.68 4.88 -7.04
CA ASP A 312 -24.21 4.81 -5.66
C ASP A 312 -22.83 5.43 -5.50
N LEU A 313 -22.56 5.96 -4.32
CA LEU A 313 -21.37 6.76 -4.07
C LEU A 313 -20.07 5.97 -4.26
N GLN A 314 -20.15 4.64 -4.11
CA GLN A 314 -19.00 3.77 -4.30
C GLN A 314 -18.75 3.52 -5.78
N THR A 315 -19.83 3.49 -6.56
CA THR A 315 -19.70 3.34 -8.01
C THR A 315 -19.08 4.59 -8.64
N GLN A 316 -19.53 5.77 -8.19
CA GLN A 316 -18.99 7.06 -8.65
C GLN A 316 -17.47 7.12 -8.49
N LEU A 317 -17.00 6.76 -7.30
CA LEU A 317 -15.57 6.76 -7.01
C LEU A 317 -14.86 5.75 -7.91
N ALA A 318 -15.44 4.56 -7.99
CA ALA A 318 -14.88 3.45 -8.78
C ALA A 318 -14.77 3.79 -10.27
N LEU A 319 -15.71 4.58 -10.79
CA LEU A 319 -15.65 5.05 -12.18
C LEU A 319 -14.55 6.05 -12.42
N GLY A 320 -14.29 6.92 -11.43
CA GLY A 320 -13.26 7.92 -11.56
C GLY A 320 -11.92 7.21 -11.54
N PHE A 321 -11.83 6.20 -10.70
CA PHE A 321 -10.64 5.35 -10.62
C PHE A 321 -10.45 4.62 -11.94
N LEU A 322 -11.52 4.05 -12.47
CA LEU A 322 -11.48 3.36 -13.75
C LEU A 322 -11.04 4.26 -14.91
N ASP A 323 -11.56 5.48 -14.94
CA ASP A 323 -11.18 6.44 -15.95
C ASP A 323 -9.66 6.67 -15.95
N HIS A 324 -9.07 6.77 -14.76
CA HIS A 324 -7.63 7.01 -14.60
C HIS A 324 -6.83 5.76 -15.02
N LEU A 325 -7.34 4.62 -14.62
CA LEU A 325 -6.77 3.33 -14.93
C LEU A 325 -6.68 3.06 -16.44
N MSE A 326 -7.65 3.57 -17.21
CA MSE A 326 -7.69 3.32 -18.65
C MSE A 326 -7.05 4.42 -19.47
O MSE A 326 -6.60 4.18 -20.57
CB MSE A 326 -9.15 3.16 -19.11
CG MSE A 326 -9.91 2.02 -18.44
SE MSE A 326 -11.58 1.63 -19.39
CE MSE A 326 -12.58 3.27 -18.98
N LEU A 327 -7.00 5.63 -18.92
CA LEU A 327 -6.59 6.80 -19.68
C LEU A 327 -5.67 7.78 -18.94
N GLY A 328 -5.35 7.51 -17.69
CA GLY A 328 -4.64 8.50 -16.88
C GLY A 328 -3.22 8.82 -17.32
N THR A 329 -2.52 7.84 -17.88
CA THR A 329 -1.12 8.03 -18.23
C THR A 329 -0.84 7.47 -19.63
N PRO A 330 0.30 7.86 -20.25
CA PRO A 330 0.62 7.26 -21.54
C PRO A 330 0.66 5.72 -21.50
N ALA A 331 0.85 5.15 -20.32
CA ALA A 331 0.90 3.69 -20.12
C ALA A 331 -0.42 3.00 -19.81
N SER A 332 -1.47 3.79 -19.58
CA SER A 332 -2.80 3.27 -19.34
C SER A 332 -3.38 2.59 -20.59
N PRO A 333 -3.89 1.33 -20.44
CA PRO A 333 -4.14 0.46 -21.62
C PRO A 333 -5.02 1.02 -22.73
N LEU A 334 -6.13 1.68 -22.40
CA LEU A 334 -7.01 2.11 -23.45
C LEU A 334 -6.33 3.19 -24.30
N ARG A 335 -5.79 4.18 -23.59
CA ARG A 335 -4.98 5.25 -24.16
C ARG A 335 -3.81 4.67 -24.94
N LYS A 336 -3.09 3.73 -24.33
CA LYS A 336 -1.89 3.16 -24.93
C LYS A 336 -2.18 2.35 -26.19
N ILE A 337 -3.18 1.49 -26.10
CA ILE A 337 -3.56 0.63 -27.23
C ILE A 337 -4.08 1.45 -28.42
N LEU A 338 -4.95 2.41 -28.14
CA LEU A 338 -5.48 3.26 -29.19
C LEU A 338 -4.37 3.99 -29.91
N LEU A 339 -3.47 4.59 -29.16
CA LEU A 339 -2.39 5.38 -29.78
C LEU A 339 -1.37 4.54 -30.53
N GLU A 340 -1.11 3.33 -30.05
CA GLU A 340 -0.08 2.50 -30.70
C GLU A 340 -0.62 1.74 -31.91
N SER A 341 -1.94 1.71 -32.08
CA SER A 341 -2.56 1.14 -33.26
C SER A 341 -2.07 1.82 -34.53
N GLY A 342 -1.69 3.10 -34.43
CA GLY A 342 -1.37 3.92 -35.59
C GLY A 342 -2.58 4.29 -36.45
N LEU A 343 -3.79 4.08 -35.93
CA LEU A 343 -5.00 4.41 -36.70
C LEU A 343 -5.34 5.92 -36.68
N GLY A 344 -4.78 6.64 -35.71
CA GLY A 344 -5.04 8.07 -35.54
C GLY A 344 -3.80 8.80 -35.05
N GLU A 345 -3.93 10.12 -34.89
CA GLU A 345 -2.82 10.98 -34.52
C GLU A 345 -2.77 11.18 -33.01
N ALA A 346 -3.96 11.30 -32.41
CA ALA A 346 -4.12 11.62 -30.99
C ALA A 346 -5.51 11.24 -30.51
N LEU A 347 -5.68 11.07 -29.19
CA LEU A 347 -7.00 10.92 -28.59
C LEU A 347 -7.85 12.19 -28.78
N VAL A 348 -9.16 12.03 -28.80
CA VAL A 348 -10.06 13.18 -28.86
C VAL A 348 -11.32 12.90 -28.07
N SER A 349 -11.86 13.97 -27.47
CA SER A 349 -13.03 13.92 -26.59
C SER A 349 -13.07 12.63 -25.79
N SER A 350 -11.99 12.37 -25.06
CA SER A 350 -11.86 11.11 -24.35
C SER A 350 -11.93 11.29 -22.85
N GLY A 351 -12.64 10.39 -22.18
CA GLY A 351 -12.67 10.38 -20.74
C GLY A 351 -14.06 10.38 -20.14
N LEU A 352 -14.08 10.26 -18.82
CA LEU A 352 -15.28 10.37 -18.03
C LEU A 352 -15.58 11.83 -17.67
N SER A 353 -16.83 12.26 -17.89
CA SER A 353 -17.29 13.53 -17.32
C SER A 353 -18.55 13.30 -16.50
N ASP A 354 -18.50 13.76 -15.26
CA ASP A 354 -19.51 13.47 -14.28
C ASP A 354 -19.97 14.75 -13.58
N GLU A 355 -19.70 15.90 -14.22
CA GLU A 355 -20.08 17.21 -13.67
C GLU A 355 -21.55 17.56 -13.88
N LEU A 356 -22.20 16.91 -14.85
CA LEU A 356 -23.62 17.15 -15.18
C LEU A 356 -24.56 16.10 -14.55
N LEU A 357 -25.83 16.11 -14.94
CA LEU A 357 -26.82 15.26 -14.26
C LEU A 357 -26.48 13.77 -14.37
N GLN A 358 -26.20 13.33 -15.59
CA GLN A 358 -25.84 11.93 -15.80
C GLN A 358 -24.39 11.82 -16.26
N PRO A 359 -23.65 10.83 -15.74
CA PRO A 359 -22.26 10.62 -16.16
C PRO A 359 -22.17 10.14 -17.60
N GLN A 360 -21.13 10.60 -18.27
CA GLN A 360 -20.92 10.38 -19.68
C GLN A 360 -19.48 9.92 -19.81
N PHE A 361 -19.25 8.91 -20.63
CA PHE A 361 -17.90 8.47 -20.98
C PHE A 361 -17.75 8.53 -22.49
N GLY A 362 -16.61 9.05 -22.97
CA GLY A 362 -16.31 9.07 -24.39
C GLY A 362 -14.89 8.62 -24.67
N ILE A 363 -14.66 8.15 -25.89
CA ILE A 363 -13.32 7.75 -26.32
C ILE A 363 -13.27 7.89 -27.84
N GLY A 364 -12.18 8.44 -28.37
CA GLY A 364 -12.04 8.48 -29.82
C GLY A 364 -10.65 8.90 -30.23
N LEU A 365 -10.40 8.90 -31.55
CA LEU A 365 -9.19 9.38 -32.18
C LEU A 365 -9.52 10.43 -33.23
N LYS A 366 -8.62 11.39 -33.40
CA LYS A 366 -8.59 12.29 -34.56
C LYS A 366 -7.42 11.91 -35.47
N GLY A 367 -7.37 12.50 -36.67
CA GLY A 367 -6.32 12.21 -37.63
C GLY A 367 -6.44 10.81 -38.20
N VAL A 368 -7.68 10.37 -38.44
CA VAL A 368 -7.96 9.01 -38.90
C VAL A 368 -8.21 9.08 -40.40
N SER A 369 -7.61 8.17 -41.16
CA SER A 369 -7.90 8.09 -42.60
C SER A 369 -9.35 7.64 -42.81
N GLU A 370 -9.96 8.14 -43.87
CA GLU A 370 -11.36 7.85 -44.22
C GLU A 370 -11.66 6.35 -44.15
N GLU A 371 -10.74 5.53 -44.67
CA GLU A 371 -11.02 4.09 -44.80
C GLU A 371 -10.82 3.31 -43.51
N ASN A 372 -10.30 3.98 -42.47
CA ASN A 372 -9.98 3.34 -41.19
C ASN A 372 -10.96 3.62 -40.06
N VAL A 373 -12.05 4.31 -40.37
CA VAL A 373 -12.99 4.79 -39.35
C VAL A 373 -13.71 3.65 -38.62
N GLN A 374 -14.16 2.65 -39.38
CA GLN A 374 -14.79 1.45 -38.83
C GLN A 374 -13.81 0.70 -37.92
N LYS A 375 -12.54 0.66 -38.32
CA LYS A 375 -11.46 0.00 -37.51
C LYS A 375 -11.21 0.64 -36.15
N VAL A 376 -11.23 1.96 -36.10
CA VAL A 376 -11.12 2.66 -34.82
C VAL A 376 -12.27 2.22 -33.92
N GLU A 377 -13.49 2.20 -34.47
CA GLU A 377 -14.66 1.77 -33.70
C GLU A 377 -14.49 0.34 -33.22
N GLU A 378 -14.07 -0.55 -34.11
CA GLU A 378 -13.85 -1.95 -33.77
C GLU A 378 -12.76 -2.10 -32.69
N LEU A 379 -11.65 -1.36 -32.83
CA LEU A 379 -10.58 -1.35 -31.84
C LEU A 379 -11.06 -0.88 -30.47
N ILE A 380 -11.79 0.22 -30.42
CA ILE A 380 -12.38 0.71 -29.16
C ILE A 380 -13.19 -0.39 -28.45
N MSE A 381 -14.13 -0.99 -29.18
CA MSE A 381 -14.97 -2.03 -28.60
C MSE A 381 -14.17 -3.25 -28.15
O MSE A 381 -14.38 -3.73 -27.05
CB MSE A 381 -16.07 -2.46 -29.59
CG MSE A 381 -16.97 -1.32 -30.11
SE MSE A 381 -17.77 -0.20 -28.68
CE MSE A 381 -18.83 -1.60 -27.66
N ASP A 382 -13.27 -3.74 -29.02
CA ASP A 382 -12.38 -4.88 -28.69
C ASP A 382 -11.53 -4.60 -27.44
N THR A 383 -10.95 -3.40 -27.38
CA THR A 383 -10.12 -3.05 -26.22
C THR A 383 -10.93 -3.02 -24.92
N LEU A 384 -12.10 -2.41 -24.97
CA LEU A 384 -12.97 -2.35 -23.80
C LEU A 384 -13.41 -3.75 -23.35
N LYS A 385 -13.71 -4.60 -24.32
CA LYS A 385 -14.03 -6.01 -24.00
C LYS A 385 -12.83 -6.72 -23.35
N LYS A 386 -11.64 -6.54 -23.91
CA LYS A 386 -10.43 -7.14 -23.36
C LYS A 386 -10.16 -6.72 -21.91
N LEU A 387 -10.43 -5.46 -21.59
CA LEU A 387 -10.22 -4.96 -20.24
C LEU A 387 -11.23 -5.57 -19.29
N ALA A 388 -12.47 -5.74 -19.75
CA ALA A 388 -13.49 -6.42 -18.93
C ALA A 388 -13.12 -7.89 -18.72
N GLU A 389 -12.67 -8.57 -19.78
CA GLU A 389 -12.37 -10.02 -19.68
C GLU A 389 -11.08 -10.32 -18.93
N GLU A 390 -9.98 -9.67 -19.31
CA GLU A 390 -8.68 -9.94 -18.69
C GLU A 390 -8.43 -9.11 -17.44
N GLY A 391 -9.01 -7.91 -17.37
CA GLY A 391 -8.86 -7.04 -16.20
C GLY A 391 -7.59 -6.19 -16.22
N PHE A 392 -7.24 -5.62 -15.08
CA PHE A 392 -6.05 -4.77 -14.98
C PHE A 392 -5.01 -5.41 -14.06
N ASP A 393 -3.76 -5.42 -14.50
CA ASP A 393 -2.65 -5.87 -13.64
C ASP A 393 -2.64 -5.11 -12.31
N ASN A 394 -2.31 -5.82 -11.25
CA ASN A 394 -2.24 -5.24 -9.93
C ASN A 394 -1.22 -4.09 -9.75
N ASP A 395 -0.14 -4.08 -10.54
CA ASP A 395 0.83 -2.97 -10.55
C ASP A 395 0.20 -1.69 -11.14
N ALA A 396 -0.68 -1.85 -12.12
CA ALA A 396 -1.40 -0.73 -12.72
C ALA A 396 -2.38 -0.17 -11.70
N VAL A 397 -3.13 -1.06 -11.06
CA VAL A 397 -4.09 -0.68 -10.04
C VAL A 397 -3.43 0.04 -8.86
N GLU A 398 -2.28 -0.45 -8.41
CA GLU A 398 -1.50 0.18 -7.34
C GLU A 398 -0.93 1.57 -7.71
N ALA A 399 -0.51 1.71 -8.97
CA ALA A 399 -0.09 3.00 -9.48
C ALA A 399 -1.21 4.02 -9.45
N SER A 400 -2.38 3.68 -10.00
CA SER A 400 -3.55 4.55 -9.96
C SER A 400 -3.95 4.91 -8.55
N MSE A 401 -3.92 3.93 -7.65
CA MSE A 401 -4.33 4.17 -6.26
C MSE A 401 -3.37 5.11 -5.54
O MSE A 401 -3.82 6.02 -4.84
CB MSE A 401 -4.45 2.84 -5.51
CG MSE A 401 -4.87 2.99 -4.05
SE MSE A 401 -6.69 3.75 -3.83
CE MSE A 401 -7.73 2.02 -4.27
N ASN A 402 -2.07 4.89 -5.69
CA ASN A 402 -1.08 5.82 -5.11
C ASN A 402 -1.19 7.22 -5.67
N THR A 403 -1.23 7.30 -6.99
CA THR A 403 -1.33 8.55 -7.73
C THR A 403 -2.55 9.31 -7.25
N ILE A 404 -3.67 8.61 -7.14
CA ILE A 404 -4.92 9.24 -6.75
C ILE A 404 -4.83 9.71 -5.31
N GLU A 405 -4.34 8.83 -4.41
CA GLU A 405 -4.24 9.15 -2.99
C GLU A 405 -3.27 10.30 -2.77
N PHE A 406 -2.13 10.26 -3.45
CA PHE A 406 -1.20 11.41 -3.47
C PHE A 406 -1.87 12.73 -3.86
N SER A 407 -2.56 12.80 -5.00
CA SER A 407 -3.14 14.07 -5.46
C SER A 407 -4.22 14.61 -4.52
N LEU A 408 -5.05 13.72 -3.99
CA LEU A 408 -6.08 14.15 -3.04
C LEU A 408 -5.45 14.72 -1.78
N ARG A 409 -4.35 14.12 -1.33
CA ARG A 409 -3.65 14.63 -0.15
C ARG A 409 -2.95 15.96 -0.43
N GLU A 410 -2.33 16.05 -1.61
CA GLU A 410 -1.58 17.25 -1.94
C GLU A 410 -2.54 18.42 -2.19
N ASN A 411 -3.64 18.14 -2.89
CA ASN A 411 -4.64 19.15 -3.24
C ASN A 411 -4.01 20.38 -3.90
N ASN A 412 -3.22 20.12 -4.93
CA ASN A 412 -2.51 21.15 -5.65
C ASN A 412 -3.39 21.60 -6.79
N THR A 413 -4.08 22.71 -6.59
CA THR A 413 -5.00 23.25 -7.59
C THR A 413 -4.31 24.32 -8.47
N GLY A 414 -3.00 24.47 -8.32
CA GLY A 414 -2.24 25.55 -9.00
C GLY A 414 -2.65 26.94 -8.51
N SER A 415 -2.97 27.81 -9.45
CA SER A 415 -3.39 29.17 -9.18
C SER A 415 -4.92 29.25 -9.07
N PHE A 416 -5.58 28.11 -9.20
CA PHE A 416 -7.00 27.98 -9.01
C PHE A 416 -7.26 27.79 -7.51
N PRO A 417 -8.12 28.62 -6.89
CA PRO A 417 -8.26 28.47 -5.43
C PRO A 417 -8.81 27.11 -5.02
N ARG A 418 -8.23 26.55 -3.95
CA ARG A 418 -8.72 25.32 -3.31
C ARG A 418 -10.18 25.44 -2.95
N GLY A 419 -10.60 26.64 -2.52
CA GLY A 419 -12.00 26.81 -2.14
C GLY A 419 -12.91 26.76 -3.33
N LEU A 420 -12.37 27.12 -4.50
CA LEU A 420 -13.18 27.12 -5.71
C LEU A 420 -13.36 25.72 -6.25
N SER A 421 -12.27 24.98 -6.30
CA SER A 421 -12.29 23.58 -6.64
C SER A 421 -13.32 22.80 -5.75
N LEU A 422 -13.31 23.06 -4.46
CA LEU A 422 -14.33 22.46 -3.58
C LEU A 422 -15.77 22.86 -3.94
N MSE A 423 -16.01 24.15 -4.14
CA MSE A 423 -17.33 24.66 -4.54
C MSE A 423 -17.89 23.93 -5.73
O MSE A 423 -19.07 23.56 -5.76
CB MSE A 423 -17.25 26.16 -4.88
CG MSE A 423 -18.58 26.74 -5.34
SE MSE A 423 -18.40 28.62 -5.90
CE MSE A 423 -18.60 28.42 -7.88
N LEU A 424 -17.05 23.77 -6.75
CA LEU A 424 -17.44 23.16 -7.99
C LEU A 424 -17.76 21.67 -7.81
N GLN A 425 -17.03 20.98 -6.92
CA GLN A 425 -17.35 19.61 -6.55
C GLN A 425 -18.72 19.54 -5.87
N SER A 426 -18.91 20.38 -4.84
CA SER A 426 -20.20 20.45 -4.10
C SER A 426 -21.37 20.76 -5.04
N ILE A 427 -21.21 21.80 -5.84
CA ILE A 427 -22.25 22.27 -6.74
C ILE A 427 -22.67 21.19 -7.76
N SER A 428 -21.77 20.27 -8.11
CA SER A 428 -22.07 19.27 -9.15
C SER A 428 -23.16 18.30 -8.70
N LYS A 429 -23.38 18.22 -7.39
CA LYS A 429 -24.51 17.43 -6.84
C LYS A 429 -25.60 18.33 -6.27
N TRP A 430 -25.19 19.41 -5.60
CA TRP A 430 -26.10 20.36 -4.96
C TRP A 430 -27.15 20.96 -5.93
N ILE A 431 -26.70 21.29 -7.13
CA ILE A 431 -27.52 21.89 -8.17
C ILE A 431 -28.64 20.96 -8.66
N TYR A 432 -28.46 19.66 -8.49
CA TYR A 432 -29.50 18.66 -8.79
C TYR A 432 -30.26 18.22 -7.52
N ASP A 433 -30.21 19.06 -6.49
CA ASP A 433 -30.94 18.84 -5.22
C ASP A 433 -30.46 17.60 -4.49
N MSE A 434 -29.19 17.27 -4.62
CA MSE A 434 -28.59 16.18 -3.88
C MSE A 434 -27.71 16.75 -2.79
O MSE A 434 -27.58 17.97 -2.68
CB MSE A 434 -27.81 15.26 -4.82
CG MSE A 434 -28.68 14.60 -5.84
SE MSE A 434 -27.66 13.53 -7.10
CE MSE A 434 -27.00 14.87 -8.21
N ASP A 435 -27.13 15.89 -1.97
CA ASP A 435 -26.33 16.35 -0.84
C ASP A 435 -25.07 17.13 -1.23
N PRO A 436 -24.91 18.38 -0.74
CA PRO A 436 -23.73 19.19 -1.05
C PRO A 436 -22.45 18.86 -0.25
N PHE A 437 -22.58 18.10 0.84
CA PHE A 437 -21.43 17.69 1.66
C PHE A 437 -20.73 16.45 1.09
N GLU A 438 -21.54 15.55 0.54
CA GLU A 438 -21.09 14.23 0.15
C GLU A 438 -19.94 14.25 -0.86
N PRO A 439 -20.05 15.05 -1.95
CA PRO A 439 -18.94 15.04 -2.90
C PRO A 439 -17.62 15.57 -2.32
N LEU A 440 -17.66 16.18 -1.13
CA LEU A 440 -16.47 16.75 -0.49
C LEU A 440 -15.67 15.72 0.27
N LYS A 441 -16.28 14.56 0.50
CA LYS A 441 -15.73 13.51 1.32
C LYS A 441 -15.15 12.45 0.41
N TYR A 442 -14.06 11.83 0.83
CA TYR A 442 -13.42 10.83 -0.02
C TYR A 442 -12.57 9.85 0.77
N THR A 443 -12.21 10.18 2.01
CA THR A 443 -11.33 9.31 2.80
C THR A 443 -11.97 7.94 3.02
N GLU A 444 -13.21 7.93 3.47
CA GLU A 444 -13.91 6.68 3.75
C GLU A 444 -14.26 5.83 2.53
N PRO A 445 -14.88 6.45 1.49
CA PRO A 445 -15.13 5.78 0.21
C PRO A 445 -13.87 5.19 -0.43
N LEU A 446 -12.78 5.93 -0.41
CA LEU A 446 -11.52 5.50 -0.99
C LEU A 446 -10.94 4.27 -0.26
N LYS A 447 -10.88 4.34 1.07
CA LYS A 447 -10.51 3.19 1.90
C LYS A 447 -11.35 1.94 1.57
N ALA A 448 -12.66 2.11 1.41
CA ALA A 448 -13.55 1.01 1.13
C ALA A 448 -13.31 0.39 -0.26
N LEU A 449 -13.03 1.22 -1.24
CA LEU A 449 -12.65 0.73 -2.58
C LEU A 449 -11.35 -0.06 -2.49
N LYS A 450 -10.34 0.51 -1.84
CA LYS A 450 -9.07 -0.19 -1.62
C LYS A 450 -9.33 -1.59 -1.04
N THR A 451 -10.19 -1.66 -0.04
CA THR A 451 -10.50 -2.92 0.63
C THR A 451 -11.20 -3.94 -0.29
N ARG A 452 -12.15 -3.51 -1.10
CA ARG A 452 -12.76 -4.34 -2.14
C ARG A 452 -11.76 -4.89 -3.17
N ILE A 453 -10.77 -4.08 -3.56
CA ILE A 453 -9.78 -4.56 -4.50
C ILE A 453 -8.90 -5.67 -3.91
N ALA A 454 -8.47 -5.50 -2.67
CA ALA A 454 -7.70 -6.54 -1.99
C ALA A 454 -8.51 -7.84 -1.80
N GLU A 455 -9.80 -7.71 -1.47
CA GLU A 455 -10.66 -8.86 -1.12
C GLU A 455 -11.28 -9.60 -2.29
N GLU A 456 -11.59 -8.89 -3.36
CA GLU A 456 -12.29 -9.46 -4.50
C GLU A 456 -11.47 -9.40 -5.77
N GLY A 457 -10.55 -8.46 -5.84
CA GLY A 457 -9.70 -8.33 -7.02
C GLY A 457 -10.26 -7.28 -7.94
N SER A 458 -9.40 -6.69 -8.77
CA SER A 458 -9.80 -5.62 -9.66
C SER A 458 -10.84 -6.06 -10.71
N LYS A 459 -10.72 -7.29 -11.21
CA LYS A 459 -11.71 -7.78 -12.18
C LYS A 459 -13.15 -7.75 -11.62
N ALA A 460 -13.33 -8.18 -10.38
CA ALA A 460 -14.65 -8.18 -9.74
C ALA A 460 -15.20 -6.79 -9.42
N VAL A 461 -14.31 -5.83 -9.25
CA VAL A 461 -14.68 -4.44 -9.00
C VAL A 461 -15.00 -3.69 -10.32
N PHE A 462 -14.09 -3.78 -11.29
CA PHE A 462 -14.18 -2.95 -12.51
C PHE A 462 -14.84 -3.56 -13.74
N SER A 463 -14.78 -4.88 -13.88
CA SER A 463 -15.38 -5.56 -15.02
C SER A 463 -16.93 -5.34 -15.14
N PRO A 464 -17.68 -5.47 -14.03
CA PRO A 464 -19.12 -5.19 -14.11
C PRO A 464 -19.45 -3.75 -14.49
N LEU A 465 -18.61 -2.80 -14.12
CA LEU A 465 -18.82 -1.42 -14.55
C LEU A 465 -18.61 -1.31 -16.06
N ILE A 466 -17.53 -1.87 -16.58
CA ILE A 466 -17.28 -1.84 -18.01
C ILE A 466 -18.42 -2.54 -18.76
N GLU A 467 -18.76 -3.73 -18.29
CA GLU A 467 -19.76 -4.57 -18.93
C GLU A 467 -21.15 -3.91 -18.95
N LYS A 468 -21.66 -3.48 -17.80
CA LYS A 468 -23.04 -3.00 -17.82
C LYS A 468 -23.22 -1.52 -18.18
N LEU A 469 -22.28 -0.67 -17.76
CA LEU A 469 -22.36 0.77 -18.04
C LEU A 469 -21.83 1.17 -19.41
N ILE A 470 -20.98 0.34 -20.00
CA ILE A 470 -20.40 0.64 -21.29
C ILE A 470 -20.75 -0.42 -22.36
N LEU A 471 -20.21 -1.63 -22.24
CA LEU A 471 -20.36 -2.62 -23.31
C LEU A 471 -21.79 -3.02 -23.58
N ASN A 472 -22.53 -3.31 -22.52
CA ASN A 472 -23.92 -3.69 -22.69
C ASN A 472 -24.87 -2.51 -22.64
N ASN A 473 -24.34 -1.29 -22.71
CA ASN A 473 -25.14 -0.07 -22.68
C ASN A 473 -25.54 0.32 -24.09
N SER A 474 -26.83 0.23 -24.39
CA SER A 474 -27.30 0.59 -25.72
C SER A 474 -27.38 2.10 -25.89
N HIS A 475 -27.20 2.87 -24.81
CA HIS A 475 -27.18 4.31 -24.94
C HIS A 475 -25.81 4.80 -25.41
N ARG A 476 -25.55 4.57 -26.68
CA ARG A 476 -24.25 4.77 -27.27
C ARG A 476 -24.43 5.58 -28.53
N VAL A 477 -23.58 6.60 -28.68
CA VAL A 477 -23.54 7.43 -29.86
C VAL A 477 -22.14 7.36 -30.48
N THR A 478 -22.09 6.97 -31.76
CA THR A 478 -20.85 6.99 -32.53
C THR A 478 -20.86 8.16 -33.49
N ILE A 479 -19.81 8.96 -33.42
CA ILE A 479 -19.72 10.14 -34.24
C ILE A 479 -18.48 10.08 -35.11
N GLU A 480 -18.70 10.12 -36.43
CA GLU A 480 -17.62 10.30 -37.38
C GLU A 480 -17.60 11.75 -37.86
N MSE A 481 -16.44 12.37 -37.74
CA MSE A 481 -16.29 13.76 -38.14
C MSE A 481 -15.48 13.75 -39.39
O MSE A 481 -14.46 13.08 -39.47
CB MSE A 481 -15.57 14.58 -37.08
CG MSE A 481 -16.24 14.56 -35.73
SE MSE A 481 -17.67 15.87 -35.73
CE MSE A 481 -16.60 17.43 -36.14
N GLN A 482 -15.94 14.51 -40.39
CA GLN A 482 -15.30 14.55 -41.69
C GLN A 482 -14.98 16.00 -42.01
N PRO A 483 -13.77 16.26 -42.53
CA PRO A 483 -13.36 17.60 -42.96
C PRO A 483 -14.23 18.07 -44.12
N ASP A 484 -14.76 19.29 -44.03
CA ASP A 484 -15.54 19.89 -45.12
C ASP A 484 -14.90 21.22 -45.49
N PRO A 485 -14.23 21.26 -46.66
CA PRO A 485 -13.55 22.47 -47.11
C PRO A 485 -14.50 23.61 -47.45
N GLU A 486 -15.79 23.33 -47.61
CA GLU A 486 -16.78 24.35 -47.99
C GLU A 486 -17.72 24.79 -46.87
N LYS A 487 -17.69 24.09 -45.75
CA LYS A 487 -18.64 24.35 -44.67
C LYS A 487 -18.74 25.83 -44.28
N ALA A 488 -17.58 26.45 -44.09
CA ALA A 488 -17.47 27.81 -43.58
C ALA A 488 -17.98 28.84 -44.60
N THR A 489 -17.61 28.64 -45.86
CA THR A 489 -18.01 29.51 -46.96
C THR A 489 -19.53 29.45 -47.14
N GLN A 490 -20.09 28.26 -47.07
CA GLN A 490 -21.53 28.07 -47.14
C GLN A 490 -22.31 28.72 -46.00
N GLU A 491 -21.73 28.70 -44.79
CA GLU A 491 -22.35 29.35 -43.64
C GLU A 491 -22.33 30.88 -43.75
N GLU A 492 -21.23 31.44 -44.24
CA GLU A 492 -21.13 32.87 -44.54
C GLU A 492 -22.13 33.26 -45.63
N VAL A 493 -22.26 32.38 -46.64
CA VAL A 493 -23.22 32.60 -47.71
C VAL A 493 -24.67 32.68 -47.19
N GLU A 494 -25.06 31.76 -46.29
CA GLU A 494 -26.42 31.78 -45.72
C GLU A 494 -26.66 33.02 -44.84
N GLU A 495 -25.67 33.37 -44.02
CA GLU A 495 -25.80 34.56 -43.18
C GLU A 495 -25.93 35.85 -44.02
N LYS A 496 -25.10 35.97 -45.06
CA LYS A 496 -25.18 37.10 -46.00
C LYS A 496 -26.53 37.21 -46.70
N ASN A 497 -27.07 36.08 -47.17
CA ASN A 497 -28.38 36.06 -47.83
C ASN A 497 -29.50 36.43 -46.85
N ILE A 498 -29.36 36.01 -45.59
CA ILE A 498 -30.33 36.36 -44.55
C ILE A 498 -30.36 37.87 -44.36
N LEU A 499 -29.17 38.45 -44.21
CA LEU A 499 -29.00 39.88 -43.98
C LEU A 499 -29.33 40.72 -45.21
N GLU A 500 -29.20 40.14 -46.40
CA GLU A 500 -29.56 40.87 -47.61
C GLU A 500 -31.07 41.02 -47.68
N LYS A 501 -31.79 40.01 -47.23
CA LYS A 501 -33.25 40.11 -47.10
C LYS A 501 -33.70 41.06 -45.98
N VAL A 502 -32.91 41.16 -44.90
CA VAL A 502 -33.23 42.14 -43.85
C VAL A 502 -33.18 43.54 -44.46
N LYS A 503 -32.04 43.86 -45.08
CA LYS A 503 -31.84 45.15 -45.72
C LYS A 503 -32.94 45.44 -46.78
N ALA A 504 -33.19 44.48 -47.65
CA ALA A 504 -34.19 44.63 -48.72
C ALA A 504 -35.59 44.96 -48.20
N ALA A 505 -35.87 44.57 -46.96
CA ALA A 505 -37.17 44.78 -46.36
C ALA A 505 -37.29 46.13 -45.64
N MSE A 506 -36.24 46.95 -45.71
CA MSE A 506 -36.23 48.22 -44.99
C MSE A 506 -36.33 49.38 -45.94
O MSE A 506 -35.86 49.32 -47.09
CB MSE A 506 -34.97 48.35 -44.13
CG MSE A 506 -34.97 47.49 -42.89
SE MSE A 506 -33.17 47.33 -42.11
CE MSE A 506 -33.33 48.65 -40.65
N THR A 507 -36.95 50.47 -45.46
CA THR A 507 -37.05 51.69 -46.23
C THR A 507 -35.76 52.48 -46.09
N GLU A 508 -35.57 53.46 -46.98
CA GLU A 508 -34.41 54.32 -46.95
C GLU A 508 -34.17 54.93 -45.58
N GLU A 509 -35.24 55.35 -44.91
CA GLU A 509 -35.12 55.91 -43.57
C GLU A 509 -34.87 54.87 -42.47
N ASP A 510 -35.39 53.65 -42.62
CA ASP A 510 -35.02 52.57 -41.73
C ASP A 510 -33.49 52.40 -41.75
N LEU A 511 -32.90 52.43 -42.95
CA LEU A 511 -31.45 52.24 -43.11
C LEU A 511 -30.62 53.41 -42.62
N ALA A 512 -31.11 54.64 -42.81
CA ALA A 512 -30.46 55.81 -42.23
C ALA A 512 -30.49 55.78 -40.69
N GLU A 513 -31.61 55.37 -40.12
CA GLU A 513 -31.73 55.19 -38.66
C GLU A 513 -30.73 54.15 -38.11
N LEU A 514 -30.60 53.00 -38.79
CA LEU A 514 -29.67 51.93 -38.37
C LEU A 514 -28.20 52.34 -38.49
N ALA A 515 -27.83 53.01 -39.58
CA ALA A 515 -26.50 53.61 -39.71
C ALA A 515 -26.20 54.62 -38.59
N ARG A 516 -27.23 55.36 -38.14
CA ARG A 516 -27.10 56.28 -37.01
C ARG A 516 -27.00 55.57 -35.66
N ALA A 517 -27.76 54.49 -35.48
CA ALA A 517 -27.62 53.68 -34.26
C ALA A 517 -26.22 53.04 -34.20
N THR A 518 -25.67 52.71 -35.37
CA THR A 518 -24.35 52.11 -35.45
C THR A 518 -23.28 53.11 -35.01
N GLU A 519 -23.26 54.29 -35.61
CA GLU A 519 -22.29 55.33 -35.24
C GLU A 519 -22.42 55.72 -33.78
N GLU A 520 -23.65 55.81 -33.29
CA GLU A 520 -23.93 56.10 -31.88
C GLU A 520 -23.32 55.04 -30.94
N LEU A 521 -23.57 53.76 -31.24
CA LEU A 521 -23.01 52.67 -30.45
C LEU A 521 -21.47 52.71 -30.45
N LYS A 522 -20.86 52.84 -31.63
CA LYS A 522 -19.40 52.92 -31.75
C LYS A 522 -18.81 54.01 -30.88
N LEU A 523 -19.46 55.17 -30.84
CA LEU A 523 -18.95 56.31 -30.06
C LEU A 523 -19.09 56.05 -28.56
N LYS A 524 -20.17 55.38 -28.17
CA LYS A 524 -20.44 55.05 -26.79
C LYS A 524 -19.35 54.11 -26.24
N GLN A 525 -19.02 53.06 -26.98
CA GLN A 525 -18.08 52.06 -26.50
C GLN A 525 -16.61 52.48 -26.65
N GLU A 526 -16.38 53.53 -27.42
CA GLU A 526 -15.06 54.12 -27.55
C GLU A 526 -14.86 55.33 -26.63
N THR A 527 -15.87 55.62 -25.83
CA THR A 527 -15.81 56.72 -24.87
C THR A 527 -15.75 56.10 -23.47
N PRO A 528 -14.58 56.17 -22.82
CA PRO A 528 -14.48 55.57 -21.47
C PRO A 528 -15.32 56.33 -20.47
N ASP A 529 -15.80 55.64 -19.43
CA ASP A 529 -16.38 56.33 -18.28
C ASP A 529 -15.31 57.23 -17.67
N PRO A 530 -15.67 58.44 -17.24
CA PRO A 530 -14.66 59.31 -16.66
C PRO A 530 -14.29 58.88 -15.24
N PRO A 531 -13.12 59.32 -14.74
CA PRO A 531 -12.71 58.98 -13.39
C PRO A 531 -13.79 59.26 -12.35
N GLU A 532 -14.56 60.34 -12.53
CA GLU A 532 -15.64 60.67 -11.62
C GLU A 532 -16.62 59.51 -11.48
N ALA A 533 -16.91 58.83 -12.58
CA ALA A 533 -17.92 57.74 -12.61
C ALA A 533 -17.39 56.50 -11.90
N LEU A 534 -16.14 56.16 -12.19
CA LEU A 534 -15.48 54.97 -11.67
C LEU A 534 -15.26 55.00 -10.16
N ARG A 535 -15.53 56.16 -9.56
CA ARG A 535 -15.45 56.34 -8.11
C ARG A 535 -16.47 55.50 -7.32
N CYS A 536 -17.57 55.08 -7.95
CA CYS A 536 -18.56 54.19 -7.31
C CYS A 536 -17.98 52.82 -6.91
N VAL A 537 -16.91 52.41 -7.60
CA VAL A 537 -16.27 51.12 -7.31
C VAL A 537 -15.15 51.40 -6.33
N PRO A 538 -15.26 50.87 -5.12
CA PRO A 538 -14.27 51.24 -4.11
C PRO A 538 -12.93 50.53 -4.30
N SER A 539 -11.88 51.04 -3.65
CA SER A 539 -10.57 50.42 -3.69
C SER A 539 -9.90 50.50 -2.33
N LEU A 540 -8.85 49.71 -2.15
CA LEU A 540 -8.04 49.76 -0.93
C LEU A 540 -7.24 51.04 -0.91
N ASN A 541 -6.65 51.35 0.24
CA ASN A 541 -5.72 52.47 0.37
C ASN A 541 -4.35 51.93 0.00
N LEU A 542 -3.51 52.78 -0.59
CA LEU A 542 -2.13 52.40 -0.86
C LEU A 542 -1.40 51.99 0.41
N GLY A 543 -1.94 52.41 1.54
CA GLY A 543 -1.40 52.05 2.86
C GLY A 543 -1.83 50.67 3.33
N ASP A 544 -2.86 50.11 2.71
CA ASP A 544 -3.33 48.76 3.05
C ASP A 544 -2.43 47.69 2.42
N ILE A 545 -1.41 48.14 1.69
CA ILE A 545 -0.57 47.25 0.88
C ILE A 545 0.79 47.06 1.54
N PRO A 546 1.17 45.78 1.81
CA PRO A 546 2.48 45.50 2.38
C PRO A 546 3.57 46.14 1.52
N LYS A 547 4.53 46.80 2.15
CA LYS A 547 5.63 47.40 1.41
C LYS A 547 6.65 46.35 0.95
N GLU A 548 6.57 45.14 1.49
CA GLU A 548 7.48 44.05 1.12
C GLU A 548 6.80 42.93 0.31
N PRO A 549 7.55 42.32 -0.63
CA PRO A 549 7.09 41.14 -1.36
C PRO A 549 6.75 40.00 -0.42
N THR A 550 6.05 38.99 -0.94
CA THR A 550 5.76 37.80 -0.16
C THR A 550 7.07 37.10 0.24
N TYR A 551 7.23 36.82 1.53
CA TYR A 551 8.44 36.18 2.02
C TYR A 551 8.49 34.70 1.68
N VAL A 552 9.54 34.33 0.96
CA VAL A 552 9.82 32.92 0.67
C VAL A 552 11.22 32.59 1.17
N PRO A 553 11.30 31.74 2.20
CA PRO A 553 12.58 31.33 2.76
C PRO A 553 13.41 30.66 1.68
N THR A 554 14.49 31.32 1.24
CA THR A 554 15.46 30.68 0.35
C THR A 554 16.81 30.59 1.07
N GLU A 555 17.45 29.44 0.94
CA GLU A 555 18.80 29.25 1.42
C GLU A 555 19.64 28.69 0.29
N VAL A 556 20.66 29.44 -0.10
CA VAL A 556 21.59 28.98 -1.14
C VAL A 556 22.72 28.19 -0.48
N GLY A 557 22.94 26.99 -0.99
CA GLY A 557 23.89 26.02 -0.44
C GLY A 557 24.63 25.30 -1.54
N ASP A 558 25.23 24.16 -1.20
CA ASP A 558 26.21 23.48 -2.05
C ASP A 558 26.28 21.99 -1.71
N ILE A 559 26.10 21.11 -2.71
CA ILE A 559 26.03 19.64 -2.49
C ILE A 559 26.67 18.87 -3.66
N ASN A 560 27.81 18.22 -3.41
CA ASN A 560 28.62 17.58 -4.49
C ASN A 560 29.08 18.54 -5.60
N GLY A 561 29.47 19.76 -5.22
CA GLY A 561 29.96 20.79 -6.14
C GLY A 561 28.87 21.31 -7.06
N VAL A 562 27.70 21.59 -6.49
CA VAL A 562 26.48 21.92 -7.23
C VAL A 562 25.62 22.88 -6.42
N LYS A 563 25.16 23.96 -7.05
CA LYS A 563 24.28 24.93 -6.39
C LYS A 563 22.92 24.33 -6.02
N VAL A 564 22.53 24.50 -4.77
CA VAL A 564 21.29 23.96 -4.26
C VAL A 564 20.50 25.05 -3.55
N LEU A 565 19.24 25.24 -3.94
CA LEU A 565 18.36 26.19 -3.29
C LEU A 565 17.34 25.45 -2.44
N ARG A 566 17.24 25.81 -1.17
CA ARG A 566 16.35 25.16 -0.25
C ARG A 566 15.28 26.14 0.23
N HIS A 567 14.02 25.70 0.19
CA HIS A 567 12.90 26.51 0.68
C HIS A 567 12.16 25.74 1.75
N ASP A 568 12.28 26.25 2.99
CA ASP A 568 11.75 25.57 4.15
C ASP A 568 10.32 26.04 4.34
N LEU A 569 9.39 25.25 3.82
CA LEU A 569 7.97 25.60 3.85
C LEU A 569 7.18 24.39 4.27
N PHE A 570 6.08 24.60 5.00
CA PHE A 570 5.15 23.50 5.25
C PHE A 570 4.58 22.99 3.91
N THR A 571 4.76 21.69 3.65
CA THR A 571 4.30 21.09 2.41
C THR A 571 3.43 19.86 2.62
N ASN A 572 3.00 19.63 3.87
CA ASN A 572 2.26 18.44 4.22
C ASN A 572 3.06 17.15 3.94
N ASP A 573 4.37 17.16 4.27
CA ASP A 573 5.26 15.98 4.19
C ASP A 573 5.63 15.53 2.75
N ILE A 574 5.51 16.46 1.82
CA ILE A 574 5.81 16.25 0.42
C ILE A 574 7.11 16.97 0.14
N ILE A 575 7.90 16.39 -0.74
CA ILE A 575 9.07 17.07 -1.21
C ILE A 575 8.90 17.43 -2.69
N TYR A 576 9.17 18.69 -3.01
CA TYR A 576 9.17 19.14 -4.41
C TYR A 576 10.57 19.41 -4.83
N THR A 577 11.00 18.78 -5.91
CA THR A 577 12.34 19.03 -6.40
C THR A 577 12.32 19.40 -7.89
N GLU A 578 13.22 20.31 -8.26
CA GLU A 578 13.50 20.61 -9.68
C GLU A 578 15.01 20.47 -9.84
N VAL A 579 15.44 19.70 -10.81
CA VAL A 579 16.86 19.59 -11.14
C VAL A 579 16.97 20.23 -12.52
N VAL A 580 17.83 21.24 -12.61
CA VAL A 580 17.91 22.11 -13.78
C VAL A 580 19.24 21.86 -14.53
N PHE A 581 19.14 21.34 -15.75
CA PHE A 581 20.31 21.18 -16.63
C PHE A 581 20.33 22.24 -17.72
N ASP A 582 21.51 22.60 -18.16
CA ASP A 582 21.70 23.69 -19.12
C ASP A 582 21.78 23.16 -20.55
N ILE A 583 20.97 23.75 -21.46
CA ILE A 583 21.01 23.44 -22.91
C ILE A 583 21.47 24.62 -23.78
N GLY A 584 22.15 25.59 -23.14
CA GLY A 584 22.58 26.81 -23.81
C GLY A 584 23.45 26.52 -25.02
N SER A 585 24.31 25.51 -24.89
CA SER A 585 25.29 25.21 -25.94
C SER A 585 24.98 23.99 -26.81
N LEU A 586 23.77 23.44 -26.70
CA LEU A 586 23.30 22.41 -27.63
C LEU A 586 23.45 22.87 -29.06
N LYS A 587 23.95 21.98 -29.92
CA LYS A 587 24.02 22.23 -31.35
C LYS A 587 22.64 22.60 -31.85
N HIS A 588 22.59 23.57 -32.74
CA HIS A 588 21.36 24.15 -33.24
C HIS A 588 20.49 23.12 -33.95
N GLU A 589 21.15 22.18 -34.62
CA GLU A 589 20.48 21.07 -35.28
C GLU A 589 19.72 20.18 -34.27
N LEU A 590 20.12 20.25 -33.00
CA LEU A 590 19.48 19.42 -31.97
C LEU A 590 18.32 20.10 -31.28
N LEU A 591 18.35 21.44 -31.21
CA LEU A 591 17.30 22.23 -30.55
C LEU A 591 15.86 21.79 -30.83
N PRO A 592 15.46 21.63 -32.12
CA PRO A 592 14.06 21.30 -32.37
C PRO A 592 13.65 19.90 -31.89
N LEU A 593 14.62 19.09 -31.49
CA LEU A 593 14.33 17.72 -31.10
C LEU A 593 14.22 17.62 -29.57
N VAL A 594 14.45 18.74 -28.89
CA VAL A 594 14.43 18.77 -27.44
C VAL A 594 13.04 18.34 -26.86
N PRO A 595 11.93 18.91 -27.37
CA PRO A 595 10.63 18.48 -26.83
C PRO A 595 10.33 17.00 -27.01
N LEU A 596 10.65 16.43 -28.16
CA LEU A 596 10.52 14.98 -28.37
C LEU A 596 11.52 14.19 -27.54
N PHE A 597 12.67 14.78 -27.26
CA PHE A 597 13.65 14.21 -26.33
C PHE A 597 13.04 14.05 -24.93
N CYS A 598 12.38 15.10 -24.47
CA CYS A 598 11.75 15.12 -23.16
C CYS A 598 10.64 14.05 -23.10
N GLN A 599 9.85 13.95 -24.17
CA GLN A 599 8.82 12.93 -24.23
C GLN A 599 9.39 11.50 -24.23
N SER A 600 10.48 11.27 -24.97
CA SER A 600 11.13 9.97 -25.04
C SER A 600 11.64 9.52 -23.68
N LEU A 601 12.21 10.43 -22.91
CA LEU A 601 12.66 10.09 -21.55
C LEU A 601 11.51 9.47 -20.73
N LEU A 602 10.29 10.00 -20.94
CA LEU A 602 9.15 9.65 -20.12
C LEU A 602 8.26 8.52 -20.69
N GLU A 603 8.41 8.19 -21.97
CA GLU A 603 7.56 7.19 -22.62
C GLU A 603 8.35 6.13 -23.42
N MSE A 604 9.59 5.86 -23.01
CA MSE A 604 10.34 4.68 -23.51
C MSE A 604 10.87 3.87 -22.32
O MSE A 604 10.92 4.38 -21.20
CB MSE A 604 11.46 5.07 -24.49
CG MSE A 604 10.96 5.63 -25.81
SE MSE A 604 12.49 5.99 -26.98
CE MSE A 604 11.70 6.84 -28.52
N GLY A 605 11.21 2.60 -22.57
CA GLY A 605 11.76 1.73 -21.53
C GLY A 605 13.28 1.80 -21.40
N THR A 606 13.83 1.02 -20.47
CA THR A 606 15.27 0.98 -20.21
C THR A 606 15.82 -0.34 -20.77
N LYS A 607 17.08 -0.69 -20.46
CA LYS A 607 17.62 -2.02 -20.83
C LYS A 607 16.81 -3.15 -20.16
N ASP A 608 16.29 -2.85 -18.96
CA ASP A 608 15.73 -3.83 -18.03
C ASP A 608 14.21 -3.78 -17.89
N LEU A 609 13.61 -2.62 -18.17
CA LEU A 609 12.17 -2.38 -17.95
C LEU A 609 11.51 -1.82 -19.19
N THR A 610 10.28 -2.22 -19.44
CA THR A 610 9.49 -1.57 -20.49
C THR A 610 9.05 -0.17 -20.00
N PHE A 611 8.54 0.64 -20.90
CA PHE A 611 8.08 1.95 -20.51
C PHE A 611 6.88 1.83 -19.58
N VAL A 612 6.05 0.81 -19.76
CA VAL A 612 4.90 0.59 -18.86
C VAL A 612 5.40 0.31 -17.43
N GLN A 613 6.40 -0.57 -17.31
CA GLN A 613 6.93 -0.92 -15.98
C GLN A 613 7.55 0.28 -15.28
N LEU A 614 8.26 1.11 -16.03
CA LEU A 614 8.85 2.32 -15.45
C LEU A 614 7.77 3.33 -15.04
N ASN A 615 6.80 3.54 -15.90
CA ASN A 615 5.72 4.47 -15.59
C ASN A 615 4.98 4.00 -14.33
N GLN A 616 4.64 2.73 -14.27
CA GLN A 616 3.99 2.17 -13.07
C GLN A 616 4.82 2.30 -11.79
N LEU A 617 6.13 2.22 -11.91
CA LEU A 617 7.02 2.44 -10.76
C LEU A 617 6.90 3.86 -10.28
N ILE A 618 6.93 4.77 -11.24
CA ILE A 618 6.82 6.19 -10.98
C ILE A 618 5.45 6.51 -10.38
N GLY A 619 4.39 5.90 -10.93
CA GLY A 619 3.03 6.08 -10.44
C GLY A 619 2.79 5.51 -9.07
N ARG A 620 3.47 4.41 -8.76
CA ARG A 620 3.34 3.76 -7.47
C ARG A 620 4.11 4.45 -6.34
N LYS A 621 5.28 4.99 -6.67
CA LYS A 621 6.19 5.52 -5.63
C LYS A 621 6.26 7.02 -5.49
N THR A 622 5.83 7.77 -6.50
CA THR A 622 5.96 9.22 -6.46
C THR A 622 4.65 9.93 -6.81
N GLY A 623 4.70 11.26 -6.79
CA GLY A 623 3.61 12.10 -7.24
C GLY A 623 3.76 12.55 -8.68
N GLY A 624 4.77 12.01 -9.35
CA GLY A 624 4.96 12.24 -10.77
C GLY A 624 6.29 12.93 -11.03
N ILE A 625 6.80 12.78 -12.24
CA ILE A 625 8.00 13.47 -12.71
C ILE A 625 7.72 14.04 -14.11
N SER A 626 8.08 15.30 -14.34
CA SER A 626 8.02 15.86 -15.69
C SER A 626 9.39 16.40 -16.11
N VAL A 627 9.58 16.50 -17.42
CA VAL A 627 10.84 16.94 -18.04
C VAL A 627 10.39 17.91 -19.13
N TYR A 628 10.88 19.14 -19.06
CA TYR A 628 10.52 20.14 -20.06
C TYR A 628 11.57 21.23 -20.21
N PRO A 629 11.62 21.86 -21.41
CA PRO A 629 12.56 22.96 -21.61
C PRO A 629 12.04 24.25 -21.00
N LEU A 630 12.96 25.09 -20.56
CA LEU A 630 12.62 26.44 -20.14
C LEU A 630 13.60 27.41 -20.81
N THR A 631 13.09 28.51 -21.36
CA THR A 631 13.98 29.42 -22.10
C THR A 631 13.55 30.85 -21.87
N SER A 632 14.50 31.68 -21.48
CA SER A 632 14.21 33.09 -21.25
C SER A 632 15.44 33.96 -21.47
N SER A 633 15.20 35.24 -21.79
CA SER A 633 16.24 36.28 -21.68
C SER A 633 16.54 36.56 -20.21
N VAL A 634 17.70 37.17 -19.98
CA VAL A 634 18.16 37.58 -18.66
C VAL A 634 18.49 39.07 -18.81
N ARG A 635 17.88 39.90 -17.96
CA ARG A 635 18.07 41.34 -18.08
C ARG A 635 19.52 41.70 -17.82
N GLY A 636 20.13 42.36 -18.79
CA GLY A 636 21.51 42.81 -18.66
C GLY A 636 22.53 42.02 -19.46
N LYS A 637 22.14 40.86 -19.97
CA LYS A 637 23.08 40.06 -20.75
C LYS A 637 22.52 39.56 -22.06
N ASP A 638 23.43 39.33 -22.99
CA ASP A 638 23.12 38.74 -24.28
C ASP A 638 22.87 37.24 -24.10
N GLU A 639 23.54 36.62 -23.14
CA GLU A 639 23.40 35.16 -22.95
C GLU A 639 22.03 34.73 -22.34
N PRO A 640 21.31 33.85 -23.05
CA PRO A 640 19.98 33.44 -22.61
C PRO A 640 20.06 32.44 -21.47
N CYS A 641 19.01 32.37 -20.66
CA CYS A 641 18.84 31.26 -19.73
C CYS A 641 18.12 30.16 -20.49
N SER A 642 18.78 29.01 -20.69
CA SER A 642 18.22 27.96 -21.54
C SER A 642 18.41 26.58 -20.91
N LYS A 643 17.32 26.02 -20.37
CA LYS A 643 17.42 24.86 -19.50
C LYS A 643 16.49 23.73 -19.88
N ILE A 644 16.85 22.50 -19.49
CA ILE A 644 15.86 21.44 -19.39
C ILE A 644 15.63 21.15 -17.89
N ILE A 645 14.38 21.16 -17.46
CA ILE A 645 14.04 21.00 -16.05
C ILE A 645 13.41 19.63 -15.83
N VAL A 646 13.89 18.94 -14.80
CA VAL A 646 13.33 17.66 -14.36
C VAL A 646 12.69 17.95 -13.01
N ARG A 647 11.38 17.84 -13.03
CA ARG A 647 10.59 18.33 -11.92
C ARG A 647 9.89 17.11 -11.34
N GLY A 648 10.11 16.87 -10.06
CA GLY A 648 9.60 15.66 -9.44
C GLY A 648 9.00 15.98 -8.09
N LYS A 649 8.08 15.12 -7.63
CA LYS A 649 7.56 15.25 -6.27
C LYS A 649 7.20 13.87 -5.70
N SER A 650 7.27 13.73 -4.38
CA SER A 650 6.89 12.46 -3.74
C SER A 650 6.63 12.74 -2.29
N MSE A 651 6.16 11.73 -1.55
CA MSE A 651 6.15 11.81 -0.09
C MSE A 651 7.60 11.92 0.37
O MSE A 651 8.50 11.39 -0.32
CB MSE A 651 5.50 10.56 0.54
CG MSE A 651 4.02 10.41 0.24
SE MSE A 651 2.93 11.91 0.89
CE MSE A 651 3.32 11.71 2.90
N ALA A 652 7.86 12.62 1.48
CA ALA A 652 9.22 12.79 1.93
C ALA A 652 9.89 11.43 2.23
N GLY A 653 9.10 10.46 2.70
CA GLY A 653 9.57 9.12 2.95
C GLY A 653 9.94 8.32 1.71
N ARG A 654 9.56 8.82 0.53
CA ARG A 654 9.89 8.17 -0.74
C ARG A 654 10.88 8.99 -1.58
N ALA A 655 11.56 9.95 -0.95
CA ALA A 655 12.51 10.82 -1.66
C ALA A 655 13.60 10.01 -2.36
N ASP A 656 14.16 9.08 -1.60
CA ASP A 656 15.04 8.02 -2.11
C ASP A 656 14.53 7.37 -3.42
N ASP A 657 13.26 6.94 -3.44
CA ASP A 657 12.68 6.34 -4.66
C ASP A 657 12.54 7.39 -5.75
N LEU A 658 12.17 8.62 -5.37
CA LEU A 658 12.06 9.72 -6.34
C LEU A 658 13.38 9.96 -7.08
N PHE A 659 14.47 10.12 -6.34
CA PHE A 659 15.76 10.38 -6.99
C PHE A 659 16.33 9.19 -7.73
N ASN A 660 16.10 7.98 -7.20
CA ASN A 660 16.43 6.76 -7.95
C ASN A 660 15.74 6.73 -9.32
N LEU A 661 14.43 6.99 -9.32
CA LEU A 661 13.65 6.96 -10.58
C LEU A 661 14.03 8.05 -11.60
N MSE A 662 14.32 9.25 -11.09
CA MSE A 662 14.79 10.36 -11.93
C MSE A 662 16.10 10.02 -12.63
O MSE A 662 16.27 10.30 -13.82
CB MSE A 662 14.92 11.64 -11.10
CG MSE A 662 13.59 12.30 -10.73
SE MSE A 662 13.77 13.79 -9.45
CE MSE A 662 15.34 14.68 -10.39
N ASN A 663 17.03 9.38 -11.91
CA ASN A 663 18.28 8.96 -12.49
C ASN A 663 18.03 7.87 -13.56
N CYS A 664 17.07 7.00 -13.26
CA CYS A 664 16.67 5.93 -14.14
C CYS A 664 16.14 6.47 -15.47
N LEU A 665 15.19 7.41 -15.39
CA LEU A 665 14.70 8.14 -16.53
C LEU A 665 15.83 8.80 -17.30
N LEU A 666 16.61 9.62 -16.60
CA LEU A 666 17.63 10.44 -17.25
C LEU A 666 18.72 9.64 -17.93
N GLN A 667 19.19 8.61 -17.22
CA GLN A 667 20.37 7.88 -17.65
C GLN A 667 20.12 6.50 -18.26
N GLU A 668 19.04 5.81 -17.87
CA GLU A 668 18.84 4.41 -18.33
C GLU A 668 17.87 4.21 -19.48
N VAL A 669 16.99 5.17 -19.73
CA VAL A 669 16.06 5.02 -20.84
C VAL A 669 16.87 4.92 -22.13
N GLN A 670 16.43 4.04 -23.02
CA GLN A 670 17.13 3.77 -24.26
C GLN A 670 16.29 4.30 -25.39
N PHE A 671 16.97 4.97 -26.31
CA PHE A 671 16.30 5.66 -27.39
C PHE A 671 16.20 4.79 -28.60
N THR A 672 15.42 3.72 -28.45
CA THR A 672 15.33 2.65 -29.44
C THR A 672 13.91 2.39 -29.96
N ASP A 673 12.91 3.05 -29.39
CA ASP A 673 11.54 2.76 -29.74
C ASP A 673 11.07 3.60 -30.94
N GLN A 674 11.37 3.09 -32.14
CA GLN A 674 11.04 3.79 -33.39
C GLN A 674 9.55 4.09 -33.53
N GLN A 675 8.71 3.12 -33.19
CA GLN A 675 7.28 3.23 -33.42
C GLN A 675 6.63 4.23 -32.47
N ARG A 676 7.02 4.20 -31.19
CA ARG A 676 6.56 5.18 -30.20
C ARG A 676 7.01 6.55 -30.57
N PHE A 677 8.24 6.65 -31.07
CA PHE A 677 8.72 7.94 -31.52
C PHE A 677 7.89 8.46 -32.68
N LYS A 678 7.49 7.59 -33.62
CA LYS A 678 6.59 8.00 -34.73
C LYS A 678 5.27 8.54 -34.21
N GLN A 679 4.71 7.87 -33.20
CA GLN A 679 3.48 8.36 -32.61
C GLN A 679 3.65 9.69 -31.85
N PHE A 680 4.80 9.94 -31.21
CA PHE A 680 5.06 11.25 -30.62
C PHE A 680 4.98 12.35 -31.67
N VAL A 681 5.60 12.10 -32.83
CA VAL A 681 5.56 13.04 -33.94
C VAL A 681 4.11 13.41 -34.37
N SER A 682 3.28 12.40 -34.61
CA SER A 682 1.88 12.61 -35.02
C SER A 682 1.10 13.38 -33.97
N GLN A 683 1.25 12.97 -32.71
CA GLN A 683 0.62 13.65 -31.58
C GLN A 683 1.01 15.11 -31.58
N SER A 684 2.31 15.37 -31.79
CA SER A 684 2.86 16.73 -31.74
C SER A 684 2.32 17.56 -32.88
N ARG A 685 2.27 16.97 -34.07
CA ARG A 685 1.69 17.61 -35.24
C ARG A 685 0.23 17.99 -34.97
N ALA A 686 -0.57 17.04 -34.49
CA ALA A 686 -1.95 17.32 -34.08
C ALA A 686 -2.05 18.53 -33.14
N ARG A 687 -1.28 18.47 -32.05
CA ARG A 687 -1.22 19.51 -31.03
C ARG A 687 -0.86 20.88 -31.60
N MSE A 688 0.17 20.93 -32.43
CA MSE A 688 0.59 22.17 -33.09
C MSE A 688 -0.50 22.73 -34.02
O MSE A 688 -0.73 23.95 -34.06
CB MSE A 688 1.86 21.96 -33.91
CG MSE A 688 3.15 21.86 -33.10
SE MSE A 688 3.51 23.36 -31.88
CE MSE A 688 2.69 22.65 -30.29
N GLU A 689 -1.15 21.84 -34.75
CA GLU A 689 -2.16 22.23 -35.71
C GLU A 689 -3.35 22.90 -35.02
N ASN A 690 -3.78 22.37 -33.88
CA ASN A 690 -4.87 23.05 -33.20
C ASN A 690 -4.44 24.18 -32.25
N ARG A 691 -3.12 24.34 -32.08
CA ARG A 691 -2.56 25.51 -31.43
C ARG A 691 -2.70 26.68 -32.39
N LEU A 692 -2.28 26.47 -33.62
CA LEU A 692 -2.47 27.45 -34.69
C LEU A 692 -3.92 27.91 -34.83
N ARG A 693 -4.84 26.96 -34.81
CA ARG A 693 -6.27 27.21 -35.04
C ARG A 693 -6.92 28.00 -33.91
N GLY A 694 -6.79 27.51 -32.68
CA GLY A 694 -7.52 28.08 -31.56
C GLY A 694 -6.71 28.91 -30.58
N SER A 695 -5.44 29.14 -30.90
CA SER A 695 -4.48 29.81 -30.00
C SER A 695 -3.34 30.44 -30.79
N GLY A 696 -3.66 30.98 -31.96
CA GLY A 696 -2.64 31.52 -32.87
C GLY A 696 -1.85 32.70 -32.34
N HIS A 697 -2.36 33.33 -31.28
CA HIS A 697 -1.67 34.45 -30.64
C HIS A 697 -0.34 33.96 -30.00
N GLY A 698 -0.35 32.76 -29.43
CA GLY A 698 0.88 32.14 -28.92
C GLY A 698 1.89 31.89 -30.04
N ILE A 699 1.40 31.57 -31.24
CA ILE A 699 2.25 31.36 -32.40
C ILE A 699 2.84 32.68 -32.86
N ALA A 700 2.00 33.70 -33.04
CA ALA A 700 2.49 35.03 -33.39
C ALA A 700 3.51 35.58 -32.38
N ALA A 701 3.22 35.45 -31.08
CA ALA A 701 4.16 35.91 -30.04
C ALA A 701 5.52 35.25 -30.18
N ALA A 702 5.51 33.94 -30.43
CA ALA A 702 6.74 33.18 -30.67
C ALA A 702 7.47 33.62 -31.93
N ARG A 703 6.78 33.81 -33.05
CA ARG A 703 7.43 34.30 -34.29
C ARG A 703 8.16 35.61 -34.03
N MSE A 704 7.50 36.52 -33.32
CA MSE A 704 8.05 37.86 -33.09
C MSE A 704 9.26 37.85 -32.19
O MSE A 704 10.27 38.50 -32.51
CB MSE A 704 6.96 38.80 -32.56
CG MSE A 704 5.82 38.97 -33.58
SE MSE A 704 4.49 40.26 -33.04
CE MSE A 704 3.79 39.49 -31.40
N ASP A 705 9.18 37.11 -31.08
CA ASP A 705 10.32 36.96 -30.16
C ASP A 705 11.52 36.36 -30.89
N ALA A 706 11.25 35.42 -31.78
CA ALA A 706 12.30 34.76 -32.58
C ALA A 706 13.05 35.70 -33.54
N MSE A 707 12.40 36.80 -33.88
CA MSE A 707 13.00 37.86 -34.68
C MSE A 707 13.76 38.87 -33.84
O MSE A 707 14.44 39.74 -34.39
CB MSE A 707 11.91 38.60 -35.43
CG MSE A 707 11.33 37.84 -36.57
SE MSE A 707 9.76 38.78 -37.23
CE MSE A 707 9.08 37.40 -38.39
N LEU A 708 13.68 38.74 -32.53
CA LEU A 708 14.10 39.82 -31.65
C LEU A 708 15.20 39.46 -30.66
N ASN A 709 15.29 38.19 -30.27
CA ASN A 709 16.31 37.76 -29.34
C ASN A 709 16.56 36.26 -29.39
N ILE A 710 17.72 35.85 -28.90
CA ILE A 710 18.14 34.47 -28.98
C ILE A 710 17.22 33.53 -28.18
N ALA A 711 16.79 33.95 -26.99
CA ALA A 711 15.84 33.16 -26.18
C ALA A 711 14.58 32.87 -26.98
N GLY A 712 14.09 33.91 -27.64
CA GLY A 712 12.91 33.83 -28.49
C GLY A 712 13.14 32.89 -29.65
N TRP A 713 14.28 33.04 -30.34
CA TRP A 713 14.58 32.17 -31.47
C TRP A 713 14.65 30.69 -31.04
N MSE A 714 15.29 30.41 -29.91
CA MSE A 714 15.34 29.04 -29.36
C MSE A 714 13.97 28.40 -29.06
O MSE A 714 13.73 27.26 -29.46
CB MSE A 714 16.25 28.98 -28.13
CG MSE A 714 17.72 29.21 -28.50
SE MSE A 714 18.93 29.27 -26.97
CE MSE A 714 20.56 28.67 -27.94
N SER A 715 13.07 29.13 -28.40
CA SER A 715 11.73 28.60 -28.07
C SER A 715 10.90 28.32 -29.30
N GLU A 716 11.02 29.19 -30.30
CA GLU A 716 10.27 29.04 -31.54
C GLU A 716 10.72 27.82 -32.35
N GLN A 717 12.00 27.47 -32.25
CA GLN A 717 12.53 26.19 -32.80
C GLN A 717 11.86 24.97 -32.16
N MSE A 718 11.37 25.16 -30.94
CA MSE A 718 10.84 24.08 -30.10
C MSE A 718 9.33 24.17 -29.90
O MSE A 718 8.73 23.30 -29.27
CB MSE A 718 11.51 24.11 -28.73
CG MSE A 718 12.99 23.80 -28.69
SE MSE A 718 13.62 23.77 -26.83
CE MSE A 718 13.83 25.68 -26.45
N GLY A 719 8.70 25.25 -30.37
CA GLY A 719 7.27 25.45 -30.11
C GLY A 719 6.47 26.32 -31.06
N GLY A 720 7.12 26.88 -32.08
CA GLY A 720 6.42 27.77 -33.00
C GLY A 720 6.17 27.19 -34.39
N LEU A 721 6.11 28.09 -35.38
CA LEU A 721 6.01 27.70 -36.77
C LEU A 721 7.20 26.84 -37.22
N SER A 722 8.39 27.21 -36.78
CA SER A 722 9.61 26.48 -37.15
C SER A 722 9.54 25.03 -36.67
N TYR A 723 8.91 24.81 -35.51
CA TYR A 723 8.76 23.47 -34.96
C TYR A 723 7.82 22.64 -35.82
N LEU A 724 6.65 23.19 -36.16
CA LEU A 724 5.68 22.50 -36.99
C LEU A 724 6.32 22.09 -38.31
N GLU A 725 7.04 23.03 -38.92
CA GLU A 725 7.83 22.76 -40.13
C GLU A 725 8.84 21.63 -39.90
N PHE A 726 9.58 21.68 -38.79
CA PHE A 726 10.51 20.61 -38.44
C PHE A 726 9.82 19.24 -38.29
N LEU A 727 8.63 19.23 -37.72
CA LEU A 727 7.89 17.98 -37.51
C LEU A 727 7.54 17.27 -38.81
N HIS A 728 7.19 18.04 -39.84
CA HIS A 728 6.86 17.48 -41.15
C HIS A 728 8.05 16.80 -41.83
N THR A 729 9.23 17.37 -41.63
CA THR A 729 10.48 16.78 -42.16
C THR A 729 10.85 15.47 -41.45
N LEU A 730 10.21 15.23 -40.30
CA LEU A 730 10.69 14.23 -39.34
C LEU A 730 10.20 12.80 -39.57
N GLU A 731 9.00 12.64 -40.13
CA GLU A 731 8.48 11.30 -40.39
C GLU A 731 9.27 10.54 -41.47
N LYS A 732 9.73 11.24 -42.51
CA LYS A 732 10.61 10.62 -43.49
C LYS A 732 11.89 10.19 -42.75
N LYS A 733 12.50 11.13 -42.03
CA LYS A 733 13.69 10.86 -41.24
C LYS A 733 13.53 9.68 -40.25
N VAL A 734 12.32 9.46 -39.73
CA VAL A 734 12.11 8.34 -38.80
C VAL A 734 12.07 6.96 -39.48
N ASP A 735 11.53 6.87 -40.71
CA ASP A 735 11.51 5.59 -41.44
C ASP A 735 12.83 5.31 -42.15
N GLU A 736 13.39 6.35 -42.77
CA GLU A 736 14.57 6.23 -43.60
C GLU A 736 15.89 6.27 -42.80
N ASP A 737 15.88 6.93 -41.64
CA ASP A 737 17.09 7.08 -40.84
C ASP A 737 16.78 7.17 -39.34
N TRP A 738 16.28 6.07 -38.79
CA TRP A 738 16.00 6.00 -37.36
C TRP A 738 17.27 6.07 -36.52
N GLU A 739 18.33 5.41 -37.01
CA GLU A 739 19.63 5.42 -36.34
C GLU A 739 20.21 6.82 -36.22
N GLY A 740 19.96 7.67 -37.20
CA GLY A 740 20.33 9.08 -37.09
C GLY A 740 19.58 9.82 -35.99
N ILE A 741 18.26 9.62 -35.93
CA ILE A 741 17.42 10.24 -34.88
C ILE A 741 17.84 9.80 -33.49
N SER A 742 17.99 8.50 -33.34
CA SER A 742 18.37 7.88 -32.08
C SER A 742 19.71 8.39 -31.58
N SER A 743 20.70 8.47 -32.45
CA SER A 743 21.99 9.04 -32.05
C SER A 743 21.91 10.55 -31.77
N SER A 744 21.00 11.28 -32.45
CA SER A 744 20.75 12.69 -32.06
C SER A 744 20.16 12.77 -30.64
N LEU A 745 19.16 11.93 -30.35
CA LEU A 745 18.60 11.89 -29.00
C LEU A 745 19.70 11.63 -27.98
N GLU A 746 20.64 10.75 -28.34
CA GLU A 746 21.70 10.35 -27.42
C GLU A 746 22.72 11.47 -27.20
N GLU A 747 23.05 12.24 -28.23
CA GLU A 747 23.90 13.42 -27.99
C GLU A 747 23.26 14.58 -27.21
N ILE A 748 21.94 14.77 -27.32
CA ILE A 748 21.27 15.70 -26.41
C ILE A 748 21.53 15.26 -24.96
N ARG A 749 21.29 13.99 -24.64
CA ARG A 749 21.54 13.51 -23.30
C ARG A 749 22.99 13.78 -22.86
N ARG A 750 23.95 13.44 -23.72
CA ARG A 750 25.38 13.66 -23.44
C ARG A 750 25.70 15.12 -23.16
N SER A 751 25.07 16.01 -23.92
CA SER A 751 25.23 17.47 -23.80
C SER A 751 24.62 18.06 -22.56
N LEU A 752 23.65 17.37 -21.96
CA LEU A 752 22.94 17.96 -20.85
C LEU A 752 23.25 17.37 -19.48
N LEU A 753 23.33 16.05 -19.38
CA LEU A 753 23.54 15.40 -18.09
C LEU A 753 24.95 15.60 -17.56
N ALA A 754 25.05 16.52 -16.62
CA ALA A 754 26.29 16.78 -15.93
C ALA A 754 26.02 17.40 -14.58
N ARG A 755 26.93 17.10 -13.67
CA ARG A 755 26.99 17.70 -12.36
C ARG A 755 27.39 19.19 -12.47
N ASN A 756 28.26 19.52 -13.43
CA ASN A 756 28.81 20.89 -13.51
C ASN A 756 27.84 21.91 -14.08
N GLY A 757 27.54 22.93 -13.29
CA GLY A 757 26.55 23.93 -13.67
C GLY A 757 25.11 23.48 -13.54
N CYS A 758 24.88 22.28 -13.01
CA CYS A 758 23.54 21.83 -12.61
C CYS A 758 23.07 22.65 -11.39
N ILE A 759 21.76 22.81 -11.24
CA ILE A 759 21.17 23.53 -10.10
C ILE A 759 20.03 22.66 -9.56
N VAL A 760 19.93 22.54 -8.24
CA VAL A 760 18.92 21.72 -7.61
C VAL A 760 18.05 22.56 -6.70
N ASN A 761 16.74 22.49 -6.91
CA ASN A 761 15.78 23.26 -6.11
C ASN A 761 15.01 22.27 -5.27
N MSE A 762 14.82 22.60 -3.99
CA MSE A 762 14.10 21.74 -3.07
C MSE A 762 13.15 22.58 -2.26
O MSE A 762 13.53 23.61 -1.73
CB MSE A 762 15.05 21.05 -2.09
CG MSE A 762 15.91 19.94 -2.68
SE MSE A 762 17.56 19.64 -1.59
CE MSE A 762 16.94 19.87 0.25
N THR A 763 11.91 22.12 -2.14
CA THR A 763 10.90 22.75 -1.32
C THR A 763 10.29 21.65 -0.45
N ALA A 764 10.37 21.83 0.87
CA ALA A 764 9.79 20.89 1.86
C ALA A 764 10.03 21.52 3.23
N ASP A 765 9.44 20.99 4.27
CA ASP A 765 9.71 21.54 5.61
C ASP A 765 11.13 21.17 6.03
N GLY A 766 11.66 21.89 7.03
CA GLY A 766 13.08 21.79 7.42
C GLY A 766 13.58 20.41 7.78
N LYS A 767 12.77 19.63 8.49
CA LYS A 767 13.13 18.23 8.78
C LYS A 767 13.28 17.37 7.53
N SER A 768 12.29 17.39 6.65
CA SER A 768 12.36 16.67 5.38
C SER A 768 13.59 17.04 4.56
N LEU A 769 13.90 18.33 4.49
CA LEU A 769 15.00 18.78 3.63
C LEU A 769 16.31 18.09 3.99
N THR A 770 16.61 18.02 5.29
CA THR A 770 17.82 17.38 5.81
C THR A 770 17.90 15.95 5.31
N ASN A 771 16.83 15.21 5.58
CA ASN A 771 16.67 13.81 5.13
C ASN A 771 16.76 13.65 3.60
N VAL A 772 16.28 14.64 2.86
CA VAL A 772 16.29 14.61 1.40
C VAL A 772 17.69 14.83 0.79
N GLU A 773 18.56 15.54 1.51
CA GLU A 773 19.86 15.92 0.95
C GLU A 773 20.74 14.72 0.67
N LYS A 774 20.69 13.72 1.54
CA LYS A 774 21.36 12.43 1.29
C LYS A 774 20.97 11.81 -0.06
N SER A 775 19.69 11.93 -0.44
CA SER A 775 19.20 11.41 -1.73
C SER A 775 19.67 12.29 -2.91
N VAL A 776 19.67 13.60 -2.72
CA VAL A 776 20.17 14.54 -3.73
C VAL A 776 21.66 14.30 -3.99
N ALA A 777 22.44 14.21 -2.91
CA ALA A 777 23.89 13.96 -2.97
C ALA A 777 24.23 12.70 -3.77
N LYS A 778 23.51 11.62 -3.49
CA LYS A 778 23.68 10.36 -4.19
C LYS A 778 23.32 10.48 -5.70
N PHE A 779 22.22 11.17 -5.98
CA PHE A 779 21.79 11.40 -7.36
C PHE A 779 22.86 12.15 -8.13
N LEU A 780 23.39 13.21 -7.55
CA LEU A 780 24.44 14.02 -8.18
C LEU A 780 25.72 13.21 -8.44
N ASP A 781 26.09 12.35 -7.50
CA ASP A 781 27.21 11.40 -7.64
C ASP A 781 27.18 10.58 -8.93
N LEU A 782 25.99 10.19 -9.34
CA LEU A 782 25.82 9.31 -10.49
C LEU A 782 25.91 9.99 -11.85
N LEU A 783 25.98 11.32 -11.86
CA LEU A 783 26.00 12.06 -13.11
C LEU A 783 27.44 12.22 -13.60
N PRO A 784 27.65 12.32 -14.92
CA PRO A 784 28.99 12.72 -15.35
C PRO A 784 29.37 14.06 -14.71
N GLU A 785 30.66 14.39 -14.70
CA GLU A 785 31.12 15.64 -14.14
C GLU A 785 30.78 16.80 -15.07
N ASN A 786 31.11 16.59 -16.33
CA ASN A 786 30.98 17.60 -17.34
C ASN A 786 30.22 17.02 -18.51
N PRO A 787 29.46 17.86 -19.22
CA PRO A 787 28.76 17.38 -20.39
C PRO A 787 29.73 17.26 -21.55
N SER A 788 29.27 16.70 -22.66
CA SER A 788 30.00 16.72 -23.90
C SER A 788 29.51 17.93 -24.69
N GLY A 789 30.15 18.21 -25.82
CA GLY A 789 29.76 19.32 -26.68
C GLY A 789 30.45 20.62 -26.32
N GLY A 790 30.09 21.69 -27.03
CA GLY A 790 30.73 22.99 -26.85
C GLY A 790 30.34 23.73 -25.59
N LEU A 791 31.07 24.82 -25.34
CA LEU A 791 30.85 25.67 -24.18
C LEU A 791 30.20 27.00 -24.58
N VAL A 792 30.05 27.21 -25.88
CA VAL A 792 29.59 28.50 -26.39
C VAL A 792 28.11 28.42 -26.73
N THR A 793 27.39 29.48 -26.42
CA THR A 793 26.02 29.63 -26.87
C THR A 793 26.08 30.36 -28.19
N TRP A 794 25.76 29.66 -29.28
CA TRP A 794 25.82 30.23 -30.62
C TRP A 794 24.51 30.92 -30.99
N ASP A 795 24.61 32.08 -31.66
CA ASP A 795 23.45 32.94 -31.98
C ASP A 795 22.55 32.35 -33.05
N GLY A 796 21.29 32.76 -32.99
CA GLY A 796 20.29 32.42 -33.97
C GLY A 796 19.24 33.51 -33.98
N ARG A 797 18.64 33.75 -35.13
CA ARG A 797 17.58 34.74 -35.26
C ARG A 797 16.79 34.47 -36.53
N LEU A 798 15.50 34.79 -36.51
CA LEU A 798 14.75 34.88 -37.75
C LEU A 798 14.89 36.29 -38.29
N PRO A 799 14.90 36.44 -39.62
CA PRO A 799 14.85 37.77 -40.24
C PRO A 799 13.63 38.57 -39.77
N LEU A 800 13.86 39.85 -39.41
CA LEU A 800 12.79 40.80 -39.12
C LEU A 800 11.96 41.07 -40.37
N ARG A 801 10.75 40.50 -40.41
CA ARG A 801 9.79 40.66 -41.49
C ARG A 801 8.41 40.68 -40.88
N ASN A 802 7.51 41.48 -41.44
CA ASN A 802 6.08 41.32 -41.14
C ASN A 802 5.61 40.07 -41.84
N GLU A 803 4.90 39.21 -41.10
CA GLU A 803 4.48 37.91 -41.60
C GLU A 803 3.01 37.63 -41.33
N ALA A 804 2.33 37.03 -42.30
CA ALA A 804 0.99 36.51 -42.08
C ALA A 804 0.95 35.00 -42.33
N ILE A 805 0.47 34.27 -41.33
CA ILE A 805 0.42 32.82 -41.37
C ILE A 805 -1.01 32.40 -41.67
N VAL A 806 -1.17 31.65 -42.75
CA VAL A 806 -2.49 31.22 -43.24
C VAL A 806 -2.98 29.98 -42.51
N ILE A 807 -4.20 30.06 -41.99
CA ILE A 807 -4.91 28.91 -41.49
C ILE A 807 -6.35 28.95 -42.02
N PRO A 808 -7.07 27.80 -41.98
CA PRO A 808 -8.52 27.88 -42.10
C PRO A 808 -9.13 28.38 -40.80
N THR A 809 -9.81 29.53 -40.84
CA THR A 809 -10.50 30.10 -39.69
C THR A 809 -11.43 31.20 -40.11
N GLN A 810 -12.28 31.59 -39.16
CA GLN A 810 -13.07 32.80 -39.26
C GLN A 810 -12.30 33.92 -38.58
N VAL A 811 -11.79 33.61 -37.38
CA VAL A 811 -11.11 34.56 -36.49
C VAL A 811 -9.59 34.57 -36.65
N ASN A 812 -9.00 35.75 -36.46
CA ASN A 812 -7.55 35.97 -36.58
C ASN A 812 -6.84 36.11 -35.22
N TYR A 813 -5.52 36.17 -35.27
CA TYR A 813 -4.73 36.49 -34.08
C TYR A 813 -3.63 37.40 -34.54
N VAL A 814 -3.71 38.65 -34.10
CA VAL A 814 -2.91 39.74 -34.62
C VAL A 814 -1.87 40.21 -33.60
N GLY A 815 -0.61 40.25 -34.00
CA GLY A 815 0.48 40.62 -33.08
C GLY A 815 1.37 41.74 -33.58
N LYS A 816 1.89 42.53 -32.64
CA LYS A 816 2.92 43.52 -32.94
C LYS A 816 3.86 43.65 -31.74
N ALA A 817 5.16 43.87 -31.98
CA ALA A 817 6.16 43.89 -30.91
C ALA A 817 7.44 44.57 -31.33
N GLY A 818 8.15 45.11 -30.35
CA GLY A 818 9.48 45.64 -30.55
C GLY A 818 10.13 45.76 -29.20
N ASN A 819 11.43 46.01 -29.22
CA ASN A 819 12.24 46.14 -28.02
C ASN A 819 12.30 47.56 -27.55
N ILE A 820 11.72 47.82 -26.38
CA ILE A 820 11.63 49.19 -25.88
C ILE A 820 12.90 49.66 -25.14
N TYR A 821 13.76 48.72 -24.74
CA TYR A 821 15.08 49.08 -24.19
C TYR A 821 15.98 49.71 -25.27
N SER A 822 15.65 49.47 -26.53
CA SER A 822 16.44 49.97 -27.64
C SER A 822 16.27 51.49 -27.79
N THR A 823 15.18 52.05 -27.25
CA THR A 823 14.98 53.49 -27.21
C THR A 823 15.88 54.13 -26.17
N GLY A 824 16.53 53.29 -25.37
CA GLY A 824 17.25 53.76 -24.20
C GLY A 824 16.35 53.87 -22.97
N TYR A 825 15.07 53.50 -23.11
CA TYR A 825 14.19 53.42 -21.92
C TYR A 825 14.81 52.42 -20.97
N GLU A 826 14.89 52.77 -19.69
CA GLU A 826 15.42 51.86 -18.67
C GLU A 826 14.29 51.31 -17.80
N LEU A 827 14.34 50.01 -17.49
CA LEU A 827 13.28 49.37 -16.68
C LEU A 827 12.99 50.09 -15.37
N ASP A 828 11.72 50.43 -15.20
CA ASP A 828 11.20 50.95 -13.96
C ASP A 828 9.95 50.11 -13.67
N GLY A 829 9.68 49.82 -12.41
CA GLY A 829 8.51 49.04 -12.05
C GLY A 829 7.15 49.61 -12.49
N SER A 830 7.11 50.90 -12.80
CA SER A 830 5.91 51.55 -13.29
C SER A 830 5.42 50.96 -14.61
N ALA A 831 6.34 50.36 -15.38
CA ALA A 831 6.03 49.71 -16.65
C ALA A 831 5.02 48.57 -16.50
N TYR A 832 5.11 47.86 -15.37
CA TYR A 832 4.20 46.76 -15.06
C TYR A 832 2.79 47.30 -14.86
N VAL A 833 2.68 48.39 -14.09
CA VAL A 833 1.42 49.11 -13.86
C VAL A 833 0.78 49.60 -15.15
N ILE A 834 1.57 50.30 -15.96
CA ILE A 834 1.10 50.91 -17.22
C ILE A 834 0.68 49.86 -18.22
N SER A 835 1.50 48.82 -18.38
CA SER A 835 1.18 47.69 -19.26
C SER A 835 -0.17 47.06 -18.91
N LYS A 836 -0.40 46.87 -17.62
CA LYS A 836 -1.64 46.25 -17.15
C LYS A 836 -2.82 47.15 -17.44
N HIS A 837 -2.61 48.45 -17.23
CA HIS A 837 -3.60 49.50 -17.51
C HIS A 837 -3.97 49.55 -18.98
N ILE A 838 -2.96 49.56 -19.85
CA ILE A 838 -3.16 49.46 -21.30
C ILE A 838 -4.07 48.29 -21.69
N SER A 839 -3.78 47.10 -21.14
CA SER A 839 -4.56 45.92 -21.44
C SER A 839 -6.05 46.06 -21.06
N ASN A 840 -6.31 46.55 -19.85
CA ASN A 840 -7.65 46.57 -19.27
C ASN A 840 -8.48 47.81 -19.65
N THR A 841 -7.88 48.78 -20.34
CA THR A 841 -8.59 49.99 -20.76
C THR A 841 -8.63 50.10 -22.28
N TRP A 842 -7.56 50.65 -22.87
CA TRP A 842 -7.43 50.82 -24.34
C TRP A 842 -7.76 49.55 -25.14
N LEU A 843 -7.03 48.46 -24.87
CA LEU A 843 -7.17 47.27 -25.67
C LEU A 843 -8.49 46.54 -25.39
N TRP A 844 -8.90 46.52 -24.11
CA TRP A 844 -10.20 45.98 -23.74
C TRP A 844 -11.32 46.70 -24.52
N ASP A 845 -11.24 48.02 -24.56
CA ASP A 845 -12.33 48.82 -25.13
C ASP A 845 -12.34 48.77 -26.65
N ARG A 846 -11.16 48.81 -27.26
CA ARG A 846 -11.04 48.91 -28.71
C ARG A 846 -10.95 47.55 -29.41
N VAL A 847 -10.11 46.63 -28.91
CA VAL A 847 -9.92 45.34 -29.57
C VAL A 847 -11.08 44.38 -29.30
N ARG A 848 -11.46 44.23 -28.03
CA ARG A 848 -12.56 43.35 -27.66
C ARG A 848 -13.94 43.98 -27.88
N VAL A 849 -14.29 45.00 -27.08
CA VAL A 849 -15.67 45.51 -27.06
C VAL A 849 -16.05 46.13 -28.40
N SER A 850 -15.31 47.16 -28.81
CA SER A 850 -15.56 47.83 -30.07
C SER A 850 -15.21 46.97 -31.30
N GLY A 851 -14.05 46.32 -31.28
CA GLY A 851 -13.55 45.56 -32.43
C GLY A 851 -14.22 44.23 -32.69
N GLY A 852 -14.71 43.59 -31.62
CA GLY A 852 -15.37 42.30 -31.75
C GLY A 852 -14.53 41.06 -31.50
N ALA A 853 -13.25 41.25 -31.13
CA ALA A 853 -12.38 40.14 -30.78
C ALA A 853 -12.79 39.57 -29.43
N TYR A 854 -12.50 38.29 -29.21
CA TYR A 854 -12.72 37.73 -27.87
C TYR A 854 -11.84 38.45 -26.85
N GLY A 855 -10.62 38.78 -27.23
CA GLY A 855 -9.72 39.53 -26.35
C GLY A 855 -8.56 40.24 -27.04
N GLY A 856 -8.01 41.23 -26.35
CA GLY A 856 -6.84 41.98 -26.79
C GLY A 856 -6.01 42.30 -25.56
N PHE A 857 -4.69 42.19 -25.67
CA PHE A 857 -3.83 42.51 -24.53
C PHE A 857 -2.41 42.83 -24.93
N CYS A 858 -1.67 43.40 -23.99
CA CYS A 858 -0.25 43.62 -24.18
C CYS A 858 0.56 42.82 -23.16
N ASP A 859 1.79 42.53 -23.54
CA ASP A 859 2.69 41.65 -22.83
C ASP A 859 4.05 42.34 -22.82
N PHE A 860 4.55 42.61 -21.61
CA PHE A 860 5.88 43.16 -21.44
C PHE A 860 6.87 42.15 -20.80
N ASP A 861 7.85 41.74 -21.59
CA ASP A 861 8.95 40.89 -21.13
C ASP A 861 10.04 41.80 -20.60
N SER A 862 10.08 41.99 -19.29
CA SER A 862 11.05 42.91 -18.72
C SER A 862 12.51 42.39 -18.74
N HIS A 863 12.70 41.11 -19.08
CA HIS A 863 14.04 40.52 -19.20
C HIS A 863 14.65 40.80 -20.55
N SER A 864 13.87 40.73 -21.62
CA SER A 864 14.36 41.02 -22.98
C SER A 864 14.09 42.46 -23.40
N GLY A 865 13.04 43.07 -22.86
CA GLY A 865 12.64 44.43 -23.23
C GLY A 865 11.60 44.48 -24.32
N VAL A 866 11.11 43.31 -24.72
CA VAL A 866 10.12 43.21 -25.76
C VAL A 866 8.72 43.53 -25.22
N PHE A 867 8.08 44.52 -25.84
CA PHE A 867 6.70 44.87 -25.57
C PHE A 867 5.89 44.42 -26.77
N SER A 868 4.88 43.61 -26.51
CA SER A 868 4.07 42.94 -27.51
C SER A 868 2.61 43.28 -27.31
N TYR A 869 1.92 43.43 -28.43
CA TYR A 869 0.47 43.55 -28.48
C TYR A 869 -0.05 42.27 -29.08
N LEU A 870 -1.11 41.71 -28.52
CA LEU A 870 -1.74 40.50 -29.09
C LEU A 870 -3.27 40.56 -28.99
N SER A 871 -3.94 39.93 -29.95
CA SER A 871 -5.41 39.79 -29.96
C SER A 871 -5.77 38.33 -30.17
N TYR A 872 -6.92 37.95 -29.66
CA TYR A 872 -7.34 36.56 -29.58
C TYR A 872 -8.74 36.39 -30.19
N ARG A 873 -8.81 35.66 -31.29
CA ARG A 873 -10.06 35.40 -31.99
C ARG A 873 -10.71 36.68 -32.46
N ASP A 874 -9.95 37.34 -33.32
CA ASP A 874 -10.19 38.69 -33.78
C ASP A 874 -10.74 38.63 -35.21
N PRO A 875 -11.92 39.23 -35.47
CA PRO A 875 -12.42 39.32 -36.86
C PRO A 875 -11.61 40.27 -37.76
N ASN A 876 -10.87 41.19 -37.15
CA ASN A 876 -10.07 42.16 -37.88
C ASN A 876 -8.60 41.77 -38.04
N LEU A 877 -7.85 42.62 -38.73
CA LEU A 877 -6.43 42.41 -38.99
C LEU A 877 -5.68 43.74 -38.96
N LEU A 878 -5.69 44.49 -40.06
CA LEU A 878 -5.00 45.78 -40.08
C LEU A 878 -5.65 46.82 -39.15
N LYS A 879 -6.96 46.75 -39.01
CA LYS A 879 -7.67 47.59 -38.02
C LYS A 879 -7.11 47.42 -36.60
N THR A 880 -6.81 46.16 -36.23
CA THR A 880 -6.20 45.83 -34.92
C THR A 880 -4.82 46.46 -34.79
N LEU A 881 -3.96 46.31 -35.80
CA LEU A 881 -2.64 46.94 -35.80
C LEU A 881 -2.73 48.45 -35.61
N ASP A 882 -3.74 49.05 -36.21
CA ASP A 882 -3.98 50.47 -36.03
C ASP A 882 -4.31 50.82 -34.57
N ILE A 883 -5.12 50.00 -33.90
CA ILE A 883 -5.39 50.19 -32.46
C ILE A 883 -4.09 50.17 -31.66
N TYR A 884 -3.22 49.22 -31.98
CA TYR A 884 -1.92 49.07 -31.32
C TYR A 884 -1.09 50.31 -31.46
N ASP A 885 -1.09 50.88 -32.67
CA ASP A 885 -0.33 52.09 -32.96
C ASP A 885 -0.86 53.34 -32.23
N GLY A 886 -2.15 53.35 -31.90
CA GLY A 886 -2.75 54.47 -31.16
C GLY A 886 -2.54 54.47 -29.66
N THR A 887 -1.84 53.46 -29.15
CA THR A 887 -1.65 53.31 -27.70
C THR A 887 -0.88 54.48 -27.05
N GLY A 888 0.19 54.97 -27.69
CA GLY A 888 0.92 56.12 -27.16
C GLY A 888 0.08 57.38 -27.00
N ASP A 889 -0.76 57.69 -27.99
CA ASP A 889 -1.67 58.85 -27.91
C ASP A 889 -2.75 58.67 -26.84
N PHE A 890 -3.22 57.45 -26.67
CA PHE A 890 -4.13 57.12 -25.57
C PHE A 890 -3.47 57.47 -24.25
N LEU A 891 -2.24 57.01 -24.07
CA LEU A 891 -1.53 57.29 -22.82
C LEU A 891 -1.29 58.77 -22.63
N ARG A 892 -0.87 59.44 -23.69
CA ARG A 892 -0.60 60.88 -23.65
C ARG A 892 -1.87 61.67 -23.39
N GLY A 893 -3.00 61.17 -23.88
CA GLY A 893 -4.31 61.82 -23.70
C GLY A 893 -4.97 61.59 -22.34
N LEU A 894 -4.35 60.78 -21.50
CA LEU A 894 -4.97 60.39 -20.23
C LEU A 894 -4.82 61.42 -19.13
N ASP A 895 -5.94 61.70 -18.46
CA ASP A 895 -5.82 62.30 -17.16
C ASP A 895 -6.16 61.23 -16.14
N VAL A 896 -5.17 60.93 -15.32
CA VAL A 896 -5.32 59.91 -14.32
C VAL A 896 -5.19 60.62 -12.98
N ASP A 897 -6.31 60.79 -12.29
CA ASP A 897 -6.30 61.33 -10.93
C ASP A 897 -5.58 60.35 -9.99
N GLN A 898 -5.42 60.73 -8.74
CA GLN A 898 -4.79 59.86 -7.76
C GLN A 898 -5.54 58.54 -7.54
N GLU A 899 -6.87 58.56 -7.52
CA GLU A 899 -7.65 57.34 -7.29
C GLU A 899 -7.50 56.35 -8.46
N THR A 900 -7.39 56.85 -9.68
CA THR A 900 -7.06 56.05 -10.86
C THR A 900 -5.68 55.38 -10.77
N LEU A 901 -4.66 56.16 -10.40
CA LEU A 901 -3.30 55.66 -10.14
C LEU A 901 -3.28 54.58 -9.09
N THR A 902 -3.89 54.88 -7.95
CA THR A 902 -3.98 53.95 -6.84
C THR A 902 -4.57 52.60 -7.27
N LYS A 903 -5.66 52.64 -8.02
CA LYS A 903 -6.31 51.42 -8.53
C LYS A 903 -5.41 50.62 -9.46
N ALA A 904 -4.78 51.30 -10.43
CA ALA A 904 -3.84 50.65 -11.34
C ALA A 904 -2.66 49.99 -10.59
N ILE A 905 -2.16 50.68 -9.56
CA ILE A 905 -1.09 50.17 -8.70
C ILE A 905 -1.54 48.90 -7.93
N ILE A 906 -2.68 49.01 -7.23
CA ILE A 906 -3.21 47.87 -6.46
C ILE A 906 -3.37 46.65 -7.37
N GLY A 907 -3.93 46.89 -8.55
CA GLY A 907 -4.15 45.84 -9.53
C GLY A 907 -2.86 45.16 -9.94
N THR A 908 -1.76 45.92 -10.02
CA THR A 908 -0.46 45.35 -10.39
C THR A 908 0.17 44.56 -9.23
N ILE A 909 0.08 45.13 -8.02
CA ILE A 909 0.53 44.47 -6.80
C ILE A 909 -0.23 43.15 -6.57
N GLY A 910 -1.51 43.10 -6.92
CA GLY A 910 -2.29 41.85 -6.90
C GLY A 910 -1.74 40.77 -7.83
N ASP A 911 -1.32 41.18 -9.01
CA ASP A 911 -0.64 40.32 -9.98
C ASP A 911 0.72 39.85 -9.43
N VAL A 912 1.40 40.73 -8.66
CA VAL A 912 2.74 40.46 -8.15
C VAL A 912 2.72 39.65 -6.84
N ASP A 913 1.72 39.91 -6.01
CA ASP A 913 1.51 39.22 -4.74
C ASP A 913 0.51 38.07 -4.90
N SER A 914 0.37 37.54 -6.11
CA SER A 914 -0.62 36.50 -6.35
C SER A 914 -0.34 35.28 -5.46
N TYR A 915 -1.42 34.71 -4.93
CA TYR A 915 -1.34 33.61 -3.97
C TYR A 915 -0.73 32.37 -4.60
N GLN A 916 0.23 31.78 -3.88
CA GLN A 916 0.93 30.60 -4.37
C GLN A 916 0.95 29.55 -3.28
N LEU A 917 0.72 28.31 -3.70
CA LEU A 917 0.95 27.15 -2.84
C LEU A 917 2.48 26.94 -2.75
N PRO A 918 2.96 26.23 -1.70
CA PRO A 918 4.40 26.16 -1.45
C PRO A 918 5.25 25.70 -2.64
N ASP A 919 4.79 24.75 -3.44
CA ASP A 919 5.61 24.41 -4.62
C ASP A 919 5.77 25.58 -5.61
N ALA A 920 4.73 26.38 -5.80
CA ALA A 920 4.81 27.52 -6.72
C ALA A 920 5.74 28.60 -6.15
N LYS A 921 5.66 28.83 -4.84
CA LYS A 921 6.64 29.70 -4.17
C LYS A 921 8.07 29.29 -4.47
N GLY A 922 8.42 28.04 -4.17
CA GLY A 922 9.81 27.59 -4.38
C GLY A 922 10.21 27.60 -5.85
N TYR A 923 9.25 27.31 -6.72
CA TYR A 923 9.53 27.38 -8.17
C TYR A 923 9.80 28.81 -8.64
N SER A 924 8.95 29.76 -8.24
CA SER A 924 9.12 31.17 -8.63
C SER A 924 10.44 31.68 -8.12
N SER A 925 10.80 31.26 -6.92
CA SER A 925 12.10 31.58 -6.36
C SER A 925 13.26 31.00 -7.21
N LEU A 926 13.12 29.77 -7.69
CA LEU A 926 14.08 29.22 -8.64
C LEU A 926 14.26 30.06 -9.91
N LEU A 927 13.14 30.53 -10.48
CA LEU A 927 13.18 31.27 -11.72
C LEU A 927 13.81 32.63 -11.50
N ARG A 928 13.51 33.27 -10.37
CA ARG A 928 14.19 34.53 -10.05
C ARG A 928 15.71 34.34 -9.99
N HIS A 929 16.15 33.24 -9.38
CA HIS A 929 17.57 32.95 -9.28
C HIS A 929 18.20 32.73 -10.67
N LEU A 930 17.50 31.98 -11.52
CA LEU A 930 17.96 31.70 -12.87
C LEU A 930 18.08 32.93 -13.75
N LEU A 931 17.16 33.88 -13.55
CA LEU A 931 17.06 35.05 -14.40
C LEU A 931 17.77 36.24 -13.75
N GLY A 932 18.44 35.98 -12.63
CA GLY A 932 19.24 36.99 -11.95
C GLY A 932 18.47 38.07 -11.20
N VAL A 933 17.21 37.82 -10.90
CA VAL A 933 16.42 38.78 -10.12
C VAL A 933 16.70 38.59 -8.63
N THR A 934 17.52 39.46 -8.04
CA THR A 934 17.82 39.37 -6.60
C THR A 934 16.71 39.97 -5.76
N ASP A 935 16.68 39.64 -4.46
CA ASP A 935 15.64 40.14 -3.57
C ASP A 935 15.65 41.67 -3.48
N GLU A 936 16.82 42.28 -3.61
CA GLU A 936 16.91 43.73 -3.59
C GLU A 936 16.38 44.34 -4.89
N GLU A 937 16.49 43.61 -6.00
CA GLU A 937 15.84 44.02 -7.26
C GLU A 937 14.30 43.94 -7.17
N ARG A 938 13.80 42.85 -6.60
CA ARG A 938 12.36 42.67 -6.34
C ARG A 938 11.84 43.85 -5.52
N GLN A 939 12.52 44.14 -4.42
CA GLN A 939 12.13 45.24 -3.55
C GLN A 939 12.22 46.60 -4.23
N ARG A 940 13.30 46.86 -4.96
CA ARG A 940 13.39 48.12 -5.67
C ARG A 940 12.26 48.27 -6.69
N LYS A 941 11.97 47.20 -7.42
CA LYS A 941 10.90 47.24 -8.39
C LYS A 941 9.51 47.43 -7.76
N ARG A 942 9.28 46.81 -6.60
CA ARG A 942 8.01 46.99 -5.86
C ARG A 942 7.76 48.44 -5.42
N GLU A 943 8.79 49.07 -4.85
CA GLU A 943 8.75 50.47 -4.47
C GLU A 943 8.52 51.40 -5.67
N GLU A 944 9.08 51.05 -6.82
CA GLU A 944 8.81 51.75 -8.06
C GLU A 944 7.35 51.56 -8.50
N ILE A 945 6.81 50.35 -8.32
CA ILE A 945 5.40 50.09 -8.63
C ILE A 945 4.53 50.97 -7.72
N LEU A 946 4.83 50.98 -6.42
CA LEU A 946 4.02 51.68 -5.43
C LEU A 946 4.04 53.20 -5.56
N THR A 947 4.99 53.73 -6.33
CA THR A 947 5.12 55.17 -6.52
C THR A 947 4.90 55.62 -7.98
N THR A 948 4.26 54.79 -8.80
CA THR A 948 4.04 55.19 -10.19
C THR A 948 3.11 56.40 -10.27
N SER A 949 3.43 57.29 -11.21
CA SER A 949 2.84 58.61 -11.24
C SER A 949 2.39 58.88 -12.65
N LEU A 950 1.68 60.00 -12.82
CA LEU A 950 1.22 60.43 -14.14
C LEU A 950 2.37 60.58 -15.14
N LYS A 951 3.48 61.12 -14.67
CA LYS A 951 4.68 61.31 -15.49
C LYS A 951 5.19 60.00 -16.10
N ASP A 952 5.15 58.93 -15.31
CA ASP A 952 5.50 57.60 -15.78
C ASP A 952 4.68 57.20 -17.01
N PHE A 953 3.38 57.48 -16.96
CA PHE A 953 2.46 57.09 -18.05
C PHE A 953 2.81 57.79 -19.35
N LYS A 954 3.13 59.07 -19.23
CA LYS A 954 3.62 59.87 -20.36
C LYS A 954 5.00 59.46 -20.84
N ASP A 955 5.93 59.22 -19.93
CA ASP A 955 7.26 58.72 -20.32
C ASP A 955 7.19 57.40 -21.10
N PHE A 956 6.37 56.47 -20.61
CA PHE A 956 6.22 55.15 -21.22
C PHE A 956 5.60 55.21 -22.61
N ALA A 957 4.79 56.24 -22.85
CA ALA A 957 4.16 56.44 -24.16
C ALA A 957 5.22 56.55 -25.27
N GLN A 958 6.33 57.19 -24.93
CA GLN A 958 7.39 57.47 -25.89
C GLN A 958 8.21 56.21 -26.19
N ALA A 959 8.34 55.35 -25.17
CA ALA A 959 9.01 54.06 -25.29
C ALA A 959 8.24 53.07 -26.19
N ILE A 960 6.93 52.97 -26.01
CA ILE A 960 6.14 52.03 -26.83
C ILE A 960 5.82 52.54 -28.24
N ASP A 961 6.07 53.82 -28.48
CA ASP A 961 5.94 54.38 -29.84
C ASP A 961 6.98 53.79 -30.80
N VAL A 962 8.09 53.29 -30.25
CA VAL A 962 9.06 52.51 -31.02
C VAL A 962 8.47 51.23 -31.60
N VAL A 963 7.50 50.64 -30.91
CA VAL A 963 6.75 49.50 -31.46
C VAL A 963 5.89 49.94 -32.65
N ARG A 964 5.27 51.12 -32.56
CA ARG A 964 4.54 51.68 -33.69
C ARG A 964 5.46 51.97 -34.87
N ASP A 965 6.60 52.60 -34.60
CA ASP A 965 7.51 53.10 -35.64
C ASP A 965 8.40 52.01 -36.24
N LYS A 966 8.90 51.09 -35.38
CA LYS A 966 9.89 50.06 -35.78
C LYS A 966 9.53 48.63 -35.38
N GLY A 967 8.32 48.42 -34.88
CA GLY A 967 7.89 47.10 -34.44
C GLY A 967 7.49 46.19 -35.59
N VAL A 968 7.59 44.89 -35.36
CA VAL A 968 7.22 43.92 -36.36
C VAL A 968 5.83 43.34 -36.09
N ALA A 969 5.06 43.10 -37.16
CA ALA A 969 3.76 42.45 -37.06
C ALA A 969 3.76 41.02 -37.57
N VAL A 970 3.24 40.11 -36.75
CA VAL A 970 2.98 38.76 -37.21
C VAL A 970 1.50 38.47 -36.98
N ALA A 971 0.81 37.98 -38.01
CA ALA A 971 -0.59 37.59 -37.85
C ALA A 971 -0.83 36.13 -38.24
N VAL A 972 -1.75 35.47 -37.53
CA VAL A 972 -2.28 34.16 -37.94
C VAL A 972 -3.74 34.38 -38.35
N ALA A 973 -4.03 34.19 -39.64
CA ALA A 973 -5.29 34.68 -40.21
C ALA A 973 -5.79 33.85 -41.38
N SER A 974 -7.02 34.14 -41.82
CA SER A 974 -7.61 33.65 -43.08
C SER A 974 -6.79 34.02 -44.31
N ALA A 975 -6.84 33.15 -45.33
CA ALA A 975 -6.32 33.48 -46.66
C ALA A 975 -7.02 34.72 -47.23
N GLU A 976 -8.33 34.80 -47.03
CA GLU A 976 -9.15 35.94 -47.45
C GLU A 976 -8.60 37.24 -46.87
N ASP A 977 -8.55 37.28 -45.53
CA ASP A 977 -8.14 38.46 -44.78
C ASP A 977 -6.69 38.84 -45.06
N ILE A 978 -5.84 37.84 -45.31
CA ILE A 978 -4.44 38.14 -45.64
C ILE A 978 -4.29 38.87 -46.98
N ASP A 979 -4.96 38.42 -48.04
CA ASP A 979 -4.89 39.15 -49.31
C ASP A 979 -5.69 40.45 -49.28
N ALA A 980 -6.89 40.41 -48.69
CA ALA A 980 -7.66 41.64 -48.45
C ALA A 980 -6.82 42.74 -47.81
N ALA A 981 -5.95 42.34 -46.87
CA ALA A 981 -5.07 43.28 -46.18
C ALA A 981 -3.83 43.61 -47.01
N ASN A 982 -3.33 42.63 -47.75
CA ASN A 982 -2.21 42.87 -48.65
C ASN A 982 -2.57 43.65 -49.93
N ASN A 983 -3.86 43.86 -50.16
CA ASN A 983 -4.33 44.73 -51.24
C ASN A 983 -4.59 46.16 -50.76
N GLU A 984 -4.98 46.29 -49.50
CA GLU A 984 -5.11 47.59 -48.85
C GLU A 984 -3.73 48.17 -48.55
N ARG A 985 -2.84 47.33 -48.00
CA ARG A 985 -1.44 47.70 -47.80
C ARG A 985 -0.59 46.73 -48.60
N SER A 986 -0.19 47.16 -49.79
CA SER A 986 0.49 46.28 -50.75
C SER A 986 1.82 45.73 -50.23
N ASN A 987 1.97 44.41 -50.34
CA ASN A 987 3.15 43.68 -49.84
C ASN A 987 3.52 43.99 -48.39
N PHE A 988 2.53 44.19 -47.52
CA PHE A 988 2.80 44.42 -46.10
C PHE A 988 3.21 43.12 -45.41
N PHE A 989 2.37 42.10 -45.54
CA PHE A 989 2.59 40.78 -44.98
C PHE A 989 3.25 39.83 -45.97
N GLU A 990 4.33 39.18 -45.53
CA GLU A 990 4.93 38.06 -46.23
C GLU A 990 4.04 36.86 -45.90
N VAL A 991 3.70 36.05 -46.91
CA VAL A 991 2.67 35.03 -46.74
C VAL A 991 3.21 33.61 -46.51
N LYS A 992 3.07 33.13 -45.29
CA LYS A 992 3.50 31.79 -44.86
C LYS A 992 2.31 30.85 -44.77
N LYS A 993 2.36 29.74 -45.51
CA LYS A 993 1.26 28.78 -45.53
C LYS A 993 1.38 27.73 -44.44
N ASP B 15 -24.89 -6.47 38.03
CA ASP B 15 -26.10 -7.01 38.74
C ASP B 15 -25.96 -8.48 39.11
N GLU B 16 -25.88 -9.36 38.12
CA GLU B 16 -25.67 -10.78 38.46
C GLU B 16 -24.20 -11.11 38.68
N ALA B 17 -23.32 -10.40 37.99
CA ALA B 17 -21.89 -10.43 38.30
C ALA B 17 -21.67 -10.01 39.76
N GLU B 18 -22.29 -8.91 40.16
CA GLU B 18 -22.21 -8.41 41.54
C GLU B 18 -22.70 -9.48 42.53
N LYS B 19 -23.85 -10.06 42.22
CA LYS B 19 -24.47 -11.15 43.00
C LYS B 19 -23.54 -12.35 43.14
N LEU B 20 -22.71 -12.57 42.12
CA LEU B 20 -21.74 -13.68 42.14
C LEU B 20 -20.39 -13.34 42.77
N GLY B 21 -20.21 -12.09 43.18
CA GLY B 21 -19.00 -11.65 43.91
C GLY B 21 -17.99 -10.83 43.13
N PHE B 22 -18.40 -10.29 41.98
CA PHE B 22 -17.46 -9.64 41.06
C PHE B 22 -17.79 -8.19 40.71
N GLU B 23 -16.73 -7.41 40.61
CA GLU B 23 -16.77 -6.00 40.29
C GLU B 23 -16.40 -5.84 38.83
N LYS B 24 -17.24 -5.17 38.06
CA LYS B 24 -16.88 -4.80 36.69
C LYS B 24 -15.94 -3.60 36.75
N VAL B 25 -14.73 -3.78 36.23
CA VAL B 25 -13.68 -2.77 36.31
C VAL B 25 -13.64 -1.94 35.03
N SER B 26 -13.60 -2.64 33.90
CA SER B 26 -13.46 -2.02 32.59
C SER B 26 -14.06 -2.95 31.55
N GLU B 27 -14.56 -2.38 30.46
CA GLU B 27 -15.06 -3.16 29.33
C GLU B 27 -14.79 -2.43 28.02
N GLU B 28 -14.39 -3.18 27.01
CA GLU B 28 -14.28 -2.62 25.66
C GLU B 28 -14.48 -3.66 24.60
N PHE B 29 -15.04 -3.19 23.48
CA PHE B 29 -15.14 -3.97 22.27
C PHE B 29 -13.83 -3.83 21.52
N ILE B 30 -13.28 -4.97 21.10
CA ILE B 30 -12.01 -5.01 20.41
C ILE B 30 -12.27 -5.59 19.04
N SER B 31 -12.23 -4.72 18.03
CA SER B 31 -12.54 -5.14 16.65
C SER B 31 -11.54 -6.16 16.13
N GLU B 32 -10.30 -6.05 16.59
CA GLU B 32 -9.21 -6.97 16.22
C GLU B 32 -9.61 -8.45 16.34
N CYS B 33 -10.31 -8.78 17.43
CA CYS B 33 -10.75 -10.15 17.65
C CYS B 33 -12.27 -10.23 17.79
N LYS B 34 -12.95 -9.27 17.17
CA LYS B 34 -14.41 -9.14 17.18
C LYS B 34 -15.04 -9.58 18.51
N SER B 35 -14.51 -9.03 19.61
CA SER B 35 -14.81 -9.47 20.94
C SER B 35 -15.20 -8.34 21.88
N LYS B 36 -15.95 -8.71 22.91
CA LYS B 36 -16.28 -7.83 24.02
C LYS B 36 -15.46 -8.37 25.17
N ALA B 37 -14.52 -7.57 25.64
CA ALA B 37 -13.65 -7.92 26.75
C ALA B 37 -14.11 -7.15 27.96
N ILE B 38 -14.27 -7.86 29.06
CA ILE B 38 -14.70 -7.26 30.28
C ILE B 38 -13.70 -7.73 31.32
N LEU B 39 -13.10 -6.78 32.02
CA LEU B 39 -12.23 -7.10 33.12
C LEU B 39 -13.08 -6.98 34.39
N PHE B 40 -13.13 -8.09 35.14
CA PHE B 40 -13.81 -8.19 36.43
C PHE B 40 -12.76 -8.31 37.50
N LYS B 41 -13.12 -7.93 38.72
CA LYS B 41 -12.30 -8.18 39.90
C LYS B 41 -13.17 -8.86 40.96
N HIS B 42 -12.67 -9.95 41.52
CA HIS B 42 -13.33 -10.63 42.62
C HIS B 42 -13.22 -9.70 43.81
N LYS B 43 -14.35 -9.17 44.22
CA LYS B 43 -14.43 -8.17 45.29
C LYS B 43 -13.65 -8.60 46.53
N LYS B 44 -13.72 -9.89 46.84
CA LYS B 44 -13.16 -10.44 48.06
C LYS B 44 -11.65 -10.64 48.03
N THR B 45 -11.14 -11.26 46.97
CA THR B 45 -9.73 -11.62 46.91
C THR B 45 -8.90 -10.61 46.10
N GLY B 46 -9.58 -9.83 45.25
CA GLY B 46 -8.88 -8.99 44.27
C GLY B 46 -8.56 -9.71 42.94
N CYS B 47 -8.84 -11.01 42.86
CA CYS B 47 -8.52 -11.81 41.65
C CYS B 47 -9.11 -11.17 40.41
N GLU B 48 -8.27 -10.93 39.41
CA GLU B 48 -8.69 -10.32 38.15
C GLU B 48 -9.04 -11.35 37.09
N VAL B 49 -10.10 -11.06 36.35
CA VAL B 49 -10.65 -12.01 35.38
C VAL B 49 -10.92 -11.23 34.11
N MSE B 50 -10.28 -11.65 33.01
CA MSE B 50 -10.57 -11.11 31.68
C MSE B 50 -11.55 -12.05 31.07
O MSE B 50 -11.27 -13.25 30.95
CB MSE B 50 -9.31 -11.08 30.80
CG MSE B 50 -8.45 -9.84 30.91
SE MSE B 50 -9.30 -8.29 30.09
CE MSE B 50 -8.61 -8.47 28.22
N SER B 51 -12.72 -11.52 30.67
CA SER B 51 -13.77 -12.33 30.06
C SER B 51 -14.07 -11.84 28.63
N VAL B 52 -13.61 -12.62 27.66
CA VAL B 52 -13.65 -12.23 26.27
C VAL B 52 -14.76 -13.06 25.59
N SER B 53 -15.75 -12.38 25.03
CA SER B 53 -16.91 -12.99 24.39
C SER B 53 -16.94 -12.71 22.91
N ASN B 54 -17.24 -13.76 22.16
CA ASN B 54 -17.24 -13.69 20.72
C ASN B 54 -17.91 -14.92 20.17
N GLU B 55 -17.83 -15.10 18.87
CA GLU B 55 -18.48 -16.18 18.17
C GLU B 55 -17.54 -17.38 18.04
N ASP B 56 -16.38 -17.33 18.70
CA ASP B 56 -15.37 -18.37 18.54
C ASP B 56 -15.79 -19.60 19.34
N GLU B 57 -15.95 -20.71 18.64
CA GLU B 57 -16.36 -21.94 19.32
C GLU B 57 -15.19 -22.66 19.94
N ASN B 58 -13.96 -22.32 19.54
CA ASN B 58 -12.81 -22.90 20.24
C ASN B 58 -12.54 -22.08 21.49
N LYS B 59 -13.18 -22.52 22.58
CA LYS B 59 -13.14 -21.81 23.88
C LYS B 59 -11.89 -22.11 24.67
N VAL B 60 -11.46 -21.11 25.44
CA VAL B 60 -10.16 -21.13 26.07
C VAL B 60 -10.27 -20.63 27.52
N PHE B 61 -9.63 -21.35 28.42
CA PHE B 61 -9.51 -20.88 29.76
C PHE B 61 -8.07 -20.99 30.16
N GLY B 62 -7.59 -20.02 30.94
CA GLY B 62 -6.27 -20.11 31.55
C GLY B 62 -6.28 -19.46 32.92
N VAL B 63 -5.47 -19.98 33.82
CA VAL B 63 -5.19 -19.30 35.07
C VAL B 63 -3.66 -19.15 35.14
N VAL B 64 -3.21 -17.96 35.50
CA VAL B 64 -1.81 -17.63 35.53
C VAL B 64 -1.51 -17.06 36.91
N PHE B 65 -0.39 -17.47 37.48
CA PHE B 65 0.14 -16.99 38.75
C PHE B 65 1.48 -16.32 38.51
N ARG B 66 1.74 -15.24 39.24
CA ARG B 66 3.02 -14.53 39.18
C ARG B 66 3.97 -15.23 40.18
N THR B 67 4.98 -15.90 39.65
CA THR B 67 5.75 -16.91 40.39
C THR B 67 7.27 -16.68 40.26
N PRO B 68 7.77 -15.53 40.73
CA PRO B 68 9.20 -15.22 40.52
C PRO B 68 10.11 -16.03 41.44
N PRO B 69 10.99 -16.87 40.86
CA PRO B 69 11.92 -17.61 41.72
C PRO B 69 12.94 -16.69 42.38
N LYS B 70 13.48 -17.13 43.53
CA LYS B 70 14.62 -16.44 44.13
C LYS B 70 15.92 -17.23 44.01
N ASP B 71 15.85 -18.41 43.40
CA ASP B 71 17.04 -19.18 43.06
C ASP B 71 16.79 -20.22 41.96
N SER B 72 17.78 -21.06 41.68
CA SER B 72 17.70 -22.04 40.57
C SER B 72 17.36 -23.50 40.96
N THR B 73 16.58 -23.72 42.01
CA THR B 73 16.14 -25.09 42.38
C THR B 73 14.93 -25.58 41.56
N GLY B 74 14.27 -24.66 40.87
CA GLY B 74 13.18 -25.00 39.98
C GLY B 74 11.83 -25.16 40.63
N ILE B 75 11.62 -24.53 41.79
CA ILE B 75 10.34 -24.67 42.49
C ILE B 75 9.10 -24.34 41.66
N PRO B 76 9.14 -23.24 40.85
CA PRO B 76 7.93 -22.93 40.08
C PRO B 76 7.59 -24.07 39.12
N HIS B 77 8.62 -24.65 38.52
CA HIS B 77 8.50 -25.69 37.51
C HIS B 77 8.09 -27.02 38.12
N ILE B 78 8.69 -27.36 39.25
CA ILE B 78 8.32 -28.57 39.99
C ILE B 78 6.87 -28.47 40.49
N LEU B 79 6.52 -27.34 41.06
CA LEU B 79 5.15 -27.08 41.47
C LEU B 79 4.14 -27.19 40.29
N GLN B 80 4.50 -26.59 39.16
CA GLN B 80 3.69 -26.72 37.95
C GLN B 80 3.36 -28.19 37.59
N HIS B 81 4.36 -29.07 37.67
CA HIS B 81 4.13 -30.50 37.47
C HIS B 81 3.26 -31.12 38.57
N SER B 82 3.55 -30.75 39.83
CA SER B 82 2.93 -31.38 41.00
C SER B 82 1.46 -31.09 41.20
N VAL B 83 1.01 -29.87 40.93
CA VAL B 83 -0.39 -29.49 41.14
C VAL B 83 -1.33 -30.33 40.28
N LEU B 84 -0.79 -30.85 39.18
CA LEU B 84 -1.57 -31.69 38.26
C LEU B 84 -1.54 -33.20 38.60
N CYS B 85 -0.98 -33.54 39.77
CA CYS B 85 -0.93 -34.93 40.25
C CYS B 85 -1.91 -35.25 41.39
N GLY B 86 -3.08 -34.65 41.36
CA GLY B 86 -4.12 -34.98 42.33
C GLY B 86 -4.57 -33.76 43.07
N SER B 87 -5.87 -33.70 43.34
CA SER B 87 -6.44 -32.55 44.01
C SER B 87 -7.69 -32.92 44.81
N ARG B 88 -8.17 -31.96 45.61
CA ARG B 88 -9.37 -32.11 46.44
C ARG B 88 -10.41 -33.05 45.81
N LYS B 89 -11.14 -32.54 44.82
CA LYS B 89 -12.23 -33.28 44.17
C LYS B 89 -11.75 -34.39 43.20
N TYR B 90 -10.44 -34.44 42.97
CA TYR B 90 -9.87 -35.39 42.01
C TYR B 90 -8.66 -36.10 42.58
N PRO B 91 -8.88 -37.04 43.53
CA PRO B 91 -7.76 -37.74 44.17
C PRO B 91 -7.41 -38.99 43.38
N VAL B 92 -6.88 -38.79 42.19
CA VAL B 92 -6.29 -39.85 41.42
C VAL B 92 -4.83 -39.47 41.25
N LYS B 93 -3.98 -40.45 40.93
CA LYS B 93 -2.56 -40.22 40.70
C LYS B 93 -2.24 -39.05 39.77
N GLU B 94 -2.99 -38.92 38.67
CA GLU B 94 -2.73 -37.86 37.71
C GLU B 94 -3.99 -37.46 36.94
N PRO B 95 -4.77 -36.52 37.49
CA PRO B 95 -5.96 -36.02 36.79
C PRO B 95 -5.64 -35.47 35.40
N PHE B 96 -4.46 -34.90 35.24
CA PHE B 96 -4.00 -34.38 33.95
C PHE B 96 -4.02 -35.46 32.86
N VAL B 97 -3.46 -36.63 33.15
CA VAL B 97 -3.45 -37.77 32.23
C VAL B 97 -4.85 -38.28 31.95
N GLU B 98 -5.72 -38.29 32.96
CA GLU B 98 -7.11 -38.69 32.75
C GLU B 98 -7.80 -37.80 31.73
N LEU B 99 -7.50 -36.51 31.73
CA LEU B 99 -8.06 -35.61 30.73
C LEU B 99 -7.41 -35.84 29.37
N LEU B 100 -6.13 -36.18 29.37
CA LEU B 100 -5.43 -36.56 28.14
C LEU B 100 -6.06 -37.82 27.49
N LYS B 101 -6.30 -38.84 28.31
CA LYS B 101 -6.91 -40.10 27.86
C LYS B 101 -8.31 -39.97 27.28
N GLY B 102 -9.16 -39.16 27.91
CA GLY B 102 -10.61 -39.24 27.64
C GLY B 102 -11.43 -37.97 27.54
N SER B 103 -10.85 -36.88 27.02
CA SER B 103 -11.63 -35.64 26.82
C SER B 103 -11.52 -35.12 25.38
N LEU B 104 -12.34 -34.14 25.03
CA LEU B 104 -12.42 -33.62 23.67
C LEU B 104 -11.63 -32.33 23.46
N HIS B 105 -10.68 -32.09 24.35
CA HIS B 105 -9.91 -30.86 24.34
C HIS B 105 -9.18 -30.53 23.00
N THR B 106 -9.01 -29.26 22.74
CA THR B 106 -8.17 -28.78 21.65
C THR B 106 -6.80 -28.33 22.17
N PHE B 107 -6.68 -28.16 23.49
CA PHE B 107 -5.40 -27.83 24.10
C PHE B 107 -5.44 -28.28 25.54
N LEU B 108 -4.34 -28.86 26.02
CA LEU B 108 -4.22 -29.27 27.40
C LEU B 108 -2.74 -29.31 27.72
N ASN B 109 -2.28 -28.35 28.51
CA ASN B 109 -0.89 -28.25 28.87
C ASN B 109 -0.72 -27.29 30.05
N ALA B 110 0.53 -27.01 30.42
CA ALA B 110 0.87 -26.03 31.44
C ALA B 110 2.29 -25.57 31.17
N PHE B 111 2.56 -24.27 31.34
CA PHE B 111 3.88 -23.70 31.05
C PHE B 111 4.40 -22.94 32.24
N THR B 112 5.71 -23.05 32.46
CA THR B 112 6.44 -22.27 33.42
C THR B 112 7.31 -21.26 32.69
N TYR B 113 6.94 -19.98 32.81
CA TYR B 113 7.73 -18.86 32.31
C TYR B 113 8.74 -18.40 33.37
N PRO B 114 9.69 -17.53 32.99
CA PRO B 114 10.64 -17.06 33.99
C PRO B 114 10.06 -16.39 35.23
N ASP B 115 8.84 -15.84 35.15
CA ASP B 115 8.24 -15.12 36.29
C ASP B 115 6.74 -15.38 36.47
N ARG B 116 6.21 -16.38 35.77
CA ARG B 116 4.78 -16.71 35.82
C ARG B 116 4.55 -18.16 35.45
N THR B 117 3.46 -18.75 35.97
CA THR B 117 3.10 -20.14 35.66
C THR B 117 1.65 -20.16 35.14
N CYS B 118 1.45 -20.75 33.96
CA CYS B 118 0.21 -20.66 33.18
C CYS B 118 -0.41 -22.04 33.00
N TYR B 119 -1.72 -22.12 33.13
CA TYR B 119 -2.47 -23.38 33.10
C TYR B 119 -3.65 -23.22 32.16
N PRO B 120 -3.39 -23.40 30.84
CA PRO B 120 -4.44 -23.28 29.83
C PRO B 120 -5.17 -24.59 29.39
N VAL B 121 -6.46 -24.51 29.05
CA VAL B 121 -7.20 -25.63 28.39
C VAL B 121 -8.05 -25.02 27.32
N ALA B 122 -8.42 -25.82 26.32
CA ALA B 122 -9.36 -25.38 25.29
C ALA B 122 -10.21 -26.54 24.75
N SER B 123 -11.44 -26.24 24.36
CA SER B 123 -12.32 -27.23 23.77
C SER B 123 -13.40 -26.53 23.00
N THR B 124 -13.87 -27.16 21.91
CA THR B 124 -15.03 -26.69 21.19
C THR B 124 -16.34 -27.27 21.79
N ASN B 125 -16.20 -28.27 22.66
CA ASN B 125 -17.36 -28.87 23.32
C ASN B 125 -17.62 -28.20 24.66
N THR B 126 -18.83 -27.63 24.82
CA THR B 126 -19.19 -26.90 26.05
C THR B 126 -19.07 -27.78 27.32
N LYS B 127 -19.71 -28.94 27.31
CA LYS B 127 -19.59 -29.86 28.47
C LYS B 127 -18.15 -30.23 28.75
N ASP B 128 -17.42 -30.53 27.68
CA ASP B 128 -16.01 -30.89 27.81
C ASP B 128 -15.24 -29.70 28.38
N PHE B 129 -15.53 -28.51 27.87
CA PHE B 129 -14.86 -27.29 28.34
C PHE B 129 -15.02 -27.16 29.84
N TYR B 130 -16.26 -27.24 30.31
CA TYR B 130 -16.51 -27.05 31.72
C TYR B 130 -15.81 -28.09 32.57
N ASN B 131 -15.80 -29.35 32.12
CA ASN B 131 -15.05 -30.42 32.79
C ASN B 131 -13.54 -30.15 32.96
N LEU B 132 -12.93 -29.63 31.89
CA LEU B 132 -11.49 -29.30 31.89
C LEU B 132 -11.19 -28.15 32.87
N VAL B 133 -12.00 -27.11 32.82
CA VAL B 133 -11.85 -25.94 33.68
C VAL B 133 -11.95 -26.31 35.17
N ASP B 134 -12.96 -27.11 35.53
CA ASP B 134 -13.05 -27.63 36.91
C ASP B 134 -11.80 -28.37 37.40
N VAL B 135 -11.24 -29.24 36.55
CA VAL B 135 -10.09 -30.04 36.92
C VAL B 135 -8.86 -29.14 37.14
N TYR B 136 -8.72 -28.14 36.27
CA TYR B 136 -7.65 -27.14 36.39
C TYR B 136 -7.80 -26.22 37.63
N LEU B 137 -8.99 -25.69 37.87
CA LEU B 137 -9.22 -24.85 39.05
C LEU B 137 -8.92 -25.59 40.35
N ASP B 138 -9.40 -26.83 40.45
CA ASP B 138 -9.17 -27.64 41.66
C ASP B 138 -7.71 -27.98 41.85
N ALA B 139 -7.00 -28.23 40.77
CA ALA B 139 -5.56 -28.55 40.80
C ALA B 139 -4.71 -27.39 41.33
N VAL B 140 -4.96 -26.18 40.83
CA VAL B 140 -4.09 -25.08 41.20
C VAL B 140 -4.40 -24.57 42.61
N PHE B 141 -5.68 -24.59 42.96
CA PHE B 141 -6.10 -24.01 44.23
C PHE B 141 -6.08 -25.02 45.36
N PHE B 142 -6.43 -26.30 45.10
CA PHE B 142 -6.45 -27.35 46.16
C PHE B 142 -5.69 -28.64 45.87
N PRO B 143 -4.39 -28.55 45.57
CA PRO B 143 -3.60 -29.71 45.21
C PRO B 143 -3.20 -30.58 46.40
N LYS B 144 -3.17 -31.89 46.16
CA LYS B 144 -2.70 -32.89 47.11
C LYS B 144 -1.21 -32.79 47.40
N CYS B 145 -0.44 -32.24 46.45
CA CYS B 145 1.02 -32.28 46.53
C CYS B 145 1.60 -31.54 47.75
N VAL B 146 0.81 -30.66 48.34
CA VAL B 146 1.18 -29.99 49.61
C VAL B 146 0.88 -30.84 50.86
N ASP B 147 0.33 -32.04 50.66
CA ASP B 147 0.03 -32.95 51.76
C ASP B 147 1.24 -33.78 52.23
N ASP B 148 1.87 -34.52 51.30
CA ASP B 148 3.14 -35.20 51.60
C ASP B 148 4.05 -35.37 50.37
N ALA B 149 5.29 -35.74 50.66
CA ALA B 149 6.42 -35.61 49.75
C ALA B 149 6.45 -36.48 48.47
N HIS B 150 5.56 -37.48 48.36
CA HIS B 150 5.61 -38.40 47.21
C HIS B 150 5.68 -37.65 45.89
N THR B 151 4.65 -36.83 45.62
CA THR B 151 4.54 -36.13 44.35
C THR B 151 5.79 -35.27 44.10
N PHE B 152 6.24 -34.58 45.14
CA PHE B 152 7.46 -33.79 45.10
C PHE B 152 8.68 -34.62 44.69
N GLN B 153 8.82 -35.81 45.27
CA GLN B 153 9.96 -36.69 44.98
C GLN B 153 9.86 -37.26 43.59
N GLN B 154 8.65 -37.42 43.11
CA GLN B 154 8.42 -37.95 41.79
C GLN B 154 8.64 -36.86 40.73
N GLU B 155 8.11 -35.65 40.97
CA GLU B 155 8.17 -34.57 39.97
C GLU B 155 9.43 -33.68 40.11
N GLY B 156 9.87 -33.46 41.35
CA GLY B 156 11.11 -32.74 41.62
C GLY B 156 12.34 -33.63 41.58
N TRP B 157 12.72 -34.20 42.73
CA TRP B 157 13.90 -35.06 42.81
C TRP B 157 13.83 -35.96 44.05
N HIS B 158 14.48 -37.12 43.97
CA HIS B 158 14.67 -38.03 45.09
C HIS B 158 15.89 -38.90 44.83
N TYR B 159 16.30 -39.63 45.87
CA TYR B 159 17.31 -40.66 45.75
C TYR B 159 16.61 -41.95 45.36
N GLU B 160 17.09 -42.58 44.30
CA GLU B 160 16.66 -43.92 43.94
C GLU B 160 17.83 -44.84 44.19
N LEU B 161 17.56 -45.91 44.92
CA LEU B 161 18.52 -46.98 45.09
C LEU B 161 17.74 -48.28 44.85
N ASN B 162 18.06 -48.95 43.74
CA ASN B 162 17.35 -50.17 43.38
C ASN B 162 17.76 -51.30 44.31
N ASP B 163 19.06 -51.38 44.55
CA ASP B 163 19.65 -52.40 45.42
C ASP B 163 20.78 -51.75 46.24
N PRO B 164 20.89 -52.11 47.54
CA PRO B 164 21.99 -51.63 48.42
C PRO B 164 23.44 -51.90 47.95
N SER B 165 23.65 -52.68 46.90
CA SER B 165 25.02 -52.92 46.39
C SER B 165 25.33 -52.06 45.17
N GLU B 166 24.33 -51.31 44.72
CA GLU B 166 24.46 -50.40 43.59
C GLU B 166 24.59 -48.97 44.11
N ASP B 167 25.02 -48.02 43.28
CA ASP B 167 25.07 -46.65 43.81
C ASP B 167 23.73 -45.96 43.67
N ILE B 168 23.60 -44.87 44.42
CA ILE B 168 22.40 -44.08 44.41
C ILE B 168 22.42 -43.22 43.15
N SER B 169 21.23 -42.95 42.63
CA SER B 169 21.10 -41.97 41.55
C SER B 169 19.99 -40.98 41.89
N TYR B 170 20.07 -39.80 41.29
CA TYR B 170 18.98 -38.82 41.37
C TYR B 170 17.88 -39.19 40.39
N LYS B 171 16.63 -39.01 40.79
CA LYS B 171 15.49 -39.20 39.89
C LYS B 171 14.40 -38.18 40.17
N GLY B 172 13.73 -37.75 39.11
CA GLY B 172 12.64 -36.77 39.16
C GLY B 172 12.27 -36.44 37.73
N VAL B 173 11.00 -36.12 37.48
CA VAL B 173 10.59 -35.80 36.11
C VAL B 173 11.28 -34.53 35.62
N VAL B 174 11.18 -33.48 36.43
CA VAL B 174 11.84 -32.19 36.19
C VAL B 174 13.36 -32.35 36.11
N PHE B 175 13.93 -33.15 37.02
CA PHE B 175 15.37 -33.40 37.05
C PHE B 175 15.91 -33.89 35.71
N ASN B 176 15.20 -34.82 35.08
CA ASN B 176 15.61 -35.40 33.79
C ASN B 176 15.25 -34.58 32.56
N GLU B 177 14.09 -33.93 32.62
CA GLU B 177 13.68 -32.95 31.60
C GLU B 177 14.74 -31.87 31.49
N MSE B 178 15.20 -31.37 32.64
CA MSE B 178 16.17 -30.29 32.68
C MSE B 178 17.57 -30.72 32.28
O MSE B 178 18.38 -29.89 31.87
CB MSE B 178 16.19 -29.58 34.05
CG MSE B 178 14.92 -28.84 34.39
SE MSE B 178 14.19 -27.69 32.96
CE MSE B 178 15.68 -26.32 32.85
N LYS B 179 17.86 -32.02 32.40
CA LYS B 179 19.11 -32.58 31.90
C LYS B 179 19.10 -32.57 30.37
N GLY B 180 17.93 -32.78 29.78
CA GLY B 180 17.72 -32.64 28.34
C GLY B 180 17.86 -31.19 27.87
N VAL B 181 17.41 -30.25 28.70
CA VAL B 181 17.52 -28.82 28.38
C VAL B 181 19.00 -28.38 28.44
N TYR B 182 19.61 -28.62 29.60
CA TYR B 182 21.00 -28.25 29.87
C TYR B 182 22.07 -28.98 29.04
N SER B 183 21.67 -29.91 28.18
CA SER B 183 22.65 -30.55 27.29
C SER B 183 22.52 -30.05 25.83
N GLN B 184 21.65 -29.06 25.62
CA GLN B 184 21.58 -28.36 24.33
C GLN B 184 22.33 -27.03 24.44
N PRO B 185 23.44 -26.89 23.66
CA PRO B 185 24.28 -25.66 23.63
C PRO B 185 23.48 -24.36 23.42
N ASP B 186 22.52 -24.37 22.49
CA ASP B 186 21.69 -23.20 22.23
C ASP B 186 20.87 -22.82 23.47
N ASN B 187 20.37 -23.81 24.21
CA ASN B 187 19.69 -23.56 25.49
C ASN B 187 20.60 -22.95 26.53
N ILE B 188 21.84 -23.47 26.58
CA ILE B 188 22.87 -22.95 27.47
C ILE B 188 23.11 -21.46 27.21
N LEU B 189 23.29 -21.11 25.95
CA LEU B 189 23.52 -19.73 25.53
C LEU B 189 22.41 -18.81 25.96
N GLY B 190 21.16 -19.22 25.70
CA GLY B 190 19.97 -18.44 26.04
C GLY B 190 19.82 -18.13 27.52
N ARG B 191 20.06 -19.12 28.35
CA ARG B 191 20.05 -18.97 29.80
C ARG B 191 21.16 -18.03 30.30
N ILE B 192 22.38 -18.22 29.82
CA ILE B 192 23.51 -17.34 30.19
C ILE B 192 23.19 -15.90 29.82
N ALA B 193 22.73 -15.69 28.58
CA ALA B 193 22.42 -14.34 28.13
C ALA B 193 21.34 -13.71 28.99
N GLN B 194 20.30 -14.48 29.33
CA GLN B 194 19.19 -13.91 30.08
C GLN B 194 19.64 -13.51 31.48
N GLN B 195 20.51 -14.35 32.06
CA GLN B 195 20.95 -14.17 33.43
C GLN B 195 22.05 -13.09 33.56
N ALA B 196 22.88 -12.96 32.53
CA ALA B 196 23.85 -11.85 32.44
C ALA B 196 23.19 -10.50 32.22
N LEU B 197 22.04 -10.48 31.54
CA LEU B 197 21.36 -9.23 31.24
C LEU B 197 20.62 -8.67 32.43
N SER B 198 20.06 -9.55 33.26
CA SER B 198 19.25 -9.13 34.41
C SER B 198 19.69 -9.85 35.69
N PRO B 199 20.89 -9.52 36.22
CA PRO B 199 21.38 -10.26 37.40
C PRO B 199 20.78 -9.80 38.74
N GLU B 200 19.99 -8.74 38.73
CA GLU B 200 19.42 -8.23 39.96
C GLU B 200 17.92 -8.42 40.10
N ASN B 201 17.30 -9.13 39.14
CA ASN B 201 15.92 -9.56 39.35
C ASN B 201 15.68 -11.06 39.15
N THR B 202 14.41 -11.46 39.09
CA THR B 202 14.06 -12.88 39.00
C THR B 202 14.64 -13.57 37.74
N TYR B 203 14.98 -12.80 36.71
CA TYR B 203 15.59 -13.38 35.50
C TYR B 203 17.06 -13.76 35.67
N GLY B 204 17.65 -13.35 36.78
CA GLY B 204 19.01 -13.78 37.15
C GLY B 204 19.12 -15.24 37.54
N VAL B 205 17.97 -15.89 37.83
CA VAL B 205 17.93 -17.33 38.16
C VAL B 205 17.09 -18.16 37.17
N ASP B 206 17.19 -19.49 37.26
CA ASP B 206 16.45 -20.40 36.35
C ASP B 206 15.18 -20.98 37.02
N SER B 207 14.02 -20.48 36.60
CA SER B 207 12.70 -21.01 37.06
C SER B 207 12.47 -22.49 36.69
N GLY B 208 13.08 -22.93 35.59
CA GLY B 208 13.04 -24.32 35.17
C GLY B 208 13.77 -25.26 36.12
N GLY B 209 14.86 -24.77 36.68
CA GLY B 209 15.67 -25.56 37.61
C GLY B 209 17.01 -25.94 37.03
N ASP B 210 18.06 -25.66 37.76
CA ASP B 210 19.41 -26.10 37.43
C ASP B 210 19.59 -27.50 38.02
N PRO B 211 19.87 -28.52 37.18
CA PRO B 211 20.08 -29.87 37.73
C PRO B 211 21.14 -29.94 38.83
N LYS B 212 22.02 -28.94 38.89
CA LYS B 212 23.08 -28.89 39.89
C LYS B 212 22.54 -28.35 41.20
N ASP B 213 21.40 -27.66 41.14
CA ASP B 213 20.79 -27.01 42.29
C ASP B 213 19.46 -27.65 42.71
N ILE B 214 18.83 -28.36 41.79
CA ILE B 214 17.55 -29.04 42.05
C ILE B 214 17.55 -29.87 43.36
N PRO B 215 18.57 -30.70 43.60
CA PRO B 215 18.66 -31.40 44.89
C PRO B 215 18.96 -30.53 46.12
N ASN B 216 18.99 -29.21 45.96
CA ASN B 216 19.09 -28.33 47.12
C ASN B 216 17.71 -28.07 47.69
N LEU B 217 16.69 -28.29 46.86
CA LEU B 217 15.31 -27.99 47.23
C LEU B 217 14.70 -29.03 48.17
N THR B 218 13.93 -28.52 49.14
CA THR B 218 13.20 -29.32 50.11
C THR B 218 11.69 -29.19 49.92
N PHE B 219 10.97 -30.13 50.50
CA PHE B 219 9.51 -30.16 50.48
C PHE B 219 8.92 -28.89 51.10
N GLU B 220 9.42 -28.48 52.26
CA GLU B 220 8.93 -27.30 52.96
C GLU B 220 9.06 -25.97 52.18
N GLU B 221 10.11 -25.83 51.40
CA GLU B 221 10.25 -24.67 50.52
C GLU B 221 9.20 -24.76 49.43
N PHE B 222 9.09 -25.96 48.86
CA PHE B 222 8.16 -26.28 47.77
C PHE B 222 6.76 -25.96 48.21
N LYS B 223 6.41 -26.45 49.40
CA LYS B 223 5.11 -26.23 49.99
C LYS B 223 4.89 -24.75 50.32
N GLU B 224 5.96 -24.06 50.72
CA GLU B 224 5.88 -22.64 51.04
C GLU B 224 5.61 -21.73 49.81
N PHE B 225 6.31 -22.01 48.73
CA PHE B 225 6.05 -21.35 47.44
C PHE B 225 4.58 -21.43 47.04
N HIS B 226 3.96 -22.60 47.19
CA HIS B 226 2.53 -22.73 46.84
C HIS B 226 1.65 -21.85 47.72
N ARG B 227 1.94 -21.79 49.03
CA ARG B 227 1.09 -20.96 49.89
C ARG B 227 1.27 -19.49 49.54
N GLN B 228 2.53 -19.08 49.36
CA GLN B 228 2.87 -17.71 48.97
C GLN B 228 2.22 -17.25 47.66
N TYR B 229 2.36 -18.05 46.61
CA TYR B 229 2.04 -17.59 45.26
C TYR B 229 0.74 -18.11 44.62
N TYR B 230 0.24 -19.25 45.10
CA TYR B 230 -0.98 -19.80 44.53
C TYR B 230 -2.25 -19.39 45.26
N HIS B 231 -2.41 -18.10 45.51
CA HIS B 231 -3.61 -17.54 46.16
C HIS B 231 -4.39 -16.74 45.10
N PRO B 232 -5.73 -16.75 45.14
CA PRO B 232 -6.47 -15.97 44.14
C PRO B 232 -6.02 -14.51 44.00
N SER B 233 -5.61 -13.87 45.11
CA SER B 233 -5.14 -12.49 45.05
C SER B 233 -3.97 -12.36 44.06
N ASN B 234 -3.21 -13.44 43.94
CA ASN B 234 -2.04 -13.48 43.06
C ASN B 234 -2.32 -14.11 41.67
N ALA B 235 -3.60 -14.21 41.31
CA ALA B 235 -4.07 -14.95 40.12
C ALA B 235 -4.70 -14.06 39.07
N ARG B 236 -4.51 -14.41 37.81
CA ARG B 236 -5.20 -13.72 36.72
C ARG B 236 -5.86 -14.82 35.92
N ILE B 237 -7.08 -14.60 35.47
CA ILE B 237 -7.86 -15.69 34.89
C ILE B 237 -8.44 -15.24 33.56
N TRP B 238 -8.37 -16.11 32.57
CA TRP B 238 -8.72 -15.77 31.21
C TRP B 238 -9.79 -16.72 30.72
N PHE B 239 -10.87 -16.16 30.17
CA PHE B 239 -11.90 -16.92 29.48
C PHE B 239 -12.10 -16.27 28.12
N TYR B 240 -12.18 -17.08 27.07
CA TYR B 240 -12.33 -16.59 25.74
C TYR B 240 -13.26 -17.55 25.00
N GLY B 241 -14.18 -16.99 24.20
CA GLY B 241 -15.00 -17.82 23.30
C GLY B 241 -16.48 -17.55 23.40
N ASP B 242 -17.28 -18.48 22.88
CA ASP B 242 -18.73 -18.31 22.75
C ASP B 242 -19.60 -18.84 23.89
N ASP B 243 -18.96 -19.32 24.95
CA ASP B 243 -19.68 -19.78 26.12
C ASP B 243 -20.40 -18.64 26.84
N ASP B 244 -21.35 -18.98 27.71
CA ASP B 244 -22.14 -17.97 28.40
C ASP B 244 -21.26 -17.24 29.42
N PRO B 245 -21.15 -15.90 29.27
CA PRO B 245 -20.25 -15.09 30.10
C PRO B 245 -20.55 -15.08 31.61
N VAL B 246 -21.81 -14.98 32.01
CA VAL B 246 -22.13 -15.02 33.44
C VAL B 246 -21.73 -16.34 34.08
N HIS B 247 -21.99 -17.44 33.38
CA HIS B 247 -21.59 -18.77 33.90
C HIS B 247 -20.10 -18.91 34.23
N ARG B 248 -19.25 -18.21 33.50
CA ARG B 248 -17.83 -18.18 33.83
C ARG B 248 -17.61 -17.70 35.27
N LEU B 249 -18.30 -16.64 35.66
CA LEU B 249 -18.19 -16.10 37.03
C LEU B 249 -18.78 -17.10 38.01
N ARG B 250 -19.91 -17.68 37.65
CA ARG B 250 -20.57 -18.69 38.50
C ARG B 250 -19.61 -19.85 38.80
N VAL B 251 -18.96 -20.34 37.75
CA VAL B 251 -17.92 -21.38 37.89
C VAL B 251 -16.76 -20.98 38.80
N LEU B 252 -16.22 -19.76 38.62
CA LEU B 252 -15.12 -19.31 39.48
C LEU B 252 -15.50 -19.13 40.94
N SER B 253 -16.72 -18.63 41.18
CA SER B 253 -17.18 -18.37 42.55
C SER B 253 -16.91 -19.53 43.52
N GLU B 254 -17.11 -20.78 43.06
CA GLU B 254 -16.88 -21.99 43.88
C GLU B 254 -15.51 -22.00 44.54
N TYR B 255 -14.50 -21.64 43.76
CA TYR B 255 -13.12 -21.69 44.23
C TYR B 255 -12.73 -20.38 44.90
N LEU B 256 -13.10 -19.26 44.29
CA LEU B 256 -12.69 -17.94 44.78
C LEU B 256 -13.29 -17.56 46.14
N ASP B 257 -14.51 -18.01 46.42
CA ASP B 257 -15.20 -17.69 47.67
C ASP B 257 -14.60 -18.40 48.88
N MSE B 258 -13.75 -19.40 48.63
CA MSE B 258 -13.14 -20.20 49.69
C MSE B 258 -11.85 -19.57 50.25
O MSE B 258 -11.19 -20.17 51.10
CB MSE B 258 -12.85 -21.63 49.20
CG MSE B 258 -14.10 -22.45 48.88
SE MSE B 258 -13.69 -24.13 47.91
CE MSE B 258 -12.97 -25.22 49.45
N PHE B 259 -11.50 -18.38 49.76
CA PHE B 259 -10.30 -17.67 50.19
C PHE B 259 -10.69 -16.28 50.67
N GLU B 260 -9.92 -15.74 51.61
CA GLU B 260 -10.00 -14.31 51.90
C GLU B 260 -8.75 -13.68 51.29
N ALA B 261 -8.77 -12.36 51.06
CA ALA B 261 -7.62 -11.64 50.53
C ALA B 261 -6.29 -11.99 51.22
N SER B 262 -5.21 -11.93 50.45
CA SER B 262 -3.86 -12.22 50.96
C SER B 262 -3.26 -10.96 51.57
N PRO B 263 -2.24 -11.11 52.45
CA PRO B 263 -1.66 -9.96 53.14
C PRO B 263 -0.98 -8.96 52.21
N SER B 264 -0.43 -9.42 51.09
CA SER B 264 0.47 -8.59 50.28
C SER B 264 0.54 -9.03 48.82
N PRO B 265 -0.47 -8.64 48.00
CA PRO B 265 -0.47 -9.03 46.57
C PRO B 265 0.80 -8.58 45.80
N ASN B 266 1.37 -7.46 46.23
CA ASN B 266 2.53 -6.86 45.57
C ASN B 266 3.88 -7.50 45.95
N SER B 267 3.84 -8.54 46.77
CA SER B 267 5.03 -9.31 47.11
C SER B 267 5.65 -10.00 45.91
N SER B 268 4.81 -10.39 44.95
CA SER B 268 5.28 -11.14 43.79
C SER B 268 5.70 -10.25 42.62
N LYS B 269 5.56 -8.95 42.80
CA LYS B 269 5.80 -8.00 41.71
C LYS B 269 7.24 -8.15 41.19
N ILE B 270 7.40 -8.20 39.87
CA ILE B 270 8.73 -8.26 39.26
C ILE B 270 9.38 -6.85 39.29
N LYS B 271 10.68 -6.80 39.61
CA LYS B 271 11.42 -5.53 39.69
C LYS B 271 12.24 -5.28 38.43
N PHE B 272 12.26 -4.02 37.98
CA PHE B 272 13.08 -3.62 36.85
C PHE B 272 14.58 -3.83 37.12
N GLN B 273 15.31 -4.23 36.08
CA GLN B 273 16.77 -4.27 36.09
C GLN B 273 17.33 -2.91 35.64
N LYS B 274 18.07 -2.26 36.53
CA LYS B 274 18.68 -0.96 36.24
C LYS B 274 19.78 -1.18 35.23
N LEU B 275 19.80 -0.35 34.19
CA LEU B 275 20.74 -0.56 33.08
C LEU B 275 22.19 -0.31 33.48
N PHE B 276 23.08 -1.17 32.97
CA PHE B 276 24.51 -1.06 33.21
C PHE B 276 25.06 0.23 32.61
N SER B 277 26.19 0.70 33.16
CA SER B 277 26.90 1.88 32.65
C SER B 277 28.00 1.46 31.70
N GLU B 278 28.43 0.22 31.84
CA GLU B 278 29.51 -0.33 31.02
C GLU B 278 29.11 -1.70 30.47
N PRO B 279 29.49 -2.00 29.20
CA PRO B 279 29.24 -3.33 28.65
C PRO B 279 29.95 -4.49 29.37
N VAL B 280 29.35 -5.69 29.30
CA VAL B 280 29.88 -6.90 29.91
C VAL B 280 30.31 -7.90 28.83
N ARG B 281 31.44 -8.57 29.07
CA ARG B 281 31.95 -9.61 28.19
C ARG B 281 32.14 -10.90 28.95
N LEU B 282 31.54 -11.98 28.45
CA LEU B 282 31.67 -13.30 29.07
C LEU B 282 32.24 -14.30 28.07
N VAL B 283 32.99 -15.26 28.60
CA VAL B 283 33.45 -16.40 27.84
C VAL B 283 33.01 -17.60 28.67
N GLU B 284 32.10 -18.39 28.12
CA GLU B 284 31.59 -19.58 28.80
C GLU B 284 31.91 -20.83 27.99
N LYS B 285 32.20 -21.92 28.68
CA LYS B 285 32.41 -23.23 28.06
C LYS B 285 31.07 -23.95 27.89
N TYR B 286 31.00 -24.87 26.93
CA TYR B 286 29.80 -25.68 26.72
C TYR B 286 30.20 -27.13 26.33
N PRO B 287 29.29 -28.11 26.54
CA PRO B 287 29.61 -29.49 26.19
C PRO B 287 29.63 -29.74 24.68
N ALA B 288 30.76 -30.25 24.19
CA ALA B 288 30.93 -30.59 22.78
C ALA B 288 31.23 -32.08 22.61
N GLY B 289 31.18 -32.57 21.38
CA GLY B 289 31.49 -33.98 21.10
C GLY B 289 32.96 -34.35 21.18
N ARG B 290 33.24 -35.65 21.03
CA ARG B 290 34.62 -36.14 20.93
C ARG B 290 35.18 -35.93 19.52
N ASP B 291 34.34 -36.20 18.52
CA ASP B 291 34.68 -35.98 17.11
C ASP B 291 34.70 -34.49 16.75
N GLY B 292 35.03 -34.20 15.49
CA GLY B 292 34.97 -32.84 14.98
C GLY B 292 36.09 -31.93 15.44
N ASP B 293 36.46 -31.00 14.56
CA ASP B 293 37.43 -29.98 14.86
C ASP B 293 36.77 -28.92 15.74
N LEU B 294 37.00 -29.03 17.05
CA LEU B 294 36.39 -28.16 18.07
C LEU B 294 36.61 -26.67 17.87
N LYS B 295 37.70 -26.29 17.21
CA LYS B 295 37.99 -24.87 16.98
C LYS B 295 37.13 -24.25 15.87
N LYS B 296 36.30 -25.07 15.22
CA LYS B 296 35.26 -24.60 14.30
C LYS B 296 33.88 -24.60 14.96
N LYS B 297 33.86 -24.60 16.29
CA LYS B 297 32.63 -24.78 17.01
C LYS B 297 32.33 -23.72 18.04
N HIS B 298 32.94 -22.54 17.92
CA HIS B 298 32.66 -21.44 18.82
C HIS B 298 31.36 -20.74 18.47
N MSE B 299 30.84 -19.98 19.43
CA MSE B 299 29.69 -19.14 19.19
C MSE B 299 29.98 -17.76 19.71
O MSE B 299 30.70 -17.59 20.69
CB MSE B 299 28.47 -19.69 19.93
CG MSE B 299 28.19 -21.15 19.65
SE MSE B 299 26.47 -21.69 20.39
CE MSE B 299 26.63 -23.63 20.00
N LEU B 300 29.41 -16.76 19.04
CA LEU B 300 29.40 -15.42 19.58
C LEU B 300 28.05 -14.73 19.37
N CYS B 301 27.51 -14.20 20.44
CA CYS B 301 26.29 -13.41 20.35
C CYS B 301 26.40 -12.22 21.24
N VAL B 302 25.67 -11.18 20.88
CA VAL B 302 25.63 -9.93 21.61
C VAL B 302 24.18 -9.63 21.95
N ASN B 303 23.95 -9.13 23.16
CA ASN B 303 22.63 -8.90 23.67
C ASN B 303 22.54 -7.57 24.36
N TRP B 304 21.36 -6.99 24.30
CA TRP B 304 21.05 -5.76 24.97
C TRP B 304 19.72 -5.86 25.72
N LEU B 305 19.63 -5.20 26.86
CA LEU B 305 18.35 -4.86 27.46
C LEU B 305 18.05 -3.45 26.95
N LEU B 306 16.85 -3.27 26.39
CA LEU B 306 16.55 -2.08 25.61
C LEU B 306 16.06 -0.88 26.42
N SER B 307 15.40 -1.13 27.54
CA SER B 307 14.86 -0.03 28.33
C SER B 307 14.85 -0.38 29.81
N GLU B 308 14.77 0.63 30.65
CA GLU B 308 14.83 0.47 32.11
C GLU B 308 13.44 0.66 32.70
N LYS B 309 12.58 1.26 31.90
CA LYS B 309 11.19 1.51 32.23
C LYS B 309 10.42 1.35 30.92
N PRO B 310 9.09 1.13 30.99
CA PRO B 310 8.30 0.82 29.80
C PRO B 310 8.40 1.90 28.71
N LEU B 311 8.77 1.48 27.51
CA LEU B 311 8.79 2.34 26.33
C LEU B 311 7.35 2.70 25.93
N ASP B 312 7.18 3.79 25.19
CA ASP B 312 5.86 4.12 24.68
C ASP B 312 5.41 3.11 23.63
N LEU B 313 4.10 2.88 23.58
CA LEU B 313 3.54 1.85 22.73
C LEU B 313 3.91 1.98 21.24
N GLN B 314 4.12 3.21 20.78
CA GLN B 314 4.52 3.45 19.40
C GLN B 314 5.91 2.86 19.16
N THR B 315 6.80 2.99 20.15
CA THR B 315 8.16 2.46 20.10
C THR B 315 8.19 0.94 20.22
N GLN B 316 7.27 0.36 20.97
CA GLN B 316 7.17 -1.10 21.15
C GLN B 316 6.80 -1.77 19.83
N LEU B 317 5.81 -1.21 19.16
CA LEU B 317 5.39 -1.70 17.86
C LEU B 317 6.49 -1.52 16.81
N ALA B 318 7.12 -0.36 16.80
CA ALA B 318 8.20 -0.07 15.86
C ALA B 318 9.36 -1.07 15.98
N LEU B 319 9.70 -1.45 17.22
CA LEU B 319 10.74 -2.44 17.49
C LEU B 319 10.40 -3.83 16.98
N GLY B 320 9.16 -4.27 17.22
CA GLY B 320 8.67 -5.53 16.66
C GLY B 320 8.77 -5.50 15.14
N PHE B 321 8.48 -4.34 14.55
CA PHE B 321 8.55 -4.17 13.09
C PHE B 321 10.01 -4.18 12.63
N LEU B 322 10.88 -3.54 13.38
CA LEU B 322 12.31 -3.52 13.10
C LEU B 322 12.90 -4.92 13.19
N ASP B 323 12.48 -5.69 14.20
CA ASP B 323 12.87 -7.09 14.32
C ASP B 323 12.63 -7.86 13.02
N HIS B 324 11.41 -7.79 12.49
CA HIS B 324 11.07 -8.46 11.23
C HIS B 324 11.88 -7.96 10.02
N LEU B 325 12.06 -6.64 9.98
CA LEU B 325 12.81 -5.96 8.94
C LEU B 325 14.28 -6.42 8.86
N MSE B 326 14.88 -6.60 10.03
CA MSE B 326 16.28 -7.00 10.12
C MSE B 326 16.53 -8.50 10.06
O MSE B 326 17.56 -8.93 9.55
CB MSE B 326 16.90 -6.46 11.41
CG MSE B 326 16.94 -4.97 11.47
SE MSE B 326 18.15 -4.38 12.85
CE MSE B 326 17.22 -5.01 14.46
N LEU B 327 15.58 -9.28 10.57
CA LEU B 327 15.77 -10.72 10.80
C LEU B 327 14.69 -11.68 10.29
N GLY B 328 13.62 -11.13 9.74
CA GLY B 328 12.42 -11.92 9.42
C GLY B 328 12.45 -12.90 8.26
N THR B 329 13.28 -12.66 7.24
CA THR B 329 13.39 -13.55 6.07
C THR B 329 14.87 -13.75 5.76
N PRO B 330 15.21 -14.75 4.92
CA PRO B 330 16.58 -14.88 4.43
C PRO B 330 17.14 -13.63 3.77
N ALA B 331 16.24 -12.80 3.22
CA ALA B 331 16.64 -11.59 2.50
C ALA B 331 16.78 -10.37 3.41
N SER B 332 16.36 -10.50 4.67
CA SER B 332 16.48 -9.41 5.64
C SER B 332 17.95 -9.12 5.94
N PRO B 333 18.37 -7.85 5.83
CA PRO B 333 19.80 -7.44 5.77
C PRO B 333 20.72 -7.98 6.88
N LEU B 334 20.35 -7.84 8.14
CA LEU B 334 21.20 -8.31 9.23
C LEU B 334 21.47 -9.80 9.05
N ARG B 335 20.40 -10.59 9.06
CA ARG B 335 20.46 -12.02 8.82
C ARG B 335 21.24 -12.35 7.55
N LYS B 336 20.91 -11.67 6.45
CA LYS B 336 21.58 -11.89 5.16
C LYS B 336 23.09 -11.64 5.23
N ILE B 337 23.50 -10.52 5.82
CA ILE B 337 24.92 -10.11 5.89
C ILE B 337 25.73 -11.05 6.79
N LEU B 338 25.21 -11.37 7.97
CA LEU B 338 25.92 -12.25 8.88
C LEU B 338 26.08 -13.65 8.30
N LEU B 339 25.01 -14.16 7.70
CA LEU B 339 25.06 -15.48 7.10
C LEU B 339 25.99 -15.55 5.88
N GLU B 340 25.96 -14.52 5.02
CA GLU B 340 26.82 -14.53 3.82
C GLU B 340 28.30 -14.18 4.11
N SER B 341 28.60 -13.77 5.33
CA SER B 341 29.99 -13.49 5.75
C SER B 341 30.84 -14.77 5.74
N GLY B 342 30.16 -15.91 5.81
CA GLY B 342 30.82 -17.21 5.94
C GLY B 342 31.57 -17.36 7.25
N LEU B 343 31.33 -16.44 8.17
CA LEU B 343 32.00 -16.51 9.46
C LEU B 343 31.40 -17.57 10.40
N GLY B 344 30.20 -18.06 10.07
CA GLY B 344 29.46 -19.01 10.92
C GLY B 344 28.62 -19.96 10.10
N GLU B 345 28.02 -20.94 10.76
CA GLU B 345 27.16 -21.90 10.09
C GLU B 345 25.71 -21.39 9.99
N ALA B 346 25.24 -20.77 11.08
CA ALA B 346 23.83 -20.40 11.21
C ALA B 346 23.70 -19.33 12.31
N LEU B 347 22.56 -18.64 12.34
CA LEU B 347 22.26 -17.69 13.40
C LEU B 347 22.02 -18.43 14.73
N VAL B 348 22.14 -17.71 15.84
CA VAL B 348 21.83 -18.25 17.17
C VAL B 348 21.37 -17.11 18.09
N SER B 349 20.47 -17.41 19.04
CA SER B 349 20.03 -16.44 20.07
C SER B 349 19.66 -15.05 19.49
N SER B 350 18.86 -15.04 18.43
CA SER B 350 18.67 -13.83 17.62
C SER B 350 17.23 -13.29 17.60
N GLY B 351 17.11 -11.98 17.67
CA GLY B 351 15.82 -11.34 17.58
C GLY B 351 15.41 -10.60 18.82
N LEU B 352 14.28 -9.93 18.69
CA LEU B 352 13.65 -9.24 19.77
C LEU B 352 12.87 -10.25 20.59
N SER B 353 13.02 -10.14 21.91
CA SER B 353 12.20 -10.89 22.83
C SER B 353 11.58 -9.85 23.74
N ASP B 354 10.28 -9.68 23.64
CA ASP B 354 9.60 -8.69 24.45
C ASP B 354 8.45 -9.22 25.33
N GLU B 355 8.47 -10.51 25.66
CA GLU B 355 7.42 -11.12 26.51
C GLU B 355 7.61 -10.90 28.03
N LEU B 356 8.82 -10.52 28.44
CA LEU B 356 9.17 -10.34 29.86
C LEU B 356 9.12 -8.86 30.25
N LEU B 357 9.67 -8.51 31.41
CA LEU B 357 9.43 -7.14 31.93
C LEU B 357 10.10 -6.08 31.07
N GLN B 358 11.30 -6.36 30.57
CA GLN B 358 12.01 -5.40 29.73
C GLN B 358 12.35 -6.03 28.39
N PRO B 359 12.23 -5.27 27.28
CA PRO B 359 12.61 -5.89 26.00
C PRO B 359 14.11 -6.18 25.93
N GLN B 360 14.43 -7.28 25.27
CA GLN B 360 15.79 -7.75 25.08
C GLN B 360 16.03 -8.00 23.59
N PHE B 361 17.19 -7.59 23.09
CA PHE B 361 17.54 -7.88 21.70
C PHE B 361 18.83 -8.65 21.63
N GLY B 362 18.86 -9.69 20.81
CA GLY B 362 20.06 -10.51 20.66
C GLY B 362 20.36 -10.81 19.22
N ILE B 363 21.65 -11.00 18.92
CA ILE B 363 22.09 -11.44 17.58
C ILE B 363 23.40 -12.19 17.69
N GLY B 364 23.54 -13.27 16.93
CA GLY B 364 24.79 -14.01 16.92
C GLY B 364 24.90 -15.09 15.88
N LEU B 365 26.08 -15.73 15.87
CA LEU B 365 26.36 -16.89 15.03
C LEU B 365 26.91 -18.04 15.88
N LYS B 366 26.66 -19.26 15.42
CA LYS B 366 27.32 -20.47 15.91
C LYS B 366 28.11 -21.05 14.75
N GLY B 367 29.00 -21.98 15.05
CA GLY B 367 29.82 -22.64 14.05
C GLY B 367 30.95 -21.73 13.60
N VAL B 368 31.45 -20.92 14.54
CA VAL B 368 32.49 -19.91 14.30
C VAL B 368 33.86 -20.47 14.69
N SER B 369 34.83 -20.46 13.77
CA SER B 369 36.24 -20.72 14.11
C SER B 369 36.71 -19.83 15.26
N GLU B 370 37.58 -20.36 16.10
CA GLU B 370 38.13 -19.64 17.24
C GLU B 370 38.66 -18.23 16.89
N GLU B 371 39.38 -18.16 15.77
CA GLU B 371 40.07 -16.93 15.33
C GLU B 371 39.11 -15.88 14.78
N ASN B 372 37.92 -16.33 14.38
CA ASN B 372 36.94 -15.47 13.74
C ASN B 372 35.96 -14.81 14.71
N VAL B 373 36.06 -15.16 15.99
CA VAL B 373 35.08 -14.72 16.99
C VAL B 373 35.03 -13.20 17.09
N GLN B 374 36.19 -12.55 16.99
CA GLN B 374 36.31 -11.11 17.05
C GLN B 374 35.73 -10.44 15.82
N LYS B 375 35.98 -11.03 14.64
CA LYS B 375 35.41 -10.57 13.37
C LYS B 375 33.87 -10.58 13.40
N VAL B 376 33.28 -11.64 13.97
CA VAL B 376 31.82 -11.76 14.07
C VAL B 376 31.25 -10.60 14.87
N GLU B 377 31.86 -10.33 16.01
CA GLU B 377 31.40 -9.21 16.83
C GLU B 377 31.51 -7.88 16.11
N GLU B 378 32.56 -7.73 15.31
CA GLU B 378 32.78 -6.51 14.54
C GLU B 378 31.73 -6.35 13.45
N LEU B 379 31.44 -7.44 12.74
CA LEU B 379 30.41 -7.43 11.68
C LEU B 379 29.01 -7.12 12.22
N ILE B 380 28.70 -7.59 13.43
CA ILE B 380 27.42 -7.28 14.10
C ILE B 380 27.29 -5.76 14.28
N MSE B 381 28.33 -5.15 14.86
CA MSE B 381 28.33 -3.73 15.16
C MSE B 381 28.39 -2.87 13.88
O MSE B 381 27.71 -1.85 13.80
CB MSE B 381 29.49 -3.35 16.08
CG MSE B 381 29.56 -4.15 17.36
SE MSE B 381 27.94 -4.02 18.50
CE MSE B 381 27.99 -2.10 18.99
N ASP B 382 29.20 -3.30 12.91
CA ASP B 382 29.33 -2.65 11.60
C ASP B 382 27.99 -2.63 10.84
N THR B 383 27.29 -3.77 10.84
CA THR B 383 26.00 -3.91 10.15
C THR B 383 24.91 -3.08 10.79
N LEU B 384 24.80 -3.14 12.11
CA LEU B 384 23.84 -2.29 12.80
C LEU B 384 24.14 -0.82 12.53
N LYS B 385 25.42 -0.47 12.45
CA LYS B 385 25.84 0.91 12.19
C LYS B 385 25.38 1.33 10.79
N LYS B 386 25.61 0.44 9.83
CA LYS B 386 25.20 0.59 8.42
C LYS B 386 23.68 0.78 8.27
N LEU B 387 22.88 0.01 9.00
CA LEU B 387 21.42 0.14 8.90
C LEU B 387 20.88 1.43 9.53
N ALA B 388 21.50 1.88 10.62
CA ALA B 388 21.14 3.16 11.24
C ALA B 388 21.43 4.35 10.34
N GLU B 389 22.49 4.24 9.55
CA GLU B 389 22.96 5.39 8.77
C GLU B 389 22.43 5.38 7.33
N GLU B 390 22.31 4.20 6.76
CA GLU B 390 21.75 4.04 5.41
C GLU B 390 20.22 3.84 5.39
N GLY B 391 19.67 3.30 6.48
CA GLY B 391 18.23 3.04 6.60
C GLY B 391 17.83 1.81 5.80
N PHE B 392 16.53 1.61 5.60
CA PHE B 392 16.03 0.46 4.84
C PHE B 392 15.38 0.86 3.50
N ASP B 393 15.62 0.06 2.45
CA ASP B 393 14.88 0.16 1.18
C ASP B 393 13.37 0.08 1.45
N ASN B 394 12.59 0.93 0.78
CA ASN B 394 11.13 0.90 0.92
C ASN B 394 10.47 -0.41 0.48
N ASP B 395 11.10 -1.15 -0.44
CA ASP B 395 10.58 -2.46 -0.87
C ASP B 395 10.65 -3.47 0.28
N ALA B 396 11.68 -3.33 1.10
CA ALA B 396 11.85 -4.16 2.29
C ALA B 396 10.85 -3.72 3.33
N VAL B 397 10.63 -2.42 3.43
CA VAL B 397 9.70 -1.91 4.42
C VAL B 397 8.30 -2.36 4.05
N GLU B 398 7.94 -2.22 2.76
CA GLU B 398 6.63 -2.65 2.23
C GLU B 398 6.39 -4.16 2.33
N ALA B 399 7.45 -4.94 2.12
CA ALA B 399 7.33 -6.38 2.29
C ALA B 399 7.03 -6.75 3.76
N SER B 400 7.71 -6.13 4.73
CA SER B 400 7.39 -6.39 6.13
C SER B 400 6.00 -5.90 6.50
N MSE B 401 5.62 -4.71 6.04
CA MSE B 401 4.30 -4.16 6.34
C MSE B 401 3.18 -5.08 5.82
O MSE B 401 2.23 -5.42 6.54
CB MSE B 401 4.12 -2.75 5.75
CG MSE B 401 2.82 -2.07 6.13
SE MSE B 401 2.56 -2.01 8.08
CE MSE B 401 0.70 -1.37 8.13
N ASN B 402 3.29 -5.46 4.55
CA ASN B 402 2.29 -6.31 3.94
C ASN B 402 2.26 -7.70 4.62
N THR B 403 3.44 -8.25 4.92
CA THR B 403 3.53 -9.58 5.57
C THR B 403 2.91 -9.59 6.95
N ILE B 404 3.24 -8.55 7.74
CA ILE B 404 2.71 -8.39 9.06
C ILE B 404 1.22 -8.13 9.01
N GLU B 405 0.75 -7.25 8.12
CA GLU B 405 -0.69 -7.05 8.07
C GLU B 405 -1.47 -8.29 7.59
N PHE B 406 -0.88 -9.07 6.68
CA PHE B 406 -1.47 -10.34 6.27
C PHE B 406 -1.59 -11.34 7.43
N SER B 407 -0.50 -11.56 8.16
CA SER B 407 -0.50 -12.51 9.27
C SER B 407 -1.48 -12.13 10.37
N LEU B 408 -1.57 -10.83 10.68
CA LEU B 408 -2.54 -10.32 11.66
C LEU B 408 -3.98 -10.55 11.20
N ARG B 409 -4.22 -10.34 9.91
CA ARG B 409 -5.55 -10.56 9.35
C ARG B 409 -5.91 -12.04 9.30
N GLU B 410 -5.02 -12.86 8.75
CA GLU B 410 -5.27 -14.29 8.66
C GLU B 410 -5.43 -14.89 10.06
N ASN B 411 -4.53 -14.50 10.97
CA ASN B 411 -4.60 -14.89 12.38
C ASN B 411 -4.51 -16.42 12.51
N ASN B 412 -3.55 -17.02 11.80
CA ASN B 412 -3.35 -18.47 11.72
C ASN B 412 -2.37 -19.00 12.77
N THR B 413 -2.95 -19.48 13.86
CA THR B 413 -2.25 -20.06 14.99
C THR B 413 -2.02 -21.59 14.87
N GLY B 414 -2.29 -22.18 13.70
CA GLY B 414 -2.17 -23.62 13.51
C GLY B 414 -3.14 -24.38 14.42
N SER B 415 -2.60 -25.36 15.15
CA SER B 415 -3.39 -26.16 16.09
C SER B 415 -3.48 -25.52 17.49
N PHE B 416 -2.93 -24.32 17.62
CA PHE B 416 -2.81 -23.60 18.87
C PHE B 416 -4.05 -22.71 18.89
N PRO B 417 -4.82 -22.70 19.99
CA PRO B 417 -6.05 -21.93 19.89
C PRO B 417 -5.82 -20.43 19.74
N ARG B 418 -6.61 -19.80 18.89
CA ARG B 418 -6.62 -18.35 18.74
C ARG B 418 -6.77 -17.66 20.09
N GLY B 419 -7.71 -18.11 20.92
CA GLY B 419 -7.88 -17.50 22.25
C GLY B 419 -6.73 -17.67 23.22
N LEU B 420 -5.86 -18.63 22.95
CA LEU B 420 -4.70 -18.85 23.80
C LEU B 420 -3.54 -17.94 23.37
N SER B 421 -3.37 -17.73 22.08
CA SER B 421 -2.45 -16.72 21.60
C SER B 421 -2.85 -15.33 22.16
N LEU B 422 -4.13 -15.00 22.14
CA LEU B 422 -4.61 -13.74 22.73
C LEU B 422 -4.27 -13.64 24.20
N MSE B 423 -4.49 -14.75 24.92
CA MSE B 423 -4.22 -14.77 26.34
C MSE B 423 -2.78 -14.42 26.66
O MSE B 423 -2.53 -13.59 27.53
CB MSE B 423 -4.56 -16.14 26.93
CG MSE B 423 -4.11 -16.26 28.36
SE MSE B 423 -4.60 -17.98 29.11
CE MSE B 423 -2.85 -18.53 29.67
N LEU B 424 -1.85 -15.08 25.97
CA LEU B 424 -0.42 -14.85 26.18
C LEU B 424 -0.04 -13.40 25.88
N GLN B 425 -0.54 -12.87 24.76
CA GLN B 425 -0.38 -11.44 24.45
C GLN B 425 -0.85 -10.53 25.62
N SER B 426 -2.08 -10.74 26.07
CA SER B 426 -2.64 -9.94 27.15
C SER B 426 -1.84 -10.08 28.47
N ILE B 427 -1.43 -11.30 28.76
CA ILE B 427 -0.64 -11.64 29.95
C ILE B 427 0.73 -10.96 30.00
N SER B 428 1.40 -10.83 28.85
CA SER B 428 2.73 -10.23 28.79
C SER B 428 2.77 -8.78 29.33
N LYS B 429 1.62 -8.10 29.36
CA LYS B 429 1.51 -6.79 30.03
C LYS B 429 0.76 -6.89 31.35
N TRP B 430 -0.33 -7.64 31.34
CA TRP B 430 -1.21 -7.77 32.49
C TRP B 430 -0.45 -8.21 33.73
N ILE B 431 0.44 -9.19 33.56
CA ILE B 431 1.25 -9.73 34.65
C ILE B 431 2.17 -8.70 35.33
N TYR B 432 2.42 -7.58 34.65
CA TYR B 432 3.27 -6.49 35.19
C TYR B 432 2.42 -5.30 35.62
N ASP B 433 1.14 -5.55 35.86
CA ASP B 433 0.19 -4.55 36.33
C ASP B 433 -0.07 -3.43 35.31
N MSE B 434 0.10 -3.75 34.03
CA MSE B 434 -0.18 -2.84 32.95
C MSE B 434 -1.53 -3.20 32.30
O MSE B 434 -2.13 -4.22 32.66
CB MSE B 434 0.96 -2.87 31.95
CG MSE B 434 2.30 -2.54 32.58
SE MSE B 434 3.76 -2.95 31.38
CE MSE B 434 5.31 -2.78 32.66
N ASP B 435 -2.01 -2.37 31.36
CA ASP B 435 -3.33 -2.59 30.77
C ASP B 435 -3.44 -3.94 30.04
N PRO B 436 -4.38 -4.82 30.46
CA PRO B 436 -4.52 -6.12 29.78
C PRO B 436 -5.17 -6.02 28.39
N PHE B 437 -5.84 -4.91 28.11
CA PHE B 437 -6.53 -4.75 26.82
C PHE B 437 -5.60 -4.29 25.68
N GLU B 438 -4.61 -3.45 26.00
CA GLU B 438 -3.74 -2.80 25.01
C GLU B 438 -2.94 -3.75 24.07
N PRO B 439 -2.31 -4.81 24.61
CA PRO B 439 -1.62 -5.73 23.71
C PRO B 439 -2.55 -6.47 22.74
N LEU B 440 -3.87 -6.34 22.91
CA LEU B 440 -4.84 -6.89 21.96
C LEU B 440 -5.18 -5.97 20.80
N LYS B 441 -4.81 -4.69 20.91
CA LYS B 441 -5.11 -3.75 19.83
C LYS B 441 -3.90 -3.47 18.97
N TYR B 442 -4.13 -3.37 17.67
CA TYR B 442 -3.02 -3.18 16.74
C TYR B 442 -3.40 -2.41 15.48
N THR B 443 -4.69 -2.35 15.14
CA THR B 443 -5.08 -1.75 13.85
C THR B 443 -4.69 -0.27 13.78
N GLU B 444 -5.03 0.49 14.83
CA GLU B 444 -4.69 1.91 14.90
C GLU B 444 -3.19 2.19 15.02
N PRO B 445 -2.51 1.51 15.97
CA PRO B 445 -1.05 1.64 16.08
C PRO B 445 -0.30 1.33 14.79
N LEU B 446 -0.68 0.26 14.10
CA LEU B 446 0.00 -0.07 12.86
C LEU B 446 -0.31 0.98 11.79
N LYS B 447 -1.55 1.46 11.80
CA LYS B 447 -2.02 2.53 10.92
C LYS B 447 -1.16 3.80 11.13
N ALA B 448 -0.92 4.12 12.39
CA ALA B 448 -0.06 5.23 12.79
C ALA B 448 1.39 5.03 12.38
N LEU B 449 1.89 3.81 12.48
CA LEU B 449 3.28 3.54 12.12
C LEU B 449 3.45 3.62 10.61
N LYS B 450 2.45 3.10 9.90
CA LYS B 450 2.47 3.14 8.45
C LYS B 450 2.52 4.60 7.97
N THR B 451 1.79 5.50 8.63
CA THR B 451 1.78 6.91 8.18
C THR B 451 3.05 7.67 8.56
N ARG B 452 3.65 7.33 9.70
CA ARG B 452 5.00 7.85 10.03
C ARG B 452 6.03 7.48 8.98
N ILE B 453 5.99 6.25 8.50
CA ILE B 453 6.96 5.80 7.51
C ILE B 453 6.81 6.58 6.20
N ALA B 454 5.57 6.77 5.75
CA ALA B 454 5.28 7.59 4.56
C ALA B 454 5.72 9.07 4.70
N GLU B 455 5.36 9.69 5.83
CA GLU B 455 5.62 11.11 6.07
C GLU B 455 7.09 11.41 6.40
N GLU B 456 7.77 10.49 7.09
CA GLU B 456 9.12 10.75 7.59
C GLU B 456 10.19 9.86 6.98
N GLY B 457 9.81 8.69 6.47
CA GLY B 457 10.80 7.73 6.01
C GLY B 457 11.25 6.79 7.12
N SER B 458 11.77 5.63 6.71
CA SER B 458 12.19 4.58 7.63
C SER B 458 13.42 4.95 8.43
N LYS B 459 14.37 5.65 7.82
CA LYS B 459 15.56 6.11 8.53
C LYS B 459 15.13 6.91 9.74
N ALA B 460 14.23 7.87 9.54
CA ALA B 460 13.69 8.71 10.61
C ALA B 460 12.91 7.93 11.65
N VAL B 461 12.31 6.82 11.24
CA VAL B 461 11.53 6.02 12.16
C VAL B 461 12.42 5.03 12.91
N PHE B 462 13.33 4.38 12.20
CA PHE B 462 14.06 3.25 12.79
C PHE B 462 15.47 3.55 13.30
N SER B 463 16.13 4.52 12.64
CA SER B 463 17.51 4.82 12.94
C SER B 463 17.70 5.28 14.38
N PRO B 464 16.81 6.14 14.89
CA PRO B 464 16.87 6.49 16.32
C PRO B 464 16.77 5.28 17.25
N LEU B 465 16.00 4.26 16.86
CA LEU B 465 15.85 3.03 17.67
C LEU B 465 17.15 2.23 17.73
N ILE B 466 17.78 2.05 16.58
CA ILE B 466 19.06 1.34 16.49
C ILE B 466 20.15 2.06 17.29
N GLU B 467 20.29 3.36 17.06
CA GLU B 467 21.28 4.17 17.76
C GLU B 467 21.04 4.23 19.29
N LYS B 468 19.86 4.65 19.71
CA LYS B 468 19.58 4.92 21.11
C LYS B 468 19.48 3.63 21.95
N LEU B 469 18.86 2.60 21.39
CA LEU B 469 18.50 1.41 22.17
C LEU B 469 19.46 0.26 21.96
N ILE B 470 20.22 0.33 20.87
CA ILE B 470 21.19 -0.73 20.58
C ILE B 470 22.65 -0.23 20.55
N LEU B 471 23.02 0.58 19.56
CA LEU B 471 24.41 0.97 19.35
C LEU B 471 25.04 1.74 20.49
N ASN B 472 24.34 2.74 21.00
CA ASN B 472 24.89 3.59 22.04
C ASN B 472 24.45 3.13 23.43
N ASN B 473 23.79 1.97 23.47
CA ASN B 473 23.29 1.39 24.72
C ASN B 473 24.40 0.62 25.41
N SER B 474 24.75 1.06 26.60
CA SER B 474 25.80 0.42 27.41
C SER B 474 25.38 -0.93 28.04
N HIS B 475 24.08 -1.15 28.20
CA HIS B 475 23.60 -2.43 28.73
C HIS B 475 23.69 -3.50 27.68
N ARG B 476 24.92 -3.97 27.47
CA ARG B 476 25.25 -4.88 26.38
C ARG B 476 26.07 -6.01 26.93
N VAL B 477 25.70 -7.24 26.57
CA VAL B 477 26.42 -8.44 27.00
C VAL B 477 26.88 -9.23 25.79
N THR B 478 28.20 -9.39 25.69
CA THR B 478 28.81 -10.20 24.67
C THR B 478 29.15 -11.53 25.29
N ILE B 479 28.79 -12.60 24.59
CA ILE B 479 29.05 -13.94 25.08
C ILE B 479 29.74 -14.72 24.00
N GLU B 480 30.91 -15.28 24.31
CA GLU B 480 31.56 -16.27 23.48
C GLU B 480 31.37 -17.61 24.14
N MSE B 481 30.96 -18.59 23.33
CA MSE B 481 30.78 -19.97 23.75
C MSE B 481 31.93 -20.75 23.16
O MSE B 481 32.13 -20.75 21.94
CB MSE B 481 29.46 -20.52 23.20
CG MSE B 481 28.25 -19.79 23.70
SE MSE B 481 27.78 -20.41 25.48
CE MSE B 481 26.95 -22.12 24.92
N GLN B 482 32.67 -21.41 24.03
CA GLN B 482 33.79 -22.22 23.60
C GLN B 482 33.48 -23.69 23.87
N PRO B 483 33.75 -24.54 22.88
CA PRO B 483 33.47 -25.97 23.04
C PRO B 483 34.37 -26.58 24.12
N ASP B 484 33.81 -27.47 24.94
CA ASP B 484 34.56 -28.19 25.94
C ASP B 484 34.19 -29.67 25.91
N PRO B 485 35.09 -30.52 25.36
CA PRO B 485 34.80 -31.95 25.23
C PRO B 485 34.77 -32.67 26.59
N GLU B 486 35.35 -32.04 27.61
CA GLU B 486 35.44 -32.63 28.94
C GLU B 486 34.31 -32.23 29.90
N LYS B 487 33.73 -31.05 29.67
CA LYS B 487 32.70 -30.50 30.57
C LYS B 487 31.56 -31.49 30.91
N ALA B 488 31.12 -32.24 29.91
CA ALA B 488 30.05 -33.22 30.06
C ALA B 488 30.45 -34.35 31.00
N THR B 489 31.72 -34.73 30.97
CA THR B 489 32.25 -35.79 31.81
C THR B 489 32.52 -35.28 33.22
N GLN B 490 33.19 -34.14 33.34
CA GLN B 490 33.48 -33.54 34.64
C GLN B 490 32.22 -33.37 35.51
N GLU B 491 31.07 -33.16 34.87
CA GLU B 491 29.81 -32.95 35.60
C GLU B 491 29.08 -34.23 35.98
N GLU B 492 29.16 -35.24 35.13
CA GLU B 492 28.64 -36.58 35.47
C GLU B 492 29.46 -37.17 36.61
N VAL B 493 30.78 -37.00 36.52
CA VAL B 493 31.73 -37.33 37.59
C VAL B 493 31.36 -36.61 38.88
N GLU B 494 31.30 -35.29 38.84
CA GLU B 494 30.96 -34.48 40.01
C GLU B 494 29.64 -34.92 40.66
N GLU B 495 28.70 -35.37 39.84
CA GLU B 495 27.41 -35.85 40.34
C GLU B 495 27.55 -37.22 41.02
N LYS B 496 28.33 -38.11 40.40
CA LYS B 496 28.63 -39.41 40.99
C LYS B 496 29.21 -39.25 42.39
N ASN B 497 30.18 -38.35 42.52
CA ASN B 497 30.90 -38.12 43.76
C ASN B 497 30.03 -37.57 44.87
N ILE B 498 29.05 -36.74 44.51
CA ILE B 498 28.09 -36.23 45.47
C ILE B 498 27.21 -37.38 45.98
N LEU B 499 26.83 -38.25 45.05
CA LEU B 499 26.00 -39.42 45.36
C LEU B 499 26.79 -40.44 46.18
N GLU B 500 28.06 -40.64 45.83
CA GLU B 500 28.99 -41.45 46.63
C GLU B 500 29.05 -40.98 48.10
N LYS B 501 29.24 -39.67 48.31
CA LYS B 501 29.25 -39.11 49.68
C LYS B 501 27.98 -39.43 50.46
N VAL B 502 26.84 -39.41 49.78
CA VAL B 502 25.56 -39.72 50.43
C VAL B 502 25.55 -41.20 50.80
N LYS B 503 26.01 -42.03 49.87
CA LYS B 503 26.06 -43.48 50.01
C LYS B 503 27.02 -43.88 51.12
N ALA B 504 28.31 -43.64 50.89
CA ALA B 504 29.38 -43.93 51.83
C ALA B 504 29.12 -43.34 53.21
N ALA B 505 28.21 -42.38 53.30
CA ALA B 505 27.89 -41.72 54.56
C ALA B 505 26.64 -42.27 55.23
N MSE B 506 25.90 -43.14 54.55
CA MSE B 506 24.76 -43.79 55.19
C MSE B 506 25.19 -45.04 55.94
O MSE B 506 26.25 -45.60 55.70
CB MSE B 506 23.68 -44.14 54.17
CG MSE B 506 22.74 -42.99 53.89
SE MSE B 506 21.55 -43.35 52.39
CE MSE B 506 22.82 -43.44 51.03
N THR B 507 24.35 -45.45 56.89
CA THR B 507 24.52 -46.73 57.56
C THR B 507 23.86 -47.79 56.69
N GLU B 508 24.20 -49.05 56.94
CA GLU B 508 23.63 -50.14 56.16
C GLU B 508 22.12 -50.27 56.34
N GLU B 509 21.63 -49.92 57.53
CA GLU B 509 20.19 -49.90 57.79
C GLU B 509 19.48 -48.78 57.00
N ASP B 510 20.16 -47.66 56.80
CA ASP B 510 19.63 -46.54 56.01
C ASP B 510 19.55 -46.91 54.53
N LEU B 511 20.56 -47.63 54.07
CA LEU B 511 20.61 -48.11 52.69
C LEU B 511 19.45 -49.02 52.34
N ALA B 512 19.09 -49.90 53.28
CA ALA B 512 17.96 -50.81 53.08
C ALA B 512 16.64 -50.06 53.23
N GLU B 513 16.59 -49.10 54.17
CA GLU B 513 15.48 -48.16 54.26
C GLU B 513 15.24 -47.49 52.89
N LEU B 514 16.33 -47.01 52.29
CA LEU B 514 16.29 -46.28 51.02
C LEU B 514 15.75 -47.17 49.88
N ALA B 515 16.33 -48.36 49.74
CA ALA B 515 15.86 -49.39 48.82
C ALA B 515 14.35 -49.63 48.96
N ARG B 516 13.86 -49.84 50.17
CA ARG B 516 12.42 -50.02 50.39
C ARG B 516 11.60 -48.79 50.01
N ALA B 517 12.10 -47.61 50.35
CA ALA B 517 11.42 -46.37 49.95
C ALA B 517 11.25 -46.30 48.41
N THR B 518 12.30 -46.71 47.69
CA THR B 518 12.30 -46.77 46.22
C THR B 518 11.20 -47.70 45.66
N GLU B 519 11.14 -48.93 46.18
CA GLU B 519 10.13 -49.91 45.79
C GLU B 519 8.70 -49.49 46.09
N GLU B 520 8.47 -48.92 47.26
CA GLU B 520 7.12 -48.49 47.60
C GLU B 520 6.69 -47.32 46.71
N LEU B 521 7.64 -46.45 46.36
CA LEU B 521 7.41 -45.41 45.35
C LEU B 521 7.07 -46.05 43.99
N LYS B 522 7.90 -47.01 43.58
CA LYS B 522 7.66 -47.70 42.31
C LYS B 522 6.26 -48.32 42.27
N LEU B 523 5.94 -49.13 43.29
CA LEU B 523 4.62 -49.74 43.42
C LEU B 523 3.53 -48.68 43.23
N LYS B 524 3.55 -47.66 44.08
CA LYS B 524 2.60 -46.54 43.99
C LYS B 524 2.39 -46.14 42.52
N GLN B 525 3.49 -45.86 41.82
CA GLN B 525 3.45 -45.32 40.45
C GLN B 525 3.14 -46.37 39.37
N GLU B 526 3.58 -47.62 39.60
CA GLU B 526 3.36 -48.75 38.69
C GLU B 526 2.09 -49.57 38.97
N THR B 527 1.24 -49.08 39.88
CA THR B 527 -0.03 -49.70 40.15
C THR B 527 -1.10 -48.72 39.70
N PRO B 528 -1.80 -49.05 38.60
CA PRO B 528 -2.82 -48.16 38.08
C PRO B 528 -3.87 -47.83 39.14
N ASP B 529 -4.50 -46.67 38.99
CA ASP B 529 -5.60 -46.27 39.86
C ASP B 529 -6.77 -47.24 39.70
N PRO B 530 -7.39 -47.62 40.84
CA PRO B 530 -8.62 -48.40 40.81
C PRO B 530 -9.76 -47.53 40.30
N PRO B 531 -10.42 -47.93 39.20
CA PRO B 531 -11.54 -47.14 38.65
C PRO B 531 -12.61 -46.63 39.64
N GLU B 532 -12.42 -46.82 40.94
CA GLU B 532 -13.18 -46.05 41.95
C GLU B 532 -12.58 -44.65 42.00
N ALA B 533 -11.24 -44.61 41.98
CA ALA B 533 -10.53 -43.37 41.77
C ALA B 533 -10.94 -42.79 40.41
N LEU B 534 -10.62 -43.50 39.33
CA LEU B 534 -10.74 -42.94 37.97
C LEU B 534 -12.08 -42.29 37.59
N ARG B 535 -13.18 -42.73 38.22
CA ARG B 535 -14.50 -42.21 37.89
C ARG B 535 -14.78 -40.82 38.44
N CYS B 536 -13.97 -40.36 39.38
CA CYS B 536 -14.06 -38.98 39.87
C CYS B 536 -13.78 -37.95 38.76
N VAL B 537 -12.93 -38.30 37.80
CA VAL B 537 -12.77 -37.46 36.61
C VAL B 537 -13.94 -37.79 35.66
N PRO B 538 -14.81 -36.81 35.39
CA PRO B 538 -15.98 -37.12 34.61
C PRO B 538 -15.68 -37.27 33.12
N SER B 539 -16.56 -37.96 32.43
CA SER B 539 -16.37 -38.27 31.04
C SER B 539 -17.66 -37.82 30.39
N LEU B 540 -17.58 -37.55 29.09
CA LEU B 540 -18.77 -37.48 28.27
C LEU B 540 -19.13 -38.93 28.00
N ASN B 541 -20.29 -39.19 27.39
CA ASN B 541 -20.53 -40.52 26.86
C ASN B 541 -20.86 -40.45 25.38
N LEU B 542 -21.02 -41.61 24.75
CA LEU B 542 -21.08 -41.69 23.28
C LEU B 542 -22.21 -40.90 22.62
N GLY B 543 -23.25 -40.55 23.40
CA GLY B 543 -24.35 -39.71 22.91
C GLY B 543 -23.89 -38.29 22.65
N ASP B 544 -22.81 -37.88 23.33
CA ASP B 544 -22.22 -36.56 23.14
C ASP B 544 -21.38 -36.48 21.87
N ILE B 545 -21.29 -37.59 21.14
CA ILE B 545 -20.38 -37.74 19.98
C ILE B 545 -21.13 -37.90 18.66
N PRO B 546 -20.83 -37.03 17.68
CA PRO B 546 -21.37 -37.19 16.34
C PRO B 546 -20.89 -38.51 15.74
N LYS B 547 -21.78 -39.22 15.07
CA LYS B 547 -21.45 -40.52 14.47
C LYS B 547 -20.91 -40.42 13.04
N GLU B 548 -20.92 -39.20 12.50
CA GLU B 548 -20.33 -38.90 11.18
C GLU B 548 -19.09 -38.03 11.35
N PRO B 549 -18.05 -38.25 10.52
CA PRO B 549 -16.80 -37.50 10.62
C PRO B 549 -16.99 -36.02 10.32
N THR B 550 -16.03 -35.20 10.74
CA THR B 550 -16.11 -33.78 10.49
C THR B 550 -16.36 -33.51 9.00
N TYR B 551 -17.33 -32.63 8.73
CA TYR B 551 -17.66 -32.25 7.37
C TYR B 551 -16.65 -31.27 6.76
N VAL B 552 -15.90 -31.72 5.75
CA VAL B 552 -15.02 -30.83 5.00
C VAL B 552 -15.45 -30.84 3.54
N PRO B 553 -15.95 -29.69 3.04
CA PRO B 553 -16.41 -29.68 1.65
C PRO B 553 -15.23 -29.98 0.76
N THR B 554 -15.42 -30.91 -0.16
CA THR B 554 -14.38 -31.28 -1.12
C THR B 554 -15.05 -31.63 -2.44
N GLU B 555 -14.43 -31.20 -3.54
CA GLU B 555 -14.84 -31.62 -4.86
C GLU B 555 -13.63 -31.86 -5.73
N VAL B 556 -13.66 -32.94 -6.49
CA VAL B 556 -12.58 -33.28 -7.38
C VAL B 556 -13.01 -32.97 -8.82
N GLY B 557 -12.07 -32.43 -9.59
CA GLY B 557 -12.30 -32.08 -10.98
C GLY B 557 -11.02 -32.10 -11.76
N ASP B 558 -11.12 -31.65 -13.02
CA ASP B 558 -10.01 -31.71 -13.98
C ASP B 558 -9.84 -30.39 -14.73
N ILE B 559 -8.59 -30.02 -14.97
CA ILE B 559 -8.22 -29.05 -16.01
C ILE B 559 -7.04 -29.64 -16.77
N ASN B 560 -7.26 -30.14 -18.00
CA ASN B 560 -6.17 -30.59 -18.89
C ASN B 560 -5.29 -31.73 -18.36
N GLY B 561 -5.93 -32.78 -17.84
CA GLY B 561 -5.18 -33.87 -17.22
C GLY B 561 -4.47 -33.44 -15.95
N VAL B 562 -4.94 -32.34 -15.36
CA VAL B 562 -4.51 -31.93 -14.03
C VAL B 562 -5.70 -32.04 -13.10
N LYS B 563 -5.52 -32.82 -12.03
CA LYS B 563 -6.51 -32.99 -11.00
C LYS B 563 -6.57 -31.75 -10.10
N VAL B 564 -7.78 -31.33 -9.77
CA VAL B 564 -7.99 -30.17 -8.93
C VAL B 564 -8.97 -30.56 -7.83
N LEU B 565 -8.63 -30.18 -6.60
CA LEU B 565 -9.55 -30.30 -5.48
C LEU B 565 -9.89 -28.91 -4.97
N ARG B 566 -11.17 -28.67 -4.72
CA ARG B 566 -11.57 -27.39 -4.17
C ARG B 566 -12.33 -27.62 -2.87
N HIS B 567 -12.09 -26.75 -1.90
CA HIS B 567 -12.74 -26.82 -0.59
C HIS B 567 -13.36 -25.46 -0.34
N ASP B 568 -14.68 -25.38 -0.50
CA ASP B 568 -15.42 -24.12 -0.36
C ASP B 568 -15.66 -23.85 1.12
N LEU B 569 -14.83 -22.98 1.70
CA LEU B 569 -14.89 -22.63 3.12
C LEU B 569 -14.60 -21.13 3.28
N PHE B 570 -15.19 -20.51 4.31
CA PHE B 570 -14.88 -19.12 4.66
C PHE B 570 -13.42 -19.00 5.08
N THR B 571 -12.66 -18.15 4.40
CA THR B 571 -11.24 -17.98 4.68
C THR B 571 -10.86 -16.53 4.92
N ASN B 572 -11.87 -15.69 5.16
CA ASN B 572 -11.64 -14.26 5.35
C ASN B 572 -10.93 -13.62 4.14
N ASP B 573 -11.42 -13.95 2.96
CA ASP B 573 -10.92 -13.44 1.65
C ASP B 573 -9.47 -13.81 1.31
N ILE B 574 -9.06 -14.96 1.85
CA ILE B 574 -7.76 -15.54 1.59
C ILE B 574 -7.88 -16.81 0.72
N ILE B 575 -6.97 -16.94 -0.22
CA ILE B 575 -6.87 -18.17 -0.97
C ILE B 575 -5.65 -18.96 -0.48
N TYR B 576 -5.88 -20.21 -0.09
CA TYR B 576 -4.82 -21.15 0.19
C TYR B 576 -4.66 -22.12 -0.97
N THR B 577 -3.44 -22.31 -1.44
CA THR B 577 -3.19 -23.28 -2.50
C THR B 577 -1.98 -24.17 -2.24
N GLU B 578 -2.09 -25.43 -2.63
CA GLU B 578 -0.95 -26.35 -2.71
C GLU B 578 -0.92 -26.90 -4.13
N VAL B 579 0.23 -26.80 -4.79
CA VAL B 579 0.47 -27.51 -6.05
C VAL B 579 1.39 -28.70 -5.76
N VAL B 580 0.89 -29.90 -6.08
CA VAL B 580 1.47 -31.17 -5.66
C VAL B 580 2.14 -31.85 -6.84
N PHE B 581 3.46 -31.78 -6.90
CA PHE B 581 4.19 -32.43 -7.99
C PHE B 581 4.66 -33.81 -7.54
N ASP B 582 4.29 -34.80 -8.36
CA ASP B 582 4.74 -36.15 -8.13
C ASP B 582 6.23 -36.26 -8.46
N ILE B 583 7.00 -36.88 -7.57
CA ILE B 583 8.42 -37.11 -7.82
C ILE B 583 8.81 -38.58 -7.76
N GLY B 584 7.87 -39.44 -8.12
CA GLY B 584 8.11 -40.89 -8.14
C GLY B 584 9.11 -41.36 -9.20
N SER B 585 9.40 -40.52 -10.17
CA SER B 585 10.30 -40.88 -11.26
C SER B 585 11.68 -40.23 -11.11
N LEU B 586 11.99 -39.74 -9.92
CA LEU B 586 13.28 -39.10 -9.64
C LEU B 586 14.27 -40.18 -9.26
N LYS B 587 15.44 -40.16 -9.92
CA LYS B 587 16.54 -41.04 -9.53
C LYS B 587 16.66 -40.90 -8.04
N HIS B 588 16.56 -42.03 -7.33
CA HIS B 588 16.76 -42.04 -5.89
C HIS B 588 18.14 -41.49 -5.48
N GLU B 589 19.13 -41.60 -6.38
CA GLU B 589 20.44 -40.91 -6.23
C GLU B 589 20.34 -39.40 -5.96
N LEU B 590 19.27 -38.80 -6.46
CA LEU B 590 19.09 -37.35 -6.36
C LEU B 590 18.22 -36.97 -5.15
N LEU B 591 17.52 -37.96 -4.58
CA LEU B 591 16.67 -37.73 -3.40
C LEU B 591 17.29 -36.92 -2.27
N PRO B 592 18.57 -37.16 -1.92
CA PRO B 592 19.13 -36.38 -0.81
C PRO B 592 19.35 -34.91 -1.12
N LEU B 593 19.28 -34.54 -2.40
CA LEU B 593 19.44 -33.17 -2.82
C LEU B 593 18.11 -32.39 -2.79
N VAL B 594 16.99 -33.11 -2.63
CA VAL B 594 15.65 -32.53 -2.67
C VAL B 594 15.49 -31.36 -1.70
N PRO B 595 15.75 -31.57 -0.38
CA PRO B 595 15.59 -30.46 0.57
C PRO B 595 16.43 -29.21 0.23
N LEU B 596 17.67 -29.40 -0.22
CA LEU B 596 18.51 -28.28 -0.69
C LEU B 596 18.04 -27.66 -2.01
N PHE B 597 17.42 -28.47 -2.88
CA PHE B 597 16.76 -27.98 -4.08
C PHE B 597 15.59 -27.06 -3.67
N CYS B 598 14.79 -27.49 -2.69
CA CYS B 598 13.65 -26.72 -2.22
C CYS B 598 14.09 -25.37 -1.69
N GLN B 599 15.17 -25.37 -0.93
CA GLN B 599 15.72 -24.15 -0.35
C GLN B 599 16.29 -23.23 -1.44
N SER B 600 16.98 -23.83 -2.41
CA SER B 600 17.50 -23.08 -3.56
C SER B 600 16.41 -22.29 -4.24
N LEU B 601 15.24 -22.90 -4.42
CA LEU B 601 14.14 -22.29 -5.16
C LEU B 601 13.70 -21.00 -4.49
N LEU B 602 13.85 -20.97 -3.17
CA LEU B 602 13.41 -19.84 -2.36
C LEU B 602 14.53 -18.89 -1.95
N GLU B 603 15.78 -19.24 -2.22
CA GLU B 603 16.88 -18.41 -1.73
C GLU B 603 17.90 -18.09 -2.82
N MSE B 604 17.47 -18.14 -4.07
CA MSE B 604 18.30 -17.80 -5.22
C MSE B 604 17.51 -16.91 -6.18
O MSE B 604 16.27 -16.91 -6.17
CB MSE B 604 18.81 -19.06 -5.92
CG MSE B 604 19.89 -19.85 -5.17
SE MSE B 604 20.79 -21.19 -6.30
CE MSE B 604 21.97 -21.98 -4.93
N GLY B 605 18.23 -16.16 -6.99
CA GLY B 605 17.63 -15.23 -7.95
C GLY B 605 17.38 -15.88 -9.30
N THR B 606 16.77 -15.12 -10.20
CA THR B 606 16.48 -15.52 -11.57
C THR B 606 17.44 -14.84 -12.55
N LYS B 607 17.20 -15.00 -13.85
CA LYS B 607 17.91 -14.21 -14.88
C LYS B 607 17.82 -12.70 -14.64
N ASP B 608 16.63 -12.25 -14.25
CA ASP B 608 16.28 -10.83 -14.19
C ASP B 608 16.13 -10.25 -12.76
N LEU B 609 16.00 -11.11 -11.76
CA LEU B 609 15.83 -10.64 -10.37
C LEU B 609 16.81 -11.30 -9.42
N THR B 610 17.29 -10.54 -8.45
CA THR B 610 18.10 -11.13 -7.41
C THR B 610 17.20 -11.85 -6.41
N PHE B 611 17.83 -12.68 -5.58
CA PHE B 611 17.19 -13.35 -4.46
C PHE B 611 16.39 -12.35 -3.64
N VAL B 612 17.05 -11.26 -3.26
CA VAL B 612 16.41 -10.19 -2.49
C VAL B 612 15.19 -9.59 -3.17
N GLN B 613 15.28 -9.30 -4.46
CA GLN B 613 14.17 -8.73 -5.21
C GLN B 613 12.98 -9.69 -5.30
N LEU B 614 13.22 -10.94 -5.66
CA LEU B 614 12.15 -11.96 -5.71
C LEU B 614 11.51 -12.19 -4.33
N ASN B 615 12.34 -12.23 -3.30
CA ASN B 615 11.83 -12.44 -1.97
C ASN B 615 10.95 -11.28 -1.51
N GLN B 616 11.34 -10.05 -1.88
CA GLN B 616 10.56 -8.88 -1.54
C GLN B 616 9.25 -8.79 -2.33
N LEU B 617 9.22 -9.31 -3.56
CA LEU B 617 7.97 -9.36 -4.32
C LEU B 617 6.95 -10.28 -3.62
N ILE B 618 7.43 -11.45 -3.18
CA ILE B 618 6.62 -12.42 -2.46
C ILE B 618 6.08 -11.85 -1.15
N GLY B 619 6.97 -11.21 -0.37
CA GLY B 619 6.58 -10.61 0.90
C GLY B 619 5.57 -9.48 0.75
N ARG B 620 5.68 -8.75 -0.34
CA ARG B 620 4.79 -7.60 -0.59
C ARG B 620 3.41 -8.04 -1.14
N LYS B 621 3.40 -9.09 -1.97
CA LYS B 621 2.18 -9.45 -2.70
C LYS B 621 1.40 -10.63 -2.13
N THR B 622 2.07 -11.49 -1.36
CA THR B 622 1.45 -12.72 -0.91
C THR B 622 1.62 -12.90 0.59
N GLY B 623 1.04 -13.97 1.13
CA GLY B 623 1.28 -14.36 2.52
C GLY B 623 2.35 -15.42 2.65
N GLY B 624 3.11 -15.69 1.58
CA GLY B 624 4.26 -16.60 1.66
C GLY B 624 4.12 -17.83 0.79
N ILE B 625 5.25 -18.36 0.35
CA ILE B 625 5.29 -19.57 -0.47
C ILE B 625 6.33 -20.47 0.19
N SER B 626 6.00 -21.74 0.39
CA SER B 626 6.96 -22.71 0.85
C SER B 626 6.99 -23.89 -0.13
N VAL B 627 8.15 -24.54 -0.18
CA VAL B 627 8.38 -25.73 -1.02
C VAL B 627 9.05 -26.80 -0.13
N TYR B 628 8.47 -28.00 -0.11
CA TYR B 628 8.93 -29.12 0.72
C TYR B 628 8.49 -30.50 0.16
N PRO B 629 9.25 -31.57 0.48
CA PRO B 629 8.86 -32.94 0.14
C PRO B 629 7.83 -33.55 1.07
N LEU B 630 6.96 -34.38 0.51
CA LEU B 630 6.01 -35.21 1.25
C LEU B 630 6.17 -36.68 0.80
N THR B 631 6.45 -37.57 1.74
CA THR B 631 6.56 -39.01 1.42
C THR B 631 5.76 -39.83 2.43
N SER B 632 5.00 -40.80 1.96
CA SER B 632 4.23 -41.70 2.86
C SER B 632 3.93 -43.02 2.19
N SER B 633 3.66 -44.03 3.02
CA SER B 633 3.11 -45.27 2.53
C SER B 633 1.65 -45.04 2.20
N VAL B 634 1.13 -45.87 1.30
CA VAL B 634 -0.26 -45.88 0.91
C VAL B 634 -0.76 -47.29 1.21
N ARG B 635 -1.78 -47.38 2.06
CA ARG B 635 -2.30 -48.68 2.45
C ARG B 635 -2.86 -49.41 1.25
N GLY B 636 -2.35 -50.61 1.01
CA GLY B 636 -2.83 -51.44 -0.08
C GLY B 636 -1.90 -51.42 -1.27
N LYS B 637 -1.02 -50.42 -1.33
CA LYS B 637 -0.06 -50.27 -2.45
C LYS B 637 1.40 -50.46 -2.04
N ASP B 638 2.22 -50.80 -3.03
CA ASP B 638 3.65 -50.95 -2.86
C ASP B 638 4.37 -49.64 -3.20
N GLU B 639 3.82 -48.89 -4.15
CA GLU B 639 4.33 -47.57 -4.47
C GLU B 639 4.08 -46.63 -3.29
N PRO B 640 5.11 -45.86 -2.89
CA PRO B 640 4.92 -44.82 -1.90
C PRO B 640 4.24 -43.60 -2.53
N CYS B 641 3.63 -42.76 -1.69
CA CYS B 641 3.25 -41.42 -2.12
C CYS B 641 4.51 -40.56 -1.94
N SER B 642 5.05 -40.04 -3.04
CA SER B 642 6.28 -39.28 -2.98
C SER B 642 6.16 -38.00 -3.82
N LYS B 643 6.14 -36.85 -3.13
CA LYS B 643 5.78 -35.56 -3.73
C LYS B 643 6.72 -34.45 -3.34
N ILE B 644 6.76 -33.41 -4.18
CA ILE B 644 7.18 -32.09 -3.76
C ILE B 644 5.93 -31.18 -3.81
N ILE B 645 5.68 -30.48 -2.71
CA ILE B 645 4.52 -29.59 -2.53
C ILE B 645 4.96 -28.14 -2.53
N VAL B 646 4.29 -27.32 -3.35
CA VAL B 646 4.46 -25.87 -3.34
C VAL B 646 3.21 -25.29 -2.72
N ARG B 647 3.36 -24.67 -1.55
CA ARG B 647 2.23 -24.21 -0.78
C ARG B 647 2.29 -22.70 -0.75
N GLY B 648 1.24 -22.05 -1.24
CA GLY B 648 1.16 -20.58 -1.21
C GLY B 648 -0.16 -20.06 -0.65
N LYS B 649 -0.15 -18.83 -0.17
CA LYS B 649 -1.36 -18.16 0.22
C LYS B 649 -1.29 -16.67 -0.08
N SER B 650 -2.46 -16.08 -0.31
CA SER B 650 -2.55 -14.66 -0.58
C SER B 650 -3.97 -14.16 -0.36
N MSE B 651 -4.14 -12.85 -0.39
CA MSE B 651 -5.47 -12.26 -0.50
C MSE B 651 -6.03 -12.72 -1.83
O MSE B 651 -5.28 -12.84 -2.80
CB MSE B 651 -5.38 -10.72 -0.46
CG MSE B 651 -4.87 -10.16 0.85
SE MSE B 651 -6.03 -10.58 2.38
CE MSE B 651 -7.79 -9.95 1.64
N ALA B 652 -7.33 -12.98 -1.88
CA ALA B 652 -8.02 -13.40 -3.11
C ALA B 652 -7.75 -12.47 -4.27
N GLY B 653 -7.72 -11.16 -3.99
CA GLY B 653 -7.40 -10.17 -4.99
C GLY B 653 -5.99 -10.19 -5.54
N ARG B 654 -5.09 -10.95 -4.90
CA ARG B 654 -3.69 -11.07 -5.38
C ARG B 654 -3.36 -12.47 -5.88
N ALA B 655 -4.38 -13.30 -6.08
CA ALA B 655 -4.21 -14.68 -6.58
C ALA B 655 -3.38 -14.74 -7.84
N ASP B 656 -3.62 -13.81 -8.77
CA ASP B 656 -2.86 -13.77 -10.02
C ASP B 656 -1.36 -13.58 -9.77
N ASP B 657 -1.02 -12.71 -8.82
CA ASP B 657 0.35 -12.47 -8.40
C ASP B 657 0.94 -13.71 -7.74
N LEU B 658 0.17 -14.35 -6.86
CA LEU B 658 0.58 -15.60 -6.18
C LEU B 658 1.04 -16.65 -7.19
N PHE B 659 0.17 -16.94 -8.14
CA PHE B 659 0.48 -17.94 -9.17
C PHE B 659 1.59 -17.54 -10.12
N ASN B 660 1.71 -16.24 -10.43
CA ASN B 660 2.84 -15.73 -11.23
C ASN B 660 4.17 -15.94 -10.52
N LEU B 661 4.20 -15.67 -9.22
CA LEU B 661 5.43 -15.83 -8.42
C LEU B 661 5.82 -17.29 -8.20
N MSE B 662 4.83 -18.14 -7.98
CA MSE B 662 5.06 -19.58 -7.90
C MSE B 662 5.68 -20.09 -9.19
O MSE B 662 6.64 -20.84 -9.14
CB MSE B 662 3.78 -20.34 -7.57
CG MSE B 662 3.38 -20.24 -6.12
SE MSE B 662 1.54 -20.89 -5.76
CE MSE B 662 1.73 -22.49 -6.83
N ASN B 663 5.19 -19.63 -10.34
CA ASN B 663 5.84 -19.99 -11.59
C ASN B 663 7.27 -19.47 -11.65
N CYS B 664 7.44 -18.23 -11.22
CA CYS B 664 8.77 -17.61 -11.19
C CYS B 664 9.78 -18.46 -10.42
N LEU B 665 9.47 -18.79 -9.16
CA LEU B 665 10.30 -19.66 -8.33
C LEU B 665 10.58 -20.99 -9.01
N LEU B 666 9.52 -21.67 -9.44
CA LEU B 666 9.67 -23.02 -9.99
C LEU B 666 10.48 -23.10 -11.29
N GLN B 667 10.27 -22.17 -12.21
CA GLN B 667 10.91 -22.26 -13.53
C GLN B 667 11.98 -21.24 -13.83
N GLU B 668 12.04 -20.13 -13.10
CA GLU B 668 12.95 -19.07 -13.51
C GLU B 668 14.17 -18.95 -12.59
N VAL B 669 14.04 -19.43 -11.34
CA VAL B 669 15.17 -19.40 -10.44
C VAL B 669 16.32 -20.17 -11.07
N GLN B 670 17.51 -19.61 -10.96
CA GLN B 670 18.70 -20.13 -11.62
C GLN B 670 19.66 -20.71 -10.60
N PHE B 671 20.02 -21.96 -10.82
CA PHE B 671 20.89 -22.69 -9.88
C PHE B 671 22.36 -22.36 -10.15
N THR B 672 22.73 -21.13 -9.82
CA THR B 672 24.06 -20.61 -10.12
C THR B 672 24.78 -20.11 -8.88
N ASP B 673 24.10 -20.06 -7.74
CA ASP B 673 24.69 -19.37 -6.58
C ASP B 673 25.47 -20.33 -5.69
N GLN B 674 26.72 -20.54 -6.05
CA GLN B 674 27.55 -21.50 -5.38
C GLN B 674 27.74 -21.11 -3.93
N GLN B 675 27.91 -19.81 -3.67
CA GLN B 675 28.16 -19.35 -2.32
C GLN B 675 26.95 -19.41 -1.38
N ARG B 676 25.76 -19.14 -1.89
CA ARG B 676 24.55 -19.29 -1.08
C ARG B 676 24.30 -20.78 -0.82
N PHE B 677 24.56 -21.62 -1.82
CA PHE B 677 24.44 -23.05 -1.64
C PHE B 677 25.35 -23.59 -0.54
N LYS B 678 26.60 -23.13 -0.51
CA LYS B 678 27.58 -23.56 0.50
C LYS B 678 27.08 -23.21 1.88
N GLN B 679 26.46 -22.03 2.00
CA GLN B 679 25.87 -21.66 3.27
C GLN B 679 24.59 -22.46 3.62
N PHE B 680 23.77 -22.87 2.64
CA PHE B 680 22.62 -23.73 2.99
C PHE B 680 23.12 -25.00 3.65
N VAL B 681 24.15 -25.60 3.04
CA VAL B 681 24.72 -26.86 3.51
C VAL B 681 25.25 -26.77 4.94
N SER B 682 25.88 -25.63 5.28
CA SER B 682 26.27 -25.35 6.68
C SER B 682 25.07 -25.19 7.62
N GLN B 683 24.03 -24.47 7.18
CA GLN B 683 22.79 -24.34 7.95
C GLN B 683 22.19 -25.71 8.20
N SER B 684 22.09 -26.52 7.14
CA SER B 684 21.56 -27.86 7.21
C SER B 684 22.32 -28.78 8.19
N ARG B 685 23.66 -28.80 8.09
CA ARG B 685 24.52 -29.57 9.01
C ARG B 685 24.27 -29.19 10.47
N ALA B 686 24.27 -27.90 10.79
CA ALA B 686 23.93 -27.40 12.12
C ALA B 686 22.52 -27.78 12.58
N ARG B 687 21.53 -27.63 11.70
CA ARG B 687 20.16 -28.02 11.97
C ARG B 687 20.11 -29.53 12.31
N MSE B 688 20.80 -30.34 11.51
CA MSE B 688 20.86 -31.79 11.71
C MSE B 688 21.54 -32.19 13.02
O MSE B 688 21.14 -33.16 13.65
CB MSE B 688 21.57 -32.49 10.54
CG MSE B 688 20.73 -32.73 9.28
SE MSE B 688 18.92 -33.53 9.56
CE MSE B 688 17.93 -31.93 9.42
N GLU B 689 22.54 -31.42 13.42
CA GLU B 689 23.20 -31.66 14.70
C GLU B 689 22.28 -31.31 15.87
N ASN B 690 21.63 -30.16 15.82
CA ASN B 690 20.56 -29.83 16.78
C ASN B 690 19.52 -30.94 16.90
N ARG B 691 19.03 -31.42 15.76
CA ARG B 691 18.10 -32.55 15.67
C ARG B 691 18.64 -33.84 16.32
N LEU B 692 19.89 -34.19 16.04
CA LEU B 692 20.54 -35.32 16.72
C LEU B 692 20.57 -35.18 18.24
N ARG B 693 20.86 -33.97 18.71
CA ARG B 693 21.06 -33.73 20.14
C ARG B 693 19.76 -33.48 20.90
N GLY B 694 18.77 -32.86 20.26
CA GLY B 694 17.57 -32.41 20.96
C GLY B 694 16.29 -33.18 20.66
N SER B 695 16.34 -34.02 19.63
CA SER B 695 15.15 -34.68 19.08
C SER B 695 15.55 -36.03 18.53
N GLY B 696 16.34 -36.75 19.31
CA GLY B 696 16.90 -38.03 18.91
C GLY B 696 15.84 -39.09 18.70
N HIS B 697 14.66 -38.93 19.30
CA HIS B 697 13.53 -39.84 19.05
C HIS B 697 13.09 -39.82 17.57
N GLY B 698 13.15 -38.65 16.94
CA GLY B 698 12.82 -38.46 15.53
C GLY B 698 13.83 -39.13 14.61
N ILE B 699 15.09 -39.06 14.97
CA ILE B 699 16.18 -39.73 14.24
C ILE B 699 16.03 -41.26 14.31
N ALA B 700 15.68 -41.74 15.51
CA ALA B 700 15.42 -43.15 15.78
C ALA B 700 14.24 -43.62 14.92
N ALA B 701 13.15 -42.85 14.92
CA ALA B 701 11.97 -43.16 14.12
C ALA B 701 12.29 -43.27 12.63
N ALA B 702 12.95 -42.24 12.08
CA ALA B 702 13.35 -42.25 10.68
C ALA B 702 14.18 -43.48 10.36
N ARG B 703 15.11 -43.80 11.25
CA ARG B 703 16.05 -44.88 11.03
C ARG B 703 15.30 -46.21 10.91
N MSE B 704 14.41 -46.47 11.86
CA MSE B 704 13.57 -47.69 11.88
C MSE B 704 12.61 -47.80 10.71
O MSE B 704 12.42 -48.90 10.17
CB MSE B 704 12.79 -47.77 13.21
CG MSE B 704 13.71 -47.87 14.40
SE MSE B 704 12.81 -48.16 16.09
CE MSE B 704 11.81 -46.47 16.32
N ASP B 705 12.00 -46.69 10.32
CA ASP B 705 11.12 -46.66 9.16
C ASP B 705 11.89 -46.98 7.88
N ALA B 706 13.13 -46.53 7.82
CA ALA B 706 14.00 -46.79 6.67
C ALA B 706 14.35 -48.30 6.54
N MSE B 707 14.19 -49.03 7.63
CA MSE B 707 14.46 -50.47 7.66
C MSE B 707 13.24 -51.29 7.30
O MSE B 707 13.35 -52.49 7.12
CB MSE B 707 14.92 -50.87 9.05
CG MSE B 707 16.34 -50.46 9.33
SE MSE B 707 16.81 -50.76 11.18
CE MSE B 707 18.57 -50.18 11.10
N LEU B 708 12.08 -50.65 7.17
CA LEU B 708 10.81 -51.37 7.05
C LEU B 708 10.06 -51.14 5.76
N ASN B 709 10.24 -49.97 5.14
CA ASN B 709 9.51 -49.65 3.91
C ASN B 709 10.21 -48.57 3.11
N ILE B 710 9.81 -48.44 1.86
CA ILE B 710 10.45 -47.52 0.95
C ILE B 710 10.10 -46.04 1.22
N ALA B 711 8.89 -45.74 1.66
CA ALA B 711 8.58 -44.35 2.05
C ALA B 711 9.50 -43.94 3.21
N GLY B 712 9.74 -44.88 4.13
CA GLY B 712 10.64 -44.69 5.26
C GLY B 712 12.09 -44.49 4.85
N TRP B 713 12.55 -45.31 3.92
CA TRP B 713 13.92 -45.16 3.39
C TRP B 713 14.12 -43.78 2.72
N MSE B 714 13.21 -43.39 1.83
CA MSE B 714 13.25 -42.05 1.21
C MSE B 714 13.32 -40.88 2.20
O MSE B 714 14.16 -40.01 2.04
CB MSE B 714 12.05 -41.88 0.29
CG MSE B 714 12.09 -42.77 -0.96
SE MSE B 714 10.41 -42.57 -1.89
CE MSE B 714 10.88 -42.81 -3.74
N SER B 715 12.46 -40.86 3.21
CA SER B 715 12.48 -39.81 4.25
C SER B 715 13.82 -39.70 4.97
N GLU B 716 14.31 -40.85 5.42
CA GLU B 716 15.63 -41.00 6.04
C GLU B 716 16.75 -40.41 5.15
N GLN B 717 16.72 -40.72 3.86
CA GLN B 717 17.68 -40.13 2.89
C GLN B 717 17.68 -38.62 2.93
N MSE B 718 16.51 -38.01 3.17
CA MSE B 718 16.36 -36.57 3.11
C MSE B 718 16.33 -35.86 4.47
O MSE B 718 16.36 -34.63 4.51
CB MSE B 718 15.09 -36.21 2.36
CG MSE B 718 15.01 -36.76 0.97
SE MSE B 718 13.35 -36.06 0.13
CE MSE B 718 12.02 -37.13 1.15
N GLY B 719 16.29 -36.61 5.56
CA GLY B 719 16.23 -35.99 6.89
C GLY B 719 16.67 -36.83 8.08
N GLY B 720 17.18 -38.02 7.83
CA GLY B 720 17.63 -38.87 8.92
C GLY B 720 19.13 -38.78 9.12
N LEU B 721 19.68 -39.78 9.77
CA LEU B 721 21.12 -39.89 9.97
C LEU B 721 21.84 -40.00 8.60
N SER B 722 21.30 -40.81 7.70
CA SER B 722 21.79 -40.86 6.31
C SER B 722 21.90 -39.48 5.66
N TYR B 723 21.02 -38.55 6.06
CA TYR B 723 21.07 -37.20 5.48
C TYR B 723 22.30 -36.44 5.99
N LEU B 724 22.62 -36.60 7.27
CA LEU B 724 23.83 -35.97 7.82
C LEU B 724 25.09 -36.42 7.09
N GLU B 725 25.25 -37.73 6.83
CA GLU B 725 26.39 -38.21 6.05
C GLU B 725 26.50 -37.60 4.66
N PHE B 726 25.41 -37.62 3.91
CA PHE B 726 25.34 -36.89 2.65
C PHE B 726 25.87 -35.44 2.79
N LEU B 727 25.33 -34.68 3.73
CA LEU B 727 25.77 -33.30 3.95
C LEU B 727 27.29 -33.14 4.17
N HIS B 728 27.94 -34.16 4.73
CA HIS B 728 29.39 -34.11 4.93
C HIS B 728 30.15 -34.35 3.64
N THR B 729 29.55 -35.10 2.72
CA THR B 729 30.19 -35.36 1.42
C THR B 729 29.97 -34.18 0.48
N LEU B 730 29.02 -33.32 0.82
CA LEU B 730 28.58 -32.29 -0.08
C LEU B 730 29.45 -31.03 0.00
N GLU B 731 29.88 -30.68 1.22
CA GLU B 731 30.78 -29.55 1.45
C GLU B 731 31.95 -29.53 0.45
N LYS B 732 32.48 -30.72 0.15
CA LYS B 732 33.58 -30.93 -0.80
C LYS B 732 33.14 -30.84 -2.27
N LYS B 733 31.99 -31.40 -2.59
CA LYS B 733 31.47 -31.39 -3.97
C LYS B 733 31.08 -30.00 -4.43
N VAL B 734 30.71 -29.14 -3.47
CA VAL B 734 30.22 -27.80 -3.78
C VAL B 734 31.39 -26.90 -4.20
N ASP B 735 32.56 -27.14 -3.59
CA ASP B 735 33.81 -26.45 -3.94
C ASP B 735 34.52 -27.07 -5.14
N GLU B 736 34.51 -28.40 -5.21
CA GLU B 736 35.23 -29.13 -6.28
C GLU B 736 34.48 -29.09 -7.61
N ASP B 737 33.24 -29.55 -7.63
CA ASP B 737 32.44 -29.41 -8.85
C ASP B 737 31.03 -28.87 -8.62
N TRP B 738 30.96 -27.55 -8.50
CA TRP B 738 29.69 -26.84 -8.52
C TRP B 738 28.90 -27.13 -9.80
N GLU B 739 29.60 -27.28 -10.93
CA GLU B 739 28.97 -27.65 -12.20
C GLU B 739 28.14 -28.92 -12.01
N GLY B 740 28.71 -29.88 -11.27
CA GLY B 740 28.03 -31.13 -10.94
C GLY B 740 26.73 -30.97 -10.15
N ILE B 741 26.80 -30.24 -9.03
CA ILE B 741 25.64 -29.95 -8.15
C ILE B 741 24.57 -29.18 -8.92
N SER B 742 25.00 -28.12 -9.60
CA SER B 742 24.11 -27.26 -10.36
C SER B 742 23.28 -28.08 -11.33
N SER B 743 23.94 -28.94 -12.09
CA SER B 743 23.27 -29.78 -13.05
C SER B 743 22.37 -30.81 -12.38
N SER B 744 22.72 -31.24 -11.16
CA SER B 744 21.83 -32.17 -10.43
C SER B 744 20.53 -31.49 -10.01
N LEU B 745 20.65 -30.25 -9.57
CA LEU B 745 19.51 -29.42 -9.20
C LEU B 745 18.58 -29.18 -10.38
N GLU B 746 19.18 -28.92 -11.54
CA GLU B 746 18.43 -28.82 -12.78
C GLU B 746 17.70 -30.12 -13.15
N GLU B 747 18.35 -31.27 -12.91
CA GLU B 747 17.74 -32.60 -13.13
C GLU B 747 16.53 -32.84 -12.25
N ILE B 748 16.61 -32.41 -11.00
CA ILE B 748 15.45 -32.50 -10.10
C ILE B 748 14.29 -31.68 -10.66
N ARG B 749 14.58 -30.45 -11.10
CA ARG B 749 13.56 -29.61 -11.74
C ARG B 749 12.90 -30.27 -12.97
N ARG B 750 13.70 -30.82 -13.89
CA ARG B 750 13.19 -31.57 -15.06
C ARG B 750 12.26 -32.74 -14.71
N SER B 751 12.60 -33.45 -13.64
CA SER B 751 11.80 -34.59 -13.17
C SER B 751 10.48 -34.22 -12.49
N LEU B 752 10.39 -33.01 -11.95
CA LEU B 752 9.19 -32.64 -11.19
C LEU B 752 8.18 -31.76 -11.91
N LEU B 753 8.66 -30.85 -12.75
CA LEU B 753 7.77 -29.89 -13.38
C LEU B 753 7.02 -30.45 -14.58
N ALA B 754 5.76 -30.80 -14.36
CA ALA B 754 4.91 -31.36 -15.41
C ALA B 754 3.48 -31.29 -14.98
N ARG B 755 2.57 -31.22 -15.94
CA ARG B 755 1.13 -31.36 -15.68
C ARG B 755 0.75 -32.80 -15.36
N ASN B 756 1.48 -33.74 -15.96
CA ASN B 756 1.24 -35.17 -15.73
C ASN B 756 1.30 -35.51 -14.27
N GLY B 757 0.21 -36.06 -13.74
CA GLY B 757 0.12 -36.47 -12.34
C GLY B 757 0.04 -35.33 -11.33
N CYS B 758 0.08 -34.08 -11.81
CA CYS B 758 0.01 -32.89 -10.93
C CYS B 758 -1.37 -32.75 -10.30
N ILE B 759 -1.39 -32.31 -9.05
CA ILE B 759 -2.64 -32.07 -8.30
C ILE B 759 -2.57 -30.66 -7.75
N VAL B 760 -3.68 -29.93 -7.81
CA VAL B 760 -3.77 -28.58 -7.26
C VAL B 760 -4.90 -28.58 -6.24
N ASN B 761 -4.61 -28.07 -5.05
CA ASN B 761 -5.57 -28.01 -3.98
C ASN B 761 -5.92 -26.53 -3.79
N MSE B 762 -7.19 -26.21 -3.55
CA MSE B 762 -7.62 -24.81 -3.40
C MSE B 762 -8.60 -24.72 -2.25
O MSE B 762 -9.63 -25.40 -2.27
CB MSE B 762 -8.34 -24.32 -4.66
CG MSE B 762 -7.52 -24.23 -5.92
SE MSE B 762 -8.71 -23.80 -7.44
CE MSE B 762 -9.95 -25.29 -7.36
N THR B 763 -8.31 -23.84 -1.30
CA THR B 763 -9.21 -23.56 -0.21
C THR B 763 -9.54 -22.07 -0.19
N ALA B 764 -10.83 -21.75 -0.33
CA ALA B 764 -11.34 -20.37 -0.28
C ALA B 764 -12.86 -20.39 -0.33
N ASP B 765 -13.51 -19.25 -0.10
CA ASP B 765 -14.98 -19.18 -0.24
C ASP B 765 -15.38 -19.36 -1.70
N GLY B 766 -16.64 -19.70 -1.94
CA GLY B 766 -17.13 -19.97 -3.31
C GLY B 766 -16.71 -19.00 -4.39
N LYS B 767 -16.99 -17.71 -4.23
CA LYS B 767 -16.68 -16.74 -5.28
C LYS B 767 -15.19 -16.56 -5.55
N SER B 768 -14.36 -16.65 -4.51
CA SER B 768 -12.90 -16.54 -4.67
C SER B 768 -12.41 -17.69 -5.54
N LEU B 769 -12.86 -18.90 -5.20
CA LEU B 769 -12.47 -20.14 -5.90
C LEU B 769 -12.72 -20.07 -7.40
N THR B 770 -13.89 -19.60 -7.79
CA THR B 770 -14.21 -19.51 -9.22
C THR B 770 -13.32 -18.47 -9.90
N ASN B 771 -13.12 -17.34 -9.23
CA ASN B 771 -12.19 -16.31 -9.68
C ASN B 771 -10.72 -16.78 -9.75
N VAL B 772 -10.36 -17.73 -8.88
CA VAL B 772 -9.00 -18.27 -8.78
C VAL B 772 -8.62 -19.24 -9.90
N GLU B 773 -9.58 -20.01 -10.40
CA GLU B 773 -9.24 -21.09 -11.36
C GLU B 773 -8.64 -20.59 -12.68
N LYS B 774 -8.96 -19.35 -13.08
CA LYS B 774 -8.33 -18.74 -14.26
C LYS B 774 -6.83 -18.57 -14.10
N SER B 775 -6.38 -18.20 -12.91
CA SER B 775 -4.93 -18.11 -12.70
C SER B 775 -4.26 -19.49 -12.56
N VAL B 776 -4.99 -20.42 -11.96
CA VAL B 776 -4.60 -21.83 -11.95
C VAL B 776 -4.38 -22.32 -13.39
N ALA B 777 -5.39 -22.17 -14.25
CA ALA B 777 -5.30 -22.62 -15.64
C ALA B 777 -4.07 -22.04 -16.35
N LYS B 778 -3.83 -20.74 -16.12
CA LYS B 778 -2.69 -20.05 -16.73
C LYS B 778 -1.35 -20.55 -16.20
N PHE B 779 -1.32 -20.87 -14.91
CA PHE B 779 -0.14 -21.44 -14.28
C PHE B 779 0.20 -22.76 -14.95
N LEU B 780 -0.81 -23.61 -15.12
CA LEU B 780 -0.61 -24.98 -15.57
C LEU B 780 -0.20 -25.05 -17.04
N ASP B 781 -0.65 -24.07 -17.84
CA ASP B 781 -0.27 -23.93 -19.25
C ASP B 781 1.20 -23.60 -19.45
N LEU B 782 1.83 -23.04 -18.42
CA LEU B 782 3.25 -22.67 -18.48
C LEU B 782 4.18 -23.85 -18.18
N LEU B 783 3.60 -24.94 -17.70
CA LEU B 783 4.36 -26.13 -17.36
C LEU B 783 4.47 -27.06 -18.56
N PRO B 784 5.55 -27.88 -18.61
CA PRO B 784 5.60 -28.95 -19.60
C PRO B 784 4.51 -29.98 -19.32
N GLU B 785 4.08 -30.73 -20.33
CA GLU B 785 3.07 -31.75 -20.17
C GLU B 785 3.59 -32.96 -19.38
N ASN B 786 4.83 -33.36 -19.66
CA ASN B 786 5.45 -34.52 -19.04
C ASN B 786 6.84 -34.21 -18.47
N PRO B 787 7.24 -34.93 -17.41
CA PRO B 787 8.59 -34.75 -16.90
C PRO B 787 9.61 -35.43 -17.80
N SER B 788 10.84 -34.94 -17.80
CA SER B 788 11.93 -35.61 -18.50
C SER B 788 12.65 -36.47 -17.49
N GLY B 789 11.95 -37.48 -16.97
CA GLY B 789 12.46 -38.34 -15.91
C GLY B 789 12.82 -39.73 -16.40
N GLY B 790 13.54 -40.48 -15.56
CA GLY B 790 13.92 -41.86 -15.86
C GLY B 790 12.84 -42.83 -15.41
N LEU B 791 13.25 -43.83 -14.65
CA LEU B 791 12.35 -44.84 -14.11
C LEU B 791 12.75 -45.15 -12.66
N VAL B 792 12.10 -46.16 -12.08
CA VAL B 792 12.51 -46.70 -10.77
C VAL B 792 12.27 -48.21 -10.79
N THR B 793 13.37 -48.97 -10.86
CA THR B 793 13.29 -50.42 -10.75
C THR B 793 13.55 -50.85 -9.30
N TRP B 794 14.70 -50.43 -8.76
CA TRP B 794 15.09 -50.77 -7.39
C TRP B 794 14.45 -49.85 -6.34
N ASP B 795 14.02 -50.42 -5.24
CA ASP B 795 13.65 -49.67 -4.05
C ASP B 795 14.87 -49.54 -3.18
N GLY B 796 14.90 -48.48 -2.38
CA GLY B 796 15.86 -48.41 -1.31
C GLY B 796 15.32 -49.12 -0.08
N ARG B 797 16.23 -49.68 0.72
CA ARG B 797 15.90 -50.16 2.06
C ARG B 797 17.17 -50.26 2.87
N LEU B 798 17.06 -50.00 4.17
CA LEU B 798 18.13 -50.21 5.14
C LEU B 798 18.06 -51.64 5.72
N PRO B 799 19.22 -52.31 5.88
CA PRO B 799 19.21 -53.62 6.56
C PRO B 799 18.61 -53.55 7.96
N LEU B 800 17.60 -54.38 8.22
CA LEU B 800 17.00 -54.51 9.56
C LEU B 800 18.03 -55.02 10.54
N ARG B 801 18.43 -54.18 11.50
CA ARG B 801 19.37 -54.56 12.55
C ARG B 801 19.37 -53.56 13.71
N ASN B 802 19.52 -54.03 14.94
CA ASN B 802 19.57 -53.10 16.09
C ASN B 802 20.76 -52.14 15.99
N GLU B 803 20.51 -50.85 16.19
CA GLU B 803 21.54 -49.81 16.10
C GLU B 803 21.49 -48.86 17.27
N ALA B 804 22.66 -48.43 17.72
CA ALA B 804 22.78 -47.35 18.70
C ALA B 804 23.64 -46.22 18.15
N ILE B 805 23.11 -45.00 18.19
CA ILE B 805 23.75 -43.85 17.60
C ILE B 805 24.32 -42.96 18.70
N VAL B 806 25.64 -42.81 18.66
CA VAL B 806 26.39 -42.12 19.72
C VAL B 806 26.35 -40.62 19.50
N ILE B 807 25.86 -39.90 20.52
CA ILE B 807 25.91 -38.44 20.57
C ILE B 807 26.39 -38.03 21.96
N PRO B 808 26.85 -36.77 22.12
CA PRO B 808 27.11 -36.26 23.46
C PRO B 808 25.82 -35.94 24.21
N THR B 809 25.49 -36.72 25.23
CA THR B 809 24.22 -36.48 25.93
C THR B 809 24.11 -36.94 27.37
N GLN B 810 23.27 -36.22 28.11
CA GLN B 810 22.91 -36.52 29.48
C GLN B 810 21.76 -37.53 29.56
N VAL B 811 20.95 -37.62 28.50
CA VAL B 811 19.77 -38.51 28.43
C VAL B 811 19.58 -39.11 27.03
N ASN B 812 18.90 -40.27 26.97
CA ASN B 812 18.71 -41.06 25.75
C ASN B 812 17.34 -40.96 25.10
N TYR B 813 17.25 -41.55 23.90
CA TYR B 813 16.03 -41.59 23.08
C TYR B 813 15.98 -42.98 22.50
N VAL B 814 15.01 -43.77 22.93
CA VAL B 814 15.03 -45.23 22.67
C VAL B 814 13.82 -45.61 21.89
N GLY B 815 14.03 -46.31 20.78
CA GLY B 815 12.92 -46.70 19.95
C GLY B 815 12.85 -48.18 19.66
N LYS B 816 11.65 -48.63 19.32
CA LYS B 816 11.44 -49.97 18.77
C LYS B 816 10.18 -50.04 17.89
N ALA B 817 10.29 -50.74 16.76
CA ALA B 817 9.26 -50.69 15.73
C ALA B 817 9.14 -52.01 15.02
N GLY B 818 7.99 -52.24 14.38
CA GLY B 818 7.83 -53.38 13.51
C GLY B 818 6.52 -53.27 12.77
N ASN B 819 6.42 -53.96 11.63
CA ASN B 819 5.18 -54.00 10.83
C ASN B 819 4.12 -54.96 11.41
N ILE B 820 3.01 -54.42 11.89
CA ILE B 820 2.05 -55.31 12.56
C ILE B 820 1.04 -55.98 11.63
N TYR B 821 1.05 -55.57 10.36
CA TYR B 821 0.21 -56.22 9.33
C TYR B 821 0.83 -57.52 8.81
N SER B 822 2.12 -57.70 9.07
CA SER B 822 2.89 -58.77 8.45
C SER B 822 2.42 -60.17 8.83
N THR B 823 1.91 -60.35 10.05
CA THR B 823 1.38 -61.64 10.46
C THR B 823 -0.15 -61.78 10.42
N GLY B 824 -0.84 -60.86 9.74
CA GLY B 824 -2.27 -61.05 9.52
C GLY B 824 -3.26 -60.04 10.08
N TYR B 825 -2.83 -59.23 11.05
CA TYR B 825 -3.74 -58.22 11.60
C TYR B 825 -4.32 -57.36 10.49
N GLU B 826 -5.65 -57.17 10.53
CA GLU B 826 -6.33 -56.30 9.58
C GLU B 826 -6.73 -54.99 10.27
N LEU B 827 -6.42 -53.87 9.62
CA LEU B 827 -6.72 -52.56 10.20
C LEU B 827 -8.20 -52.36 10.57
N ASP B 828 -8.40 -52.02 11.83
CA ASP B 828 -9.70 -51.73 12.38
C ASP B 828 -9.50 -50.43 13.15
N GLY B 829 -10.46 -49.50 13.05
CA GLY B 829 -10.39 -48.21 13.77
C GLY B 829 -10.05 -48.36 15.25
N SER B 830 -10.43 -49.49 15.83
CA SER B 830 -10.03 -49.81 17.21
C SER B 830 -8.51 -49.74 17.52
N ALA B 831 -7.66 -49.89 16.51
CA ALA B 831 -6.20 -49.76 16.69
C ALA B 831 -5.81 -48.36 17.19
N TYR B 832 -6.50 -47.34 16.70
CA TYR B 832 -6.23 -45.95 17.12
C TYR B 832 -6.59 -45.74 18.59
N VAL B 833 -7.68 -46.36 19.02
CA VAL B 833 -8.16 -46.27 20.40
C VAL B 833 -7.15 -46.92 21.33
N ILE B 834 -6.71 -48.11 20.95
CA ILE B 834 -5.78 -48.89 21.77
C ILE B 834 -4.35 -48.27 21.80
N SER B 835 -3.89 -47.76 20.66
CA SER B 835 -2.54 -47.16 20.60
C SER B 835 -2.47 -45.97 21.55
N LYS B 836 -3.52 -45.17 21.55
CA LYS B 836 -3.60 -44.00 22.41
C LYS B 836 -3.67 -44.40 23.88
N HIS B 837 -4.48 -45.43 24.18
CA HIS B 837 -4.52 -46.00 25.52
C HIS B 837 -3.15 -46.46 25.99
N ILE B 838 -2.45 -47.23 25.16
CA ILE B 838 -1.08 -47.69 25.48
C ILE B 838 -0.15 -46.54 25.92
N SER B 839 -0.17 -45.45 25.15
CA SER B 839 0.71 -44.30 25.44
C SER B 839 0.33 -43.64 26.76
N ASN B 840 -0.97 -43.49 26.97
CA ASN B 840 -1.48 -42.75 28.13
C ASN B 840 -1.50 -43.55 29.40
N THR B 841 -1.25 -44.85 29.31
CA THR B 841 -1.28 -45.73 30.51
C THR B 841 0.06 -46.41 30.72
N TRP B 842 0.25 -47.55 30.04
CA TRP B 842 1.48 -48.35 30.14
C TRP B 842 2.76 -47.53 29.93
N LEU B 843 2.84 -46.78 28.83
CA LEU B 843 4.09 -46.06 28.55
C LEU B 843 4.27 -44.84 29.47
N TRP B 844 3.20 -44.07 29.69
CA TRP B 844 3.25 -42.97 30.65
C TRP B 844 3.78 -43.42 32.01
N ASP B 845 3.14 -44.46 32.56
CA ASP B 845 3.44 -44.93 33.89
C ASP B 845 4.84 -45.53 34.00
N ARG B 846 5.22 -46.37 33.06
CA ARG B 846 6.50 -47.07 33.17
C ARG B 846 7.68 -46.27 32.61
N VAL B 847 7.50 -45.64 31.46
CA VAL B 847 8.65 -44.99 30.81
C VAL B 847 8.89 -43.59 31.42
N ARG B 848 7.84 -42.79 31.52
CA ARG B 848 7.94 -41.44 32.08
C ARG B 848 8.00 -41.43 33.61
N VAL B 849 6.91 -41.85 34.27
CA VAL B 849 6.76 -41.68 35.71
C VAL B 849 7.78 -42.55 36.46
N SER B 850 7.73 -43.85 36.24
CA SER B 850 8.58 -44.77 36.98
C SER B 850 10.01 -44.78 36.47
N GLY B 851 10.17 -44.72 35.16
CA GLY B 851 11.48 -44.86 34.51
C GLY B 851 12.28 -43.58 34.53
N GLY B 852 11.60 -42.46 34.73
CA GLY B 852 12.26 -41.16 34.84
C GLY B 852 12.39 -40.33 33.57
N ALA B 853 12.07 -40.92 32.41
CA ALA B 853 12.09 -40.21 31.13
C ALA B 853 11.13 -39.02 31.09
N TYR B 854 11.44 -38.03 30.27
CA TYR B 854 10.51 -36.92 30.05
C TYR B 854 9.26 -37.41 29.34
N GLY B 855 9.42 -38.38 28.44
CA GLY B 855 8.31 -38.85 27.63
C GLY B 855 8.47 -40.26 27.10
N GLY B 856 7.34 -40.96 27.01
CA GLY B 856 7.30 -42.30 26.44
C GLY B 856 5.99 -42.41 25.69
N PHE B 857 6.06 -42.82 24.42
CA PHE B 857 4.83 -42.94 23.65
C PHE B 857 4.95 -43.96 22.53
N CYS B 858 3.79 -44.32 21.96
CA CYS B 858 3.78 -45.20 20.81
C CYS B 858 3.19 -44.47 19.60
N ASP B 859 3.54 -44.94 18.41
CA ASP B 859 3.13 -44.30 17.18
C ASP B 859 2.66 -45.40 16.25
N PHE B 860 1.46 -45.26 15.70
CA PHE B 860 0.99 -46.23 14.71
C PHE B 860 0.75 -45.56 13.36
N ASP B 861 1.51 -45.96 12.35
CA ASP B 861 1.29 -45.53 10.97
C ASP B 861 0.42 -46.58 10.28
N SER B 862 -0.90 -46.33 10.23
CA SER B 862 -1.85 -47.30 9.67
C SER B 862 -1.68 -47.47 8.16
N HIS B 863 -0.95 -46.54 7.55
CA HIS B 863 -0.65 -46.65 6.12
C HIS B 863 0.39 -47.69 5.77
N SER B 864 1.43 -47.81 6.60
CA SER B 864 2.52 -48.75 6.34
C SER B 864 2.42 -49.97 7.22
N GLY B 865 1.67 -49.86 8.31
CA GLY B 865 1.55 -50.97 9.27
C GLY B 865 2.56 -50.93 10.40
N VAL B 866 3.45 -49.94 10.37
CA VAL B 866 4.55 -49.88 11.34
C VAL B 866 4.03 -49.31 12.65
N PHE B 867 4.17 -50.11 13.71
CA PHE B 867 3.87 -49.70 15.08
C PHE B 867 5.20 -49.45 15.74
N SER B 868 5.37 -48.26 16.34
CA SER B 868 6.64 -47.87 16.97
C SER B 868 6.44 -47.40 18.40
N TYR B 869 7.45 -47.64 19.22
CA TYR B 869 7.55 -47.13 20.55
C TYR B 869 8.75 -46.21 20.54
N LEU B 870 8.62 -45.06 21.20
CA LEU B 870 9.69 -44.07 21.29
C LEU B 870 9.76 -43.45 22.70
N SER B 871 10.97 -43.24 23.21
CA SER B 871 11.15 -42.44 24.43
C SER B 871 11.97 -41.15 24.21
N TYR B 872 11.78 -40.18 25.09
CA TYR B 872 12.34 -38.84 24.93
C TYR B 872 12.97 -38.38 26.25
N ARG B 873 14.26 -38.03 26.19
CA ARG B 873 15.02 -37.62 27.37
C ARG B 873 14.92 -38.73 28.44
N ASP B 874 15.43 -39.91 28.09
CA ASP B 874 15.25 -41.15 28.84
C ASP B 874 16.58 -41.49 29.52
N PRO B 875 16.60 -41.61 30.87
CA PRO B 875 17.86 -41.96 31.55
C PRO B 875 18.25 -43.44 31.38
N ASN B 876 17.32 -44.26 30.87
CA ASN B 876 17.54 -45.69 30.66
C ASN B 876 17.74 -46.05 29.20
N LEU B 877 17.96 -47.35 28.95
CA LEU B 877 18.16 -47.83 27.60
C LEU B 877 17.49 -49.21 27.44
N LEU B 878 18.15 -50.26 27.90
CA LEU B 878 17.63 -51.62 27.75
C LEU B 878 16.36 -51.89 28.55
N LYS B 879 16.28 -51.24 29.71
CA LYS B 879 15.09 -51.31 30.55
C LYS B 879 13.88 -50.76 29.79
N THR B 880 14.12 -49.74 28.97
CA THR B 880 13.06 -49.15 28.18
C THR B 880 12.52 -50.15 27.16
N LEU B 881 13.42 -50.89 26.52
CA LEU B 881 13.05 -51.89 25.53
C LEU B 881 12.30 -53.08 26.11
N ASP B 882 12.62 -53.42 27.35
CA ASP B 882 11.88 -54.45 28.08
C ASP B 882 10.43 -54.01 28.33
N ILE B 883 10.25 -52.74 28.72
CA ILE B 883 8.91 -52.15 28.91
C ILE B 883 8.09 -52.24 27.62
N TYR B 884 8.69 -51.90 26.49
CA TYR B 884 8.01 -51.98 25.20
C TYR B 884 7.52 -53.39 24.90
N ASP B 885 8.37 -54.35 25.25
CA ASP B 885 8.14 -55.77 25.04
C ASP B 885 7.00 -56.32 25.89
N GLY B 886 6.79 -55.73 27.05
CA GLY B 886 5.73 -56.17 27.97
C GLY B 886 4.37 -55.56 27.68
N THR B 887 4.27 -54.83 26.56
CA THR B 887 3.02 -54.13 26.21
C THR B 887 1.86 -55.08 25.94
N GLY B 888 2.10 -56.12 25.15
CA GLY B 888 1.08 -57.12 24.88
C GLY B 888 0.53 -57.74 26.15
N ASP B 889 1.41 -58.19 27.04
CA ASP B 889 0.95 -58.73 28.33
C ASP B 889 0.13 -57.73 29.12
N PHE B 890 0.56 -56.47 29.09
CA PHE B 890 -0.20 -55.40 29.73
C PHE B 890 -1.64 -55.40 29.24
N LEU B 891 -1.82 -55.46 27.93
CA LEU B 891 -3.15 -55.40 27.30
C LEU B 891 -4.00 -56.65 27.55
N ARG B 892 -3.36 -57.80 27.59
CA ARG B 892 -4.03 -59.06 27.93
C ARG B 892 -4.42 -59.13 29.40
N GLY B 893 -3.67 -58.44 30.25
CA GLY B 893 -3.99 -58.35 31.68
C GLY B 893 -5.14 -57.40 32.00
N LEU B 894 -5.54 -56.58 31.03
CA LEU B 894 -6.57 -55.56 31.24
C LEU B 894 -8.00 -56.10 31.31
N ASP B 895 -8.71 -55.67 32.35
CA ASP B 895 -10.15 -55.82 32.44
C ASP B 895 -10.73 -54.46 32.06
N VAL B 896 -11.04 -54.31 30.77
CA VAL B 896 -11.55 -53.05 30.25
C VAL B 896 -13.05 -52.93 30.49
N ASP B 897 -13.40 -52.23 31.55
CA ASP B 897 -14.78 -51.90 31.87
C ASP B 897 -15.32 -50.84 30.90
N GLN B 898 -16.64 -50.66 30.91
CA GLN B 898 -17.32 -49.71 30.03
C GLN B 898 -16.87 -48.24 30.21
N GLU B 899 -16.56 -47.86 31.45
CA GLU B 899 -16.11 -46.51 31.76
C GLU B 899 -14.77 -46.24 31.07
N THR B 900 -13.80 -47.13 31.26
CA THR B 900 -12.47 -47.03 30.68
C THR B 900 -12.54 -47.03 29.15
N LEU B 901 -13.34 -47.94 28.61
CA LEU B 901 -13.53 -48.11 27.19
C LEU B 901 -14.17 -46.89 26.52
N THR B 902 -15.22 -46.35 27.14
CA THR B 902 -15.88 -45.13 26.68
C THR B 902 -14.93 -43.91 26.70
N LYS B 903 -14.23 -43.71 27.81
CA LYS B 903 -13.20 -42.68 27.88
C LYS B 903 -12.15 -42.81 26.77
N ALA B 904 -11.64 -44.02 26.55
CA ALA B 904 -10.59 -44.23 25.56
C ALA B 904 -11.10 -43.96 24.15
N ILE B 905 -12.37 -44.29 23.90
CA ILE B 905 -13.01 -43.98 22.63
C ILE B 905 -13.13 -42.46 22.43
N ILE B 906 -13.59 -41.77 23.47
CA ILE B 906 -13.75 -40.32 23.44
C ILE B 906 -12.44 -39.59 23.16
N GLY B 907 -11.37 -39.96 23.87
CA GLY B 907 -10.03 -39.41 23.63
C GLY B 907 -9.55 -39.56 22.20
N THR B 908 -9.84 -40.73 21.61
CA THR B 908 -9.51 -40.96 20.22
C THR B 908 -10.33 -40.10 19.26
N ILE B 909 -11.63 -40.00 19.51
CA ILE B 909 -12.51 -39.08 18.76
C ILE B 909 -12.00 -37.63 18.88
N GLY B 910 -11.59 -37.24 20.08
CA GLY B 910 -10.94 -35.95 20.33
C GLY B 910 -9.82 -35.65 19.35
N ASP B 911 -8.91 -36.62 19.17
CA ASP B 911 -7.84 -36.56 18.18
C ASP B 911 -8.34 -36.47 16.75
N VAL B 912 -9.22 -37.41 16.35
CA VAL B 912 -9.79 -37.44 14.99
C VAL B 912 -10.65 -36.20 14.66
N ASP B 913 -11.37 -35.70 15.66
CA ASP B 913 -12.28 -34.57 15.49
C ASP B 913 -11.62 -33.23 15.84
N SER B 914 -10.30 -33.22 16.04
CA SER B 914 -9.63 -31.98 16.47
C SER B 914 -9.97 -30.79 15.56
N TYR B 915 -10.18 -29.64 16.21
CA TYR B 915 -10.51 -28.39 15.55
C TYR B 915 -9.41 -27.99 14.55
N GLN B 916 -9.81 -27.51 13.38
CA GLN B 916 -8.87 -27.07 12.36
C GLN B 916 -9.36 -25.78 11.72
N LEU B 917 -8.47 -24.84 11.48
CA LEU B 917 -8.75 -23.66 10.65
C LEU B 917 -8.93 -24.12 9.21
N PRO B 918 -9.59 -23.31 8.39
CA PRO B 918 -9.92 -23.70 7.01
C PRO B 918 -8.75 -24.23 6.18
N ASP B 919 -7.56 -23.64 6.28
CA ASP B 919 -6.42 -24.12 5.49
C ASP B 919 -5.99 -25.55 5.82
N ALA B 920 -6.02 -25.88 7.12
CA ALA B 920 -5.62 -27.21 7.57
C ALA B 920 -6.68 -28.25 7.23
N LYS B 921 -7.94 -27.84 7.26
CA LYS B 921 -9.02 -28.68 6.77
C LYS B 921 -8.83 -29.04 5.31
N GLY B 922 -8.57 -28.04 4.47
CA GLY B 922 -8.29 -28.28 3.06
C GLY B 922 -7.03 -29.13 2.88
N TYR B 923 -6.03 -28.94 3.73
CA TYR B 923 -4.76 -29.67 3.61
C TYR B 923 -4.98 -31.13 3.98
N SER B 924 -5.69 -31.35 5.10
CA SER B 924 -6.05 -32.70 5.55
C SER B 924 -6.80 -33.45 4.49
N SER B 925 -7.71 -32.76 3.81
CA SER B 925 -8.52 -33.37 2.77
C SER B 925 -7.69 -33.70 1.53
N LEU B 926 -6.70 -32.87 1.21
CA LEU B 926 -5.72 -33.22 0.18
C LEU B 926 -4.95 -34.51 0.55
N LEU B 927 -4.36 -34.52 1.75
CA LEU B 927 -3.64 -35.70 2.23
C LEU B 927 -4.47 -36.99 2.23
N ARG B 928 -5.72 -36.96 2.66
CA ARG B 928 -6.58 -38.14 2.52
C ARG B 928 -6.74 -38.57 1.08
N HIS B 929 -6.85 -37.59 0.18
CA HIS B 929 -6.94 -37.87 -1.24
C HIS B 929 -5.68 -38.57 -1.73
N LEU B 930 -4.51 -38.02 -1.39
CA LEU B 930 -3.24 -38.59 -1.83
C LEU B 930 -2.98 -40.01 -1.31
N LEU B 931 -3.57 -40.36 -0.18
CA LEU B 931 -3.35 -41.66 0.43
C LEU B 931 -4.54 -42.62 0.19
N GLY B 932 -5.46 -42.21 -0.69
CA GLY B 932 -6.62 -43.02 -1.05
C GLY B 932 -7.61 -43.30 0.07
N VAL B 933 -7.69 -42.42 1.06
CA VAL B 933 -8.66 -42.52 2.13
C VAL B 933 -9.98 -41.86 1.67
N THR B 934 -11.00 -42.69 1.44
CA THR B 934 -12.32 -42.22 0.99
C THR B 934 -13.19 -41.78 2.16
N ASP B 935 -14.29 -41.09 1.84
CA ASP B 935 -15.19 -40.60 2.87
C ASP B 935 -15.96 -41.73 3.53
N GLU B 936 -16.18 -42.79 2.78
CA GLU B 936 -16.76 -44.02 3.30
C GLU B 936 -15.75 -44.78 4.18
N GLU B 937 -14.46 -44.68 3.83
CA GLU B 937 -13.42 -45.24 4.67
C GLU B 937 -13.32 -44.49 6.01
N ARG B 938 -13.32 -43.15 5.96
CA ARG B 938 -13.37 -42.30 7.16
C ARG B 938 -14.51 -42.75 8.05
N GLN B 939 -15.70 -42.89 7.45
CA GLN B 939 -16.91 -43.26 8.16
C GLN B 939 -16.85 -44.68 8.72
N ARG B 940 -16.31 -45.61 7.92
CA ARG B 940 -16.14 -46.97 8.42
C ARG B 940 -15.18 -47.00 9.61
N LYS B 941 -14.05 -46.29 9.51
CA LYS B 941 -13.10 -46.25 10.62
C LYS B 941 -13.69 -45.60 11.87
N ARG B 942 -14.44 -44.52 11.67
CA ARG B 942 -15.10 -43.81 12.78
C ARG B 942 -16.05 -44.72 13.53
N GLU B 943 -16.87 -45.45 12.80
CA GLU B 943 -17.77 -46.46 13.35
C GLU B 943 -17.01 -47.58 14.06
N GLU B 944 -15.91 -48.04 13.47
CA GLU B 944 -15.06 -49.03 14.16
C GLU B 944 -14.47 -48.49 15.49
N ILE B 945 -14.06 -47.22 15.49
CA ILE B 945 -13.63 -46.55 16.73
C ILE B 945 -14.77 -46.60 17.74
N LEU B 946 -15.97 -46.18 17.32
CA LEU B 946 -17.10 -46.03 18.25
C LEU B 946 -17.57 -47.34 18.87
N THR B 947 -17.28 -48.45 18.19
CA THR B 947 -17.67 -49.76 18.66
C THR B 947 -16.49 -50.62 19.14
N THR B 948 -15.38 -50.02 19.58
CA THR B 948 -14.26 -50.88 19.99
C THR B 948 -14.63 -51.60 21.27
N SER B 949 -14.11 -52.81 21.40
CA SER B 949 -14.54 -53.71 22.48
C SER B 949 -13.34 -54.34 23.19
N LEU B 950 -13.65 -55.13 24.23
CA LEU B 950 -12.66 -55.92 24.95
C LEU B 950 -11.87 -56.82 24.04
N LYS B 951 -12.53 -57.42 23.06
CA LYS B 951 -11.89 -58.37 22.15
C LYS B 951 -10.84 -57.69 21.27
N ASP B 952 -11.14 -56.47 20.82
CA ASP B 952 -10.19 -55.68 20.07
C ASP B 952 -8.88 -55.47 20.83
N PHE B 953 -8.97 -55.23 22.14
CA PHE B 953 -7.78 -55.05 22.95
C PHE B 953 -6.89 -56.29 22.90
N LYS B 954 -7.50 -57.47 22.96
CA LYS B 954 -6.78 -58.75 22.94
C LYS B 954 -6.27 -59.06 21.54
N ASP B 955 -7.06 -58.71 20.53
CA ASP B 955 -6.62 -58.85 19.16
C ASP B 955 -5.44 -57.93 18.82
N PHE B 956 -5.45 -56.71 19.38
CA PHE B 956 -4.37 -55.78 19.10
C PHE B 956 -3.10 -56.17 19.85
N ALA B 957 -3.28 -56.76 21.03
CA ALA B 957 -2.17 -57.34 21.79
C ALA B 957 -1.37 -58.39 21.01
N GLN B 958 -2.03 -59.28 20.26
CA GLN B 958 -1.28 -60.26 19.46
C GLN B 958 -0.56 -59.57 18.31
N ALA B 959 -1.17 -58.51 17.79
CA ALA B 959 -0.60 -57.78 16.66
C ALA B 959 0.70 -57.08 17.04
N ILE B 960 0.72 -56.48 18.23
CA ILE B 960 1.89 -55.71 18.65
C ILE B 960 3.00 -56.58 19.23
N ASP B 961 2.67 -57.83 19.54
CA ASP B 961 3.68 -58.82 19.91
C ASP B 961 4.63 -59.13 18.76
N VAL B 962 4.24 -58.79 17.53
CA VAL B 962 5.14 -58.82 16.37
C VAL B 962 6.34 -57.92 16.63
N VAL B 963 6.09 -56.76 17.21
CA VAL B 963 7.18 -55.86 17.56
C VAL B 963 8.06 -56.51 18.62
N ARG B 964 7.45 -57.10 19.66
CA ARG B 964 8.21 -57.86 20.65
C ARG B 964 9.11 -58.90 19.97
N ASP B 965 8.50 -59.78 19.18
CA ASP B 965 9.21 -60.95 18.62
C ASP B 965 10.16 -60.60 17.47
N LYS B 966 9.76 -59.69 16.60
CA LYS B 966 10.51 -59.43 15.37
C LYS B 966 10.94 -57.98 15.18
N GLY B 967 10.70 -57.13 16.18
CA GLY B 967 10.94 -55.70 16.06
C GLY B 967 12.41 -55.32 16.12
N VAL B 968 12.74 -54.19 15.52
CA VAL B 968 14.09 -53.64 15.56
C VAL B 968 14.19 -52.47 16.54
N ALA B 969 15.27 -52.44 17.32
CA ALA B 969 15.55 -51.38 18.28
C ALA B 969 16.61 -50.39 17.79
N VAL B 970 16.26 -49.09 17.81
CA VAL B 970 17.21 -48.05 17.47
C VAL B 970 17.21 -47.01 18.58
N ALA B 971 18.37 -46.82 19.19
CA ALA B 971 18.53 -45.83 20.24
C ALA B 971 19.56 -44.79 19.84
N VAL B 972 19.35 -43.56 20.32
CA VAL B 972 20.30 -42.46 20.17
C VAL B 972 20.69 -42.12 21.60
N ALA B 973 21.97 -42.32 21.94
CA ALA B 973 22.39 -42.36 23.34
C ALA B 973 23.89 -42.05 23.56
N SER B 974 24.26 -41.84 24.84
CA SER B 974 25.67 -41.75 25.31
C SER B 974 26.52 -42.92 24.91
N ALA B 975 27.80 -42.67 24.63
CA ALA B 975 28.82 -43.73 24.54
C ALA B 975 28.81 -44.62 25.79
N GLU B 976 28.88 -43.97 26.96
CA GLU B 976 28.76 -44.62 28.28
C GLU B 976 27.61 -45.62 28.35
N ASP B 977 26.38 -45.12 28.18
CA ASP B 977 25.16 -45.95 28.21
C ASP B 977 25.14 -47.04 27.15
N ILE B 978 25.66 -46.76 25.96
CA ILE B 978 25.67 -47.76 24.87
C ILE B 978 26.62 -48.92 25.16
N ASP B 979 27.86 -48.60 25.54
CA ASP B 979 28.84 -49.63 25.93
C ASP B 979 28.34 -50.51 27.08
N ALA B 980 27.82 -49.88 28.13
CA ALA B 980 27.21 -50.60 29.25
C ALA B 980 26.11 -51.56 28.79
N ALA B 981 25.36 -51.15 27.75
CA ALA B 981 24.29 -51.96 27.20
C ALA B 981 24.80 -53.14 26.37
N ASN B 982 25.88 -52.92 25.61
CA ASN B 982 26.53 -53.99 24.87
C ASN B 982 27.29 -54.99 25.77
N ASN B 983 27.82 -54.49 26.89
CA ASN B 983 28.37 -55.37 27.94
C ASN B 983 27.29 -56.28 28.55
N GLU B 984 26.12 -55.68 28.81
CA GLU B 984 25.01 -56.40 29.47
C GLU B 984 24.36 -57.42 28.56
N ARG B 985 24.33 -57.12 27.26
CA ARG B 985 23.71 -58.00 26.27
C ARG B 985 24.63 -58.10 25.06
N SER B 986 25.19 -59.29 24.86
CA SER B 986 26.26 -59.54 23.89
C SER B 986 26.05 -58.88 22.52
N ASN B 987 26.80 -57.80 22.27
CA ASN B 987 26.74 -57.06 21.01
C ASN B 987 25.33 -56.78 20.48
N PHE B 988 24.46 -56.29 21.35
CA PHE B 988 23.06 -56.08 21.00
C PHE B 988 22.93 -55.04 19.91
N PHE B 989 23.60 -53.92 20.09
CA PHE B 989 23.55 -52.81 19.16
C PHE B 989 24.76 -52.80 18.25
N GLU B 990 24.53 -52.62 16.95
CA GLU B 990 25.60 -52.20 16.05
C GLU B 990 25.83 -50.71 16.33
N VAL B 991 27.07 -50.33 16.63
CA VAL B 991 27.37 -48.97 17.08
C VAL B 991 27.66 -48.03 15.90
N LYS B 992 27.04 -46.85 15.95
CA LYS B 992 27.11 -45.82 14.90
C LYS B 992 27.46 -44.47 15.47
N LYS B 993 28.42 -43.78 14.85
CA LYS B 993 28.77 -42.42 15.27
C LYS B 993 28.36 -41.40 14.20
N ALA C 1 -19.42 21.52 -20.52
CA ALA C 1 -18.96 22.82 -21.10
C ALA C 1 -18.69 23.88 -20.02
N ALA C 2 -17.90 24.88 -20.40
CA ALA C 2 -17.65 26.04 -19.56
C ALA C 2 -17.23 27.22 -20.44
N LEU C 3 -18.10 28.22 -20.54
CA LEU C 3 -17.80 29.44 -21.27
C LEU C 3 -17.59 30.58 -20.28
N THR C 4 -16.41 31.20 -20.36
CA THR C 4 -15.97 32.18 -19.38
C THR C 4 -16.08 33.62 -19.91
N ARG C 5 -15.86 34.58 -19.01
CA ARG C 5 -16.00 36.00 -19.32
C ARG C 5 -14.66 36.61 -19.74
N ALA C 6 -13.63 36.35 -18.94
CA ALA C 6 -12.27 36.83 -19.19
C ALA C 6 -11.42 35.80 -19.95
N ALA D 1 12.22 -18.43 27.53
CA ALA D 1 12.14 -19.90 27.84
C ALA D 1 10.79 -20.27 28.48
N ALA D 2 10.06 -21.17 27.80
CA ALA D 2 8.83 -21.76 28.32
C ALA D 2 8.97 -23.28 28.42
N LEU D 3 8.90 -23.80 29.65
CA LEU D 3 9.03 -25.24 29.90
C LEU D 3 7.66 -25.87 30.15
N THR D 4 7.32 -26.82 29.28
CA THR D 4 5.98 -27.42 29.24
C THR D 4 5.81 -28.64 30.16
N ARG D 5 4.56 -29.03 30.38
CA ARG D 5 4.23 -30.20 31.18
C ARG D 5 4.34 -31.50 30.37
N ALA D 6 3.80 -31.49 29.16
CA ALA D 6 3.78 -32.66 28.29
C ALA D 6 4.64 -32.44 27.05
ZN ZN E . -18.53 34.27 -23.08
CL CL F . -34.07 19.74 -18.65
MG MG G . 7.52 36.76 -25.45
MG MG H . 9.33 56.36 -9.95
ZN ZN I . 8.23 -29.61 32.75
CL CL J . 12.11 -9.62 40.46
MG MG K . 6.99 -43.43 10.99
MG MG L . -15.20 -53.86 16.16
#